data_4Q3S
#
_entry.id   4Q3S
#
_cell.length_a   178.212
_cell.length_b   178.212
_cell.length_c   178.212
_cell.angle_alpha   90.00
_cell.angle_beta   90.00
_cell.angle_gamma   90.00
#
_symmetry.space_group_name_H-M   'P 21 3'
#
loop_
_entity.id
_entity.type
_entity.pdbx_description
1 polymer Arginase
2 non-polymer 'MANGANESE (II) ION'
3 non-polymer [(5R)-5-amino-5-carboxy-7-(piperidin-1-yl)heptyl](trihydroxy)borate(1-)
4 non-polymer GLYCEROL
5 water water
#
_entity_poly.entity_id   1
_entity_poly.type   'polypeptide(L)'
_entity_poly.pdbx_seq_one_letter_code
;MGSSHHHHHHSSGLVPRGSHMMLKSVATPYYPIQDEKPKLLYTSANFLGIPTNRGQPKIGTYQGPELIRKSNFFQLVAED
GIQLTDCGDIIPVELNEAEDPQRFGMKWSRSFSLTTLRIAERVEELMKQSNKHTVELSGSKSTPLVIVGGDHSMATGTIL
GHAEAKPDLCVLWIDAHGDINTPLNSASGNMHGMPLSFLVKELQDQIPWLDDFEGIKPCLNASNIAYIGLRDLDAHETHD
IRKHGIAYFTMLDVDRMGIEAVIKEALLAVNPRLEKAIHLSFDIDALDPLVAPSTGTAVPGGLTLREGLRICEEVSATGK
LSVVELAELNPLLGSQEDVLKTQSSAVHILRACLGHCRSGHLPFKVRNLTDQGIMSRAAHMQTKQ
;
_entity_poly.pdbx_strand_id   A,B,C,D
#
loop_
_chem_comp.id
_chem_comp.type
_chem_comp.name
_chem_comp.formula
GOL non-polymer GLYCEROL 'C3 H8 O3'
MN non-polymer 'MANGANESE (II) ION' 'Mn 2'
X7A non-polymer [(5R)-5-amino-5-carboxy-7-(piperidin-1-yl)heptyl](trihydroxy)borate(1-) 'C13 H28 B N2 O5 -1'
#
# COMPACT_ATOMS: atom_id res chain seq x y z
N LYS A 39 -3.99 20.71 26.03
CA LYS A 39 -4.94 21.82 26.16
C LYS A 39 -4.55 22.98 25.25
N LEU A 40 -3.27 23.03 24.88
CA LEU A 40 -2.79 24.10 23.99
C LEU A 40 -2.34 23.53 22.65
N LEU A 41 -2.71 24.20 21.58
CA LEU A 41 -2.27 23.80 20.24
C LEU A 41 -0.80 24.10 20.07
N TYR A 42 -0.39 25.27 20.55
CA TYR A 42 1.01 25.67 20.55
C TYR A 42 1.44 26.01 21.98
N THR A 43 2.44 25.30 22.49
CA THR A 43 2.90 25.52 23.87
C THR A 43 4.13 26.41 23.89
N SER A 44 4.81 26.52 22.75
CA SER A 44 5.97 27.40 22.63
C SER A 44 5.85 28.27 21.39
N ALA A 45 6.51 29.43 21.40
CA ALA A 45 6.55 30.30 20.25
C ALA A 45 7.83 31.14 20.28
N ASN A 46 8.28 31.56 19.11
CA ASN A 46 9.41 32.47 19.00
C ASN A 46 8.94 33.84 18.55
N PHE A 47 9.66 34.87 18.96
CA PHE A 47 9.33 36.26 18.64
C PHE A 47 10.54 36.92 17.99
N LEU A 48 10.31 37.55 16.85
CA LEU A 48 11.38 38.22 16.11
C LEU A 48 10.93 39.59 15.65
N GLY A 49 11.77 40.60 15.87
CA GLY A 49 11.54 41.93 15.35
C GLY A 49 12.31 42.17 14.06
N ILE A 50 11.65 42.79 13.08
CA ILE A 50 12.32 43.18 11.85
C ILE A 50 11.96 44.63 11.54
N PRO A 51 12.81 45.57 11.97
CA PRO A 51 12.50 47.01 11.87
C PRO A 51 12.76 47.62 10.50
N THR A 52 12.25 46.99 9.44
CA THR A 52 12.42 47.52 8.08
C THR A 52 11.78 48.90 7.94
N ASN A 53 12.47 49.80 7.25
CA ASN A 53 11.97 51.15 7.05
C ASN A 53 12.41 51.74 5.71
N ARG A 54 13.06 50.91 4.88
CA ARG A 54 13.52 51.34 3.57
C ARG A 54 12.60 50.82 2.46
N GLY A 55 11.45 50.28 2.86
CA GLY A 55 10.47 49.84 1.88
C GLY A 55 9.45 50.93 1.60
N GLN A 56 9.50 52.01 2.37
CA GLN A 56 8.57 53.11 2.22
C GLN A 56 9.15 54.35 2.92
N PRO A 57 8.74 55.56 2.50
CA PRO A 57 9.46 56.78 2.91
C PRO A 57 9.09 57.36 4.28
N LYS A 58 8.01 56.91 4.90
CA LYS A 58 7.64 57.48 6.20
C LYS A 58 8.46 56.86 7.34
N ILE A 59 9.24 57.68 8.01
CA ILE A 59 10.05 57.21 9.13
C ILE A 59 9.15 56.74 10.27
N GLY A 60 9.49 55.60 10.87
CA GLY A 60 8.77 55.14 12.03
C GLY A 60 8.42 53.67 12.11
N THR A 61 8.39 52.99 10.97
CA THR A 61 8.09 51.56 10.99
C THR A 61 9.18 50.78 11.70
N TYR A 62 10.37 51.39 11.81
CA TYR A 62 11.47 50.74 12.52
C TYR A 62 11.18 50.62 14.01
N GLN A 63 10.21 51.40 14.50
CA GLN A 63 9.82 51.36 15.90
C GLN A 63 8.71 50.35 16.20
N GLY A 64 8.22 49.68 15.15
CA GLY A 64 7.18 48.68 15.29
C GLY A 64 7.43 47.59 16.31
N PRO A 65 8.58 46.90 16.23
CA PRO A 65 8.88 45.83 17.20
C PRO A 65 8.87 46.32 18.65
N GLU A 66 9.41 47.51 18.88
CA GLU A 66 9.45 48.08 20.22
C GLU A 66 8.05 48.43 20.73
N LEU A 67 7.17 48.84 19.82
CA LEU A 67 5.79 49.16 20.19
C LEU A 67 5.10 47.93 20.80
N ILE A 68 5.44 46.75 20.30
CA ILE A 68 4.86 45.52 20.80
C ILE A 68 5.60 45.05 22.06
N ARG A 69 6.92 45.24 22.10
CA ARG A 69 7.68 44.87 23.30
C ARG A 69 7.30 45.72 24.50
N LYS A 70 6.96 46.98 24.24
CA LYS A 70 6.53 47.89 25.30
C LYS A 70 5.14 47.57 25.82
N SER A 71 4.39 46.78 25.06
CA SER A 71 3.03 46.43 25.44
C SER A 71 3.01 45.31 26.48
N ASN A 72 1.83 44.82 26.82
CA ASN A 72 1.71 43.69 27.75
C ASN A 72 1.58 42.35 27.02
N PHE A 73 1.95 42.33 25.74
CA PHE A 73 1.83 41.14 24.89
C PHE A 73 2.49 39.91 25.51
N PHE A 74 3.77 40.02 25.87
CA PHE A 74 4.50 38.89 26.45
C PHE A 74 3.85 38.36 27.72
N GLN A 75 3.49 39.28 28.61
CA GLN A 75 2.83 38.93 29.86
C GLN A 75 1.52 38.18 29.62
N LEU A 76 0.72 38.68 28.69
CA LEU A 76 -0.57 38.08 28.37
C LEU A 76 -0.41 36.69 27.75
N VAL A 77 0.61 36.53 26.91
CA VAL A 77 0.87 35.26 26.27
C VAL A 77 1.32 34.23 27.30
N ALA A 78 2.15 34.66 28.24
CA ALA A 78 2.59 33.77 29.32
C ALA A 78 1.40 33.37 30.20
N GLU A 79 0.48 34.31 30.43
CA GLU A 79 -0.68 34.05 31.27
CA GLU A 79 -0.68 34.04 31.26
C GLU A 79 -1.57 32.97 30.66
N ASP A 80 -1.46 32.77 29.35
CA ASP A 80 -2.23 31.72 28.68
C ASP A 80 -1.49 30.37 28.70
N GLY A 81 -0.27 30.36 29.23
CA GLY A 81 0.49 29.12 29.36
C GLY A 81 1.48 28.85 28.24
N ILE A 82 1.71 29.86 27.40
CA ILE A 82 2.62 29.70 26.26
C ILE A 82 4.02 30.21 26.60
N GLN A 83 5.03 29.39 26.28
CA GLN A 83 6.43 29.79 26.46
C GLN A 83 6.93 30.57 25.23
N LEU A 84 7.05 31.88 25.37
CA LEU A 84 7.44 32.75 24.26
C LEU A 84 8.88 33.23 24.42
N THR A 85 9.72 32.91 23.45
CA THR A 85 11.12 33.33 23.46
C THR A 85 11.40 34.51 22.53
N ASP A 86 11.86 35.62 23.11
CA ASP A 86 12.26 36.77 22.31
C ASP A 86 13.61 36.52 21.66
N CYS A 87 13.61 36.37 20.34
CA CYS A 87 14.82 36.06 19.60
C CYS A 87 15.54 37.32 19.10
N GLY A 88 15.11 38.48 19.58
CA GLY A 88 15.76 39.74 19.25
C GLY A 88 15.29 40.35 17.94
N ASP A 89 16.13 41.20 17.36
CA ASP A 89 15.83 41.87 16.10
C ASP A 89 16.79 41.47 14.98
N ILE A 90 16.29 41.46 13.76
CA ILE A 90 17.15 41.43 12.59
C ILE A 90 17.59 42.87 12.30
N ILE A 91 18.85 43.04 11.97
CA ILE A 91 19.36 44.35 11.59
C ILE A 91 19.25 44.53 10.09
N PRO A 92 18.38 45.43 9.63
CA PRO A 92 18.27 45.62 8.18
C PRO A 92 19.54 46.26 7.60
N VAL A 93 19.85 45.95 6.34
CA VAL A 93 20.92 46.64 5.66
C VAL A 93 20.38 47.95 5.10
N GLU A 94 20.94 49.07 5.56
CA GLU A 94 20.50 50.37 5.09
C GLU A 94 21.68 51.13 4.49
N LEU A 95 21.78 51.08 3.16
CA LEU A 95 22.86 51.72 2.44
C LEU A 95 22.60 53.23 2.31
N ASN A 96 23.64 53.99 1.97
CA ASN A 96 23.42 55.40 1.68
C ASN A 96 23.04 55.56 0.22
N GLU A 97 22.62 56.78 -0.14
CA GLU A 97 22.10 57.05 -1.48
CA GLU A 97 22.10 57.05 -1.48
C GLU A 97 23.09 56.70 -2.58
N ALA A 98 24.35 57.06 -2.38
CA ALA A 98 25.40 56.81 -3.36
C ALA A 98 25.54 55.32 -3.67
N GLU A 99 25.40 54.49 -2.64
CA GLU A 99 25.52 53.05 -2.78
C GLU A 99 24.26 52.41 -3.36
N ASP A 100 23.15 53.12 -3.25
CA ASP A 100 21.86 52.52 -3.56
C ASP A 100 20.99 53.46 -4.40
N PRO A 101 21.42 53.78 -5.62
CA PRO A 101 20.60 54.67 -6.44
C PRO A 101 19.38 53.94 -7.00
N GLN A 102 18.43 54.70 -7.53
CA GLN A 102 17.25 54.10 -8.16
C GLN A 102 17.68 53.16 -9.28
N ARG A 103 17.06 51.99 -9.32
CA ARG A 103 17.24 51.06 -10.43
C ARG A 103 15.88 50.52 -10.83
N PHE A 104 15.52 50.72 -12.09
CA PHE A 104 14.19 50.40 -12.60
C PHE A 104 13.10 51.07 -11.77
N GLY A 105 13.36 52.30 -11.35
CA GLY A 105 12.41 53.08 -10.58
C GLY A 105 12.34 52.70 -9.11
N MET A 106 12.94 51.57 -8.76
CA MET A 106 12.90 51.09 -7.38
C MET A 106 13.73 51.93 -6.43
N LYS A 107 13.16 52.26 -5.28
CA LYS A 107 13.88 53.00 -4.25
C LYS A 107 14.51 52.03 -3.27
N TRP A 108 15.81 52.21 -3.02
CA TRP A 108 16.56 51.38 -2.08
C TRP A 108 16.50 49.90 -2.40
N SER A 109 16.70 49.55 -3.67
CA SER A 109 16.57 48.15 -4.09
C SER A 109 17.74 47.26 -3.67
N ARG A 110 18.91 47.84 -3.45
CA ARG A 110 20.06 47.03 -3.02
C ARG A 110 20.01 46.85 -1.51
N SER A 111 19.54 47.87 -0.79
CA SER A 111 19.26 47.71 0.62
C SER A 111 18.22 46.61 0.79
N PHE A 112 17.26 46.57 -0.13
CA PHE A 112 16.21 45.56 -0.12
C PHE A 112 16.75 44.14 -0.36
N SER A 113 17.55 43.99 -1.42
CA SER A 113 18.06 42.67 -1.78
C SER A 113 18.97 42.09 -0.70
N LEU A 114 19.82 42.94 -0.14
CA LEU A 114 20.71 42.53 0.94
C LEU A 114 19.92 42.22 2.22
N THR A 115 18.94 43.06 2.54
CA THR A 115 18.12 42.84 3.72
C THR A 115 17.29 41.56 3.57
N THR A 116 16.75 41.35 2.38
CA THR A 116 15.96 40.16 2.09
C THR A 116 16.76 38.89 2.37
N LEU A 117 18.01 38.87 1.92
CA LEU A 117 18.86 37.70 2.13
C LEU A 117 19.22 37.51 3.60
N ARG A 118 19.44 38.61 4.31
CA ARG A 118 19.74 38.54 5.74
C ARG A 118 18.53 38.04 6.54
N ILE A 119 17.34 38.52 6.18
CA ILE A 119 16.11 38.06 6.82
C ILE A 119 15.90 36.57 6.58
N ALA A 120 15.99 36.17 5.31
CA ALA A 120 15.77 34.79 4.91
C ALA A 120 16.69 33.82 5.64
N GLU A 121 17.95 34.18 5.80
CA GLU A 121 18.90 33.34 6.52
C GLU A 121 18.47 33.12 7.95
N ARG A 122 18.05 34.21 8.60
CA ARG A 122 17.66 34.16 10.01
C ARG A 122 16.37 33.37 10.22
N VAL A 123 15.37 33.65 9.39
CA VAL A 123 14.10 32.94 9.49
C VAL A 123 14.27 31.46 9.21
N GLU A 124 15.06 31.14 8.18
CA GLU A 124 15.33 29.74 7.84
C GLU A 124 15.94 28.97 9.00
N GLU A 125 16.92 29.57 9.67
CA GLU A 125 17.62 28.89 10.75
C GLU A 125 16.72 28.76 11.98
N LEU A 126 15.84 29.75 12.18
CA LEU A 126 14.88 29.70 13.28
C LEU A 126 13.84 28.62 13.05
N MET A 127 13.37 28.51 11.80
CA MET A 127 12.32 27.55 11.47
C MET A 127 12.84 26.12 11.44
N LYS A 128 14.15 25.96 11.21
CA LYS A 128 14.74 24.63 11.12
C LYS A 128 15.09 24.08 12.50
N GLN A 129 15.33 24.97 13.45
CA GLN A 129 15.51 24.53 14.84
C GLN A 129 14.17 24.08 15.40
N SER A 130 13.09 24.51 14.74
CA SER A 130 11.73 24.21 15.18
C SER A 130 11.23 22.86 14.69
N ASN A 131 12.00 22.23 13.81
CA ASN A 131 11.61 20.93 13.27
C ASN A 131 12.29 19.78 13.99
N LYS A 141 3.35 19.17 18.81
CA LYS A 141 3.06 20.60 18.78
C LYS A 141 4.23 21.37 18.18
N SER A 142 3.99 22.02 17.05
CA SER A 142 5.01 22.83 16.40
C SER A 142 5.17 24.19 17.08
N THR A 143 6.23 24.91 16.72
CA THR A 143 6.56 26.16 17.38
C THR A 143 6.46 27.33 16.40
N PRO A 144 5.37 28.10 16.50
CA PRO A 144 5.13 29.24 15.60
C PRO A 144 6.18 30.33 15.77
N LEU A 145 6.48 31.03 14.68
CA LEU A 145 7.36 32.19 14.74
C LEU A 145 6.52 33.44 14.55
N VAL A 146 6.56 34.32 15.54
CA VAL A 146 5.86 35.59 15.47
C VAL A 146 6.81 36.70 15.08
N ILE A 147 6.53 37.36 13.96
CA ILE A 147 7.39 38.43 13.47
C ILE A 147 6.68 39.78 13.48
N VAL A 148 7.32 40.78 14.08
CA VAL A 148 6.78 42.13 14.08
C VAL A 148 7.68 43.07 13.26
N GLY A 149 7.08 43.70 12.25
CA GLY A 149 7.78 44.71 11.45
C GLY A 149 7.66 46.09 12.07
N GLY A 150 8.17 47.11 11.37
CA GLY A 150 8.77 46.95 10.06
C GLY A 150 7.75 47.09 8.92
N ASP A 151 8.16 47.70 7.81
CA ASP A 151 7.27 47.81 6.68
C ASP A 151 7.22 46.46 5.95
N HIS A 152 6.24 46.30 5.06
CA HIS A 152 5.92 44.99 4.49
C HIS A 152 6.95 44.47 3.49
N SER A 153 7.97 45.26 3.16
CA SER A 153 9.00 44.79 2.25
C SER A 153 9.74 43.59 2.85
N MET A 154 9.66 43.45 4.18
CA MET A 154 10.31 42.34 4.87
C MET A 154 9.78 40.97 4.44
N ALA A 155 8.57 40.95 3.88
CA ALA A 155 7.87 39.70 3.58
C ALA A 155 8.60 38.86 2.54
N THR A 156 9.32 39.50 1.61
CA THR A 156 10.09 38.75 0.62
C THR A 156 11.12 37.88 1.34
N GLY A 157 11.77 38.45 2.35
CA GLY A 157 12.77 37.74 3.11
C GLY A 157 12.19 36.68 4.02
N THR A 158 11.11 37.01 4.71
CA THR A 158 10.53 36.07 5.67
C THR A 158 9.95 34.85 4.96
N ILE A 159 9.30 35.08 3.83
CA ILE A 159 8.70 33.98 3.07
C ILE A 159 9.77 33.12 2.41
N LEU A 160 10.81 33.76 1.87
CA LEU A 160 11.94 33.05 1.28
C LEU A 160 12.58 32.09 2.28
N GLY A 161 12.88 32.59 3.47
CA GLY A 161 13.47 31.77 4.50
C GLY A 161 12.51 30.71 5.01
N HIS A 162 11.25 31.08 5.18
CA HIS A 162 10.23 30.13 5.63
C HIS A 162 10.11 28.96 4.66
N ALA A 163 10.04 29.26 3.38
CA ALA A 163 9.87 28.24 2.35
C ALA A 163 11.10 27.34 2.23
N GLU A 164 12.25 27.84 2.66
CA GLU A 164 13.46 27.03 2.65
C GLU A 164 13.30 25.90 3.66
N ALA A 165 12.69 26.21 4.80
CA ALA A 165 12.41 25.21 5.83
C ALA A 165 11.18 24.39 5.47
N LYS A 166 10.20 25.03 4.84
CA LYS A 166 8.91 24.40 4.53
C LYS A 166 8.44 24.76 3.13
N PRO A 167 8.95 24.06 2.10
CA PRO A 167 8.75 24.39 0.68
C PRO A 167 7.28 24.36 0.22
N ASP A 168 6.45 23.55 0.87
CA ASP A 168 5.07 23.40 0.44
C ASP A 168 4.11 24.31 1.19
N LEU A 169 4.61 25.41 1.74
CA LEU A 169 3.77 26.29 2.53
C LEU A 169 2.73 27.00 1.68
N CYS A 170 1.72 27.56 2.34
CA CYS A 170 0.77 28.44 1.67
C CYS A 170 0.83 29.80 2.35
N VAL A 171 0.35 30.83 1.66
CA VAL A 171 0.42 32.19 2.18
C VAL A 171 -0.97 32.81 2.26
N LEU A 172 -1.31 33.31 3.46
CA LEU A 172 -2.53 34.10 3.63
C LEU A 172 -2.15 35.55 3.84
N TRP A 173 -2.53 36.40 2.89
CA TRP A 173 -2.09 37.79 2.87
C TRP A 173 -3.23 38.72 3.26
N ILE A 174 -3.15 39.28 4.47
CA ILE A 174 -4.22 40.13 4.98
C ILE A 174 -3.80 41.58 4.85
N ASP A 175 -4.48 42.32 3.99
CA ASP A 175 -3.97 43.60 3.54
C ASP A 175 -5.05 44.39 2.80
N ALA A 176 -5.02 45.71 2.91
CA ALA A 176 -5.82 46.57 2.07
C ALA A 176 -5.23 46.60 0.65
N HIS A 177 -3.95 46.24 0.54
CA HIS A 177 -3.21 46.35 -0.72
C HIS A 177 -2.69 45.00 -1.22
N GLY A 178 -2.40 44.93 -2.51
CA GLY A 178 -1.94 43.71 -3.12
C GLY A 178 -0.47 43.39 -2.88
N ASP A 179 0.34 44.44 -2.72
CA ASP A 179 1.78 44.29 -2.48
C ASP A 179 2.43 43.38 -3.51
N ILE A 180 1.93 43.43 -4.75
CA ILE A 180 2.37 42.50 -5.77
C ILE A 180 2.68 43.25 -7.07
N ASN A 181 2.92 44.54 -6.95
CA ASN A 181 3.41 45.34 -8.07
C ASN A 181 4.77 44.84 -8.53
N THR A 182 4.92 44.62 -9.83
CA THR A 182 6.24 44.39 -10.41
C THR A 182 6.89 45.75 -10.63
N PRO A 183 8.24 45.82 -10.59
CA PRO A 183 8.97 47.09 -10.53
C PRO A 183 8.62 48.15 -11.60
N LEU A 184 8.39 47.75 -12.85
CA LEU A 184 8.11 48.74 -13.89
C LEU A 184 6.68 49.28 -13.84
N ASN A 185 5.81 48.59 -13.10
CA ASN A 185 4.43 49.03 -12.99
C ASN A 185 4.19 49.87 -11.74
N SER A 186 5.21 49.95 -10.88
CA SER A 186 5.06 50.69 -9.63
C SER A 186 5.28 52.18 -9.82
N ALA A 187 4.22 52.97 -9.62
CA ALA A 187 4.33 54.43 -9.71
C ALA A 187 5.17 55.02 -8.58
N SER A 188 5.16 54.36 -7.42
CA SER A 188 5.80 54.90 -6.23
C SER A 188 7.27 54.52 -6.10
N GLY A 189 7.63 53.32 -6.56
CA GLY A 189 8.99 52.83 -6.37
C GLY A 189 9.25 52.31 -4.96
N ASN A 190 8.21 52.29 -4.14
CA ASN A 190 8.33 51.80 -2.77
C ASN A 190 8.30 50.28 -2.71
N MET A 191 9.37 49.69 -2.17
CA MET A 191 9.51 48.24 -2.16
C MET A 191 8.43 47.50 -1.38
N HIS A 192 7.79 48.18 -0.42
CA HIS A 192 6.80 47.52 0.43
C HIS A 192 5.51 47.25 -0.36
N GLY A 193 5.43 47.80 -1.57
CA GLY A 193 4.33 47.52 -2.47
C GLY A 193 4.66 46.45 -3.51
N MET A 194 5.85 45.87 -3.40
CA MET A 194 6.28 44.85 -4.34
C MET A 194 6.70 43.47 -3.80
N PRO A 195 6.57 43.20 -2.48
CA PRO A 195 7.32 42.03 -2.00
C PRO A 195 6.91 40.67 -2.58
N LEU A 196 5.65 40.50 -2.94
CA LEU A 196 5.19 39.23 -3.47
C LEU A 196 5.63 38.97 -4.91
N SER A 197 5.86 40.04 -5.67
CA SER A 197 6.16 39.91 -7.10
C SER A 197 7.44 39.13 -7.35
N PHE A 198 8.40 39.27 -6.43
CA PHE A 198 9.68 38.59 -6.57
C PHE A 198 9.59 37.11 -6.18
N LEU A 199 8.49 36.74 -5.53
CA LEU A 199 8.34 35.38 -5.00
C LEU A 199 7.46 34.51 -5.89
N VAL A 200 6.62 35.14 -6.70
CA VAL A 200 5.64 34.40 -7.49
C VAL A 200 6.21 33.99 -8.84
N LYS A 201 6.29 32.68 -9.06
CA LYS A 201 6.92 32.11 -10.25
C LYS A 201 6.30 32.61 -11.55
N GLU A 202 4.97 32.74 -11.56
CA GLU A 202 4.25 33.12 -12.77
C GLU A 202 4.52 34.56 -13.20
N LEU A 203 5.19 35.34 -12.34
CA LEU A 203 5.38 36.77 -12.58
C LEU A 203 6.79 37.11 -13.06
N GLN A 204 7.65 36.12 -13.16
CA GLN A 204 9.08 36.36 -13.35
C GLN A 204 9.46 36.88 -14.74
N ASP A 205 8.52 36.84 -15.68
CA ASP A 205 8.76 37.45 -16.98
C ASP A 205 8.50 38.96 -16.93
N GLN A 206 8.08 39.43 -15.75
CA GLN A 206 7.78 40.84 -15.55
C GLN A 206 8.71 41.48 -14.53
N ILE A 207 9.63 40.67 -14.00
CA ILE A 207 10.66 41.15 -13.07
C ILE A 207 11.96 41.44 -13.82
N PRO A 208 12.47 42.67 -13.74
CA PRO A 208 13.76 42.98 -14.36
C PRO A 208 14.89 42.21 -13.67
N TRP A 209 15.83 41.69 -14.45
CA TRP A 209 16.95 40.98 -13.86
C TRP A 209 17.94 41.95 -13.22
N LEU A 210 18.34 41.62 -12.00
CA LEU A 210 19.41 42.32 -11.29
C LEU A 210 20.30 41.28 -10.65
N ASP A 211 21.61 41.44 -10.79
CA ASP A 211 22.58 40.47 -10.26
C ASP A 211 22.40 40.22 -8.77
N ASP A 212 22.20 41.29 -8.00
CA ASP A 212 22.09 41.18 -6.55
C ASP A 212 20.75 40.58 -6.12
N PHE A 213 19.86 40.32 -7.08
CA PHE A 213 18.57 39.70 -6.81
C PHE A 213 18.56 38.20 -7.10
N GLU A 214 19.71 37.67 -7.53
CA GLU A 214 19.78 36.27 -7.95
C GLU A 214 19.41 35.30 -6.84
N GLY A 215 19.85 35.60 -5.63
CA GLY A 215 19.59 34.75 -4.48
C GLY A 215 18.14 34.79 -4.03
N ILE A 216 17.38 35.73 -4.59
CA ILE A 216 15.95 35.82 -4.30
C ILE A 216 15.18 34.96 -5.29
N LYS A 217 15.09 33.68 -5.00
CA LYS A 217 14.45 32.72 -5.89
C LYS A 217 12.95 32.68 -5.65
N PRO A 218 12.16 32.71 -6.73
CA PRO A 218 10.70 32.60 -6.66
C PRO A 218 10.31 31.25 -6.07
N CYS A 219 9.63 31.28 -4.94
CA CYS A 219 9.34 30.05 -4.21
C CYS A 219 7.84 29.81 -4.04
N LEU A 220 7.03 30.67 -4.64
CA LEU A 220 5.57 30.57 -4.53
C LEU A 220 4.92 30.37 -5.88
N ASN A 221 3.95 29.47 -5.93
CA ASN A 221 3.03 29.40 -7.05
C ASN A 221 1.86 30.32 -6.75
N ALA A 222 1.27 30.90 -7.79
CA ALA A 222 0.11 31.76 -7.65
C ALA A 222 -1.02 31.05 -6.90
N SER A 223 -1.07 29.73 -7.04
CA SER A 223 -2.10 28.93 -6.39
C SER A 223 -1.86 28.72 -4.88
N ASN A 224 -0.72 29.19 -4.37
CA ASN A 224 -0.41 29.05 -2.95
C ASN A 224 -0.78 30.27 -2.12
N ILE A 225 -1.30 31.31 -2.77
CA ILE A 225 -1.60 32.58 -2.11
C ILE A 225 -3.09 32.88 -2.08
N ALA A 226 -3.59 33.35 -0.94
CA ALA A 226 -4.95 33.89 -0.85
C ALA A 226 -4.95 35.22 -0.10
N TYR A 227 -5.61 36.22 -0.68
CA TYR A 227 -5.76 37.53 -0.07
C TYR A 227 -7.06 37.65 0.72
N ILE A 228 -7.02 38.37 1.83
CA ILE A 228 -8.23 38.84 2.51
C ILE A 228 -8.10 40.30 2.89
N GLY A 229 -9.09 41.11 2.51
CA GLY A 229 -9.17 42.48 3.00
C GLY A 229 -8.91 43.58 1.97
N LEU A 230 -8.59 43.19 0.75
CA LEU A 230 -8.22 44.14 -0.31
C LEU A 230 -9.27 45.21 -0.52
N ARG A 231 -8.81 46.44 -0.77
CA ARG A 231 -9.72 47.52 -1.11
C ARG A 231 -9.04 48.68 -1.84
N ASP A 232 -7.73 48.57 -2.09
CA ASP A 232 -7.05 49.61 -2.85
C ASP A 232 -5.97 49.05 -3.76
N LEU A 233 -6.37 48.16 -4.67
CA LEU A 233 -5.48 47.57 -5.66
C LEU A 233 -5.10 48.56 -6.76
N ASP A 234 -3.86 48.48 -7.23
CA ASP A 234 -3.49 49.16 -8.46
C ASP A 234 -3.98 48.33 -9.65
N ALA A 235 -4.24 48.99 -10.77
CA ALA A 235 -4.79 48.32 -11.95
C ALA A 235 -3.96 47.11 -12.40
N HIS A 236 -2.64 47.27 -12.43
CA HIS A 236 -1.77 46.19 -12.88
C HIS A 236 -1.71 45.04 -11.89
N GLU A 237 -1.94 45.33 -10.61
CA GLU A 237 -2.08 44.28 -9.61
C GLU A 237 -3.33 43.46 -9.88
N THR A 238 -4.44 44.17 -10.09
CA THR A 238 -5.73 43.55 -10.41
C THR A 238 -5.58 42.64 -11.63
N HIS A 239 -4.89 43.14 -12.64
CA HIS A 239 -4.59 42.36 -13.84
C HIS A 239 -3.86 41.06 -13.52
N ASP A 240 -2.74 41.15 -12.81
CA ASP A 240 -1.92 39.99 -12.51
C ASP A 240 -2.64 38.99 -11.61
N ILE A 241 -3.36 39.49 -10.63
CA ILE A 241 -4.12 38.64 -9.71
C ILE A 241 -5.17 37.83 -10.46
N ARG A 242 -5.92 38.48 -11.34
CA ARG A 242 -6.96 37.78 -12.09
C ARG A 242 -6.35 36.88 -13.17
N LYS A 243 -5.33 37.37 -13.87
CA LYS A 243 -4.70 36.60 -14.94
C LYS A 243 -4.15 35.26 -14.46
N HIS A 244 -3.53 35.26 -13.28
CA HIS A 244 -2.85 34.06 -12.80
C HIS A 244 -3.66 33.32 -11.75
N GLY A 245 -4.90 33.72 -11.56
CA GLY A 245 -5.84 32.99 -10.74
C GLY A 245 -5.52 32.95 -9.26
N ILE A 246 -4.92 34.03 -8.75
CA ILE A 246 -4.68 34.13 -7.32
C ILE A 246 -5.99 34.33 -6.58
N ALA A 247 -6.27 33.47 -5.61
CA ALA A 247 -7.48 33.59 -4.81
C ALA A 247 -7.46 34.92 -4.06
N TYR A 248 -8.54 35.67 -4.13
CA TYR A 248 -8.59 36.93 -3.40
C TYR A 248 -10.00 37.24 -2.95
N PHE A 249 -10.08 37.78 -1.74
CA PHE A 249 -11.35 38.14 -1.15
C PHE A 249 -11.24 39.57 -0.64
N THR A 250 -11.83 40.48 -1.40
CA THR A 250 -11.76 41.91 -1.11
C THR A 250 -12.81 42.28 -0.08
N MET A 251 -12.83 43.54 0.34
CA MET A 251 -13.84 43.99 1.30
C MET A 251 -15.25 43.88 0.73
N LEU A 252 -15.37 43.94 -0.59
CA LEU A 252 -16.66 43.70 -1.24
C LEU A 252 -17.11 42.27 -0.98
N ASP A 253 -16.18 41.32 -1.09
CA ASP A 253 -16.45 39.92 -0.79
C ASP A 253 -16.81 39.72 0.67
N VAL A 254 -16.09 40.39 1.56
CA VAL A 254 -16.38 40.29 2.99
C VAL A 254 -17.79 40.81 3.30
N ASP A 255 -18.16 41.91 2.64
CA ASP A 255 -19.50 42.48 2.79
C ASP A 255 -20.59 41.53 2.33
N ARG A 256 -20.41 40.93 1.16
CA ARG A 256 -21.45 40.08 0.58
CA ARG A 256 -21.43 40.08 0.56
C ARG A 256 -21.47 38.66 1.15
N MET A 257 -20.29 38.13 1.48
CA MET A 257 -20.20 36.76 1.98
C MET A 257 -20.19 36.65 3.50
N GLY A 258 -19.65 37.66 4.17
CA GLY A 258 -19.41 37.58 5.60
C GLY A 258 -18.04 36.98 5.81
N ILE A 259 -17.36 37.38 6.90
CA ILE A 259 -15.98 36.96 7.13
C ILE A 259 -15.85 35.45 7.39
N GLU A 260 -16.88 34.84 7.96
CA GLU A 260 -16.83 33.41 8.24
C GLU A 260 -16.67 32.59 6.96
N ALA A 261 -17.47 32.93 5.94
CA ALA A 261 -17.39 32.25 4.65
C ALA A 261 -16.10 32.58 3.92
N VAL A 262 -15.66 33.83 4.02
CA VAL A 262 -14.42 34.26 3.38
C VAL A 262 -13.21 33.48 3.90
N ILE A 263 -13.11 33.35 5.22
CA ILE A 263 -12.03 32.59 5.84
C ILE A 263 -12.03 31.14 5.36
N LYS A 264 -13.20 30.53 5.41
CA LYS A 264 -13.38 29.16 4.93
C LYS A 264 -12.94 28.98 3.48
N GLU A 265 -13.39 29.87 2.61
CA GLU A 265 -13.06 29.78 1.19
C GLU A 265 -11.58 30.03 0.93
N ALA A 266 -10.99 30.95 1.68
CA ALA A 266 -9.56 31.24 1.54
C ALA A 266 -8.72 30.03 1.91
N LEU A 267 -9.06 29.40 3.04
CA LEU A 267 -8.36 28.18 3.46
C LEU A 267 -8.61 27.03 2.49
N LEU A 268 -9.82 26.99 1.94
CA LEU A 268 -10.18 25.96 0.96
C LEU A 268 -9.32 26.12 -0.29
N ALA A 269 -9.07 27.37 -0.68
CA ALA A 269 -8.37 27.67 -1.93
C ALA A 269 -6.89 27.29 -1.89
N VAL A 270 -6.22 27.48 -0.76
CA VAL A 270 -4.77 27.28 -0.71
C VAL A 270 -4.32 26.22 0.29
N ASN A 271 -5.23 25.74 1.13
CA ASN A 271 -4.88 24.71 2.11
C ASN A 271 -6.06 23.77 2.40
N PRO A 272 -6.58 23.11 1.34
CA PRO A 272 -7.86 22.38 1.36
C PRO A 272 -8.02 21.36 2.47
N ARG A 273 -6.97 20.63 2.80
CA ARG A 273 -7.06 19.56 3.78
C ARG A 273 -6.10 19.79 4.94
N LEU A 274 -5.71 21.06 5.11
CA LEU A 274 -4.83 21.48 6.19
C LEU A 274 -3.51 20.71 6.18
N GLU A 275 -2.99 20.43 4.99
CA GLU A 275 -1.76 19.68 4.84
C GLU A 275 -0.53 20.59 4.88
N LYS A 276 -0.74 21.87 4.59
CA LYS A 276 0.39 22.79 4.43
C LYS A 276 0.59 23.72 5.62
N ALA A 277 1.85 24.04 5.90
CA ALA A 277 2.19 25.07 6.86
C ALA A 277 1.64 26.40 6.34
N ILE A 278 1.21 27.26 7.27
CA ILE A 278 0.64 28.54 6.86
C ILE A 278 1.57 29.69 7.19
N HIS A 279 1.82 30.53 6.20
CA HIS A 279 2.49 31.80 6.43
C HIS A 279 1.43 32.90 6.44
N LEU A 280 1.12 33.41 7.62
CA LEU A 280 0.12 34.47 7.75
C LEU A 280 0.81 35.83 7.72
N SER A 281 0.60 36.58 6.65
CA SER A 281 1.21 37.90 6.51
C SER A 281 0.15 38.96 6.71
N PHE A 282 0.16 39.56 7.90
CA PHE A 282 -0.91 40.47 8.32
C PHE A 282 -0.44 41.93 8.29
N ASP A 283 -0.93 42.68 7.31
CA ASP A 283 -0.69 44.12 7.26
C ASP A 283 -1.70 44.78 8.19
N ILE A 284 -1.21 45.55 9.16
CA ILE A 284 -2.11 46.18 10.11
C ILE A 284 -3.13 47.10 9.42
N ASP A 285 -2.80 47.58 8.22
CA ASP A 285 -3.73 48.47 7.51
C ASP A 285 -4.87 47.70 6.84
N ALA A 286 -4.88 46.38 7.00
CA ALA A 286 -6.05 45.59 6.63
C ALA A 286 -7.22 46.00 7.52
N LEU A 287 -6.92 46.32 8.78
CA LEU A 287 -7.93 46.79 9.72
C LEU A 287 -8.36 48.21 9.41
N ASP A 288 -9.61 48.53 9.79
CA ASP A 288 -10.14 49.88 9.62
C ASP A 288 -9.27 50.88 10.37
N PRO A 289 -9.01 52.05 9.75
CA PRO A 289 -8.27 53.14 10.39
C PRO A 289 -8.82 53.55 11.77
N LEU A 290 -10.09 53.28 12.02
CA LEU A 290 -10.68 53.56 13.34
C LEU A 290 -10.04 52.72 14.45
N VAL A 291 -9.53 51.54 14.11
CA VAL A 291 -8.89 50.70 15.13
C VAL A 291 -7.38 50.60 14.94
N ALA A 292 -6.90 50.95 13.75
CA ALA A 292 -5.46 50.97 13.50
C ALA A 292 -5.06 52.19 12.67
N PRO A 293 -5.13 53.39 13.26
CA PRO A 293 -4.79 54.63 12.55
C PRO A 293 -3.29 54.83 12.30
N SER A 294 -2.44 54.29 13.17
CA SER A 294 -0.99 54.56 13.10
C SER A 294 -0.28 53.63 12.12
N THR A 295 -0.49 53.89 10.84
CA THR A 295 0.12 53.12 9.77
C THR A 295 0.18 54.00 8.53
N GLY A 296 1.12 53.72 7.63
CA GLY A 296 1.47 54.64 6.56
C GLY A 296 0.48 54.83 5.41
N THR A 297 -0.25 53.78 5.06
CA THR A 297 -1.18 53.87 3.94
C THR A 297 -2.56 53.36 4.35
N ALA A 298 -3.21 54.11 5.25
CA ALA A 298 -4.52 53.73 5.77
C ALA A 298 -5.62 53.93 4.72
N VAL A 299 -6.55 52.99 4.66
CA VAL A 299 -7.66 53.08 3.74
C VAL A 299 -8.97 52.82 4.48
N PRO A 300 -9.92 53.77 4.40
CA PRO A 300 -11.22 53.64 5.07
C PRO A 300 -11.98 52.38 4.64
N GLY A 301 -12.88 51.90 5.50
CA GLY A 301 -13.71 50.76 5.18
C GLY A 301 -13.01 49.43 5.29
N GLY A 302 -12.22 49.25 6.35
CA GLY A 302 -11.46 48.03 6.52
C GLY A 302 -12.15 46.99 7.39
N LEU A 303 -11.40 45.92 7.69
CA LEU A 303 -11.88 44.90 8.60
C LEU A 303 -12.08 45.50 9.97
N THR A 304 -13.15 45.09 10.65
CA THR A 304 -13.29 45.41 12.07
C THR A 304 -12.24 44.60 12.83
N LEU A 305 -11.93 45.01 14.05
CA LEU A 305 -11.00 44.23 14.86
C LEU A 305 -11.52 42.80 15.03
N ARG A 306 -12.83 42.67 15.23
CA ARG A 306 -13.47 41.37 15.39
C ARG A 306 -13.28 40.49 14.16
N GLU A 307 -13.46 41.07 12.97
CA GLU A 307 -13.22 40.34 11.73
C GLU A 307 -11.76 39.91 11.63
N GLY A 308 -10.85 40.80 12.02
CA GLY A 308 -9.44 40.47 12.05
C GLY A 308 -9.13 39.34 13.02
N LEU A 309 -9.77 39.39 14.18
CA LEU A 309 -9.60 38.34 15.19
C LEU A 309 -10.09 36.98 14.68
N ARG A 310 -11.21 36.98 13.98
CA ARG A 310 -11.77 35.74 13.43
C ARG A 310 -10.82 35.08 12.43
N ILE A 311 -10.19 35.88 11.58
CA ILE A 311 -9.19 35.37 10.64
C ILE A 311 -8.08 34.65 11.39
N CYS A 312 -7.52 35.33 12.40
CA CYS A 312 -6.40 34.79 13.16
C CYS A 312 -6.81 33.59 14.02
N GLU A 313 -8.01 33.64 14.58
CA GLU A 313 -8.51 32.55 15.42
C GLU A 313 -8.65 31.27 14.60
N GLU A 314 -9.16 31.39 13.38
CA GLU A 314 -9.35 30.23 12.51
C GLU A 314 -8.02 29.70 11.98
N VAL A 315 -7.13 30.60 11.60
CA VAL A 315 -5.81 30.20 11.12
C VAL A 315 -5.05 29.49 12.23
N SER A 316 -5.09 30.06 13.43
CA SER A 316 -4.47 29.45 14.59
C SER A 316 -5.01 28.04 14.84
N ALA A 317 -6.33 27.91 14.78
CA ALA A 317 -7.01 26.66 15.13
C ALA A 317 -6.76 25.53 14.13
N THR A 318 -6.18 25.84 12.97
CA THR A 318 -5.83 24.81 12.01
C THR A 318 -4.70 23.93 12.53
N GLY A 319 -3.93 24.45 13.49
CA GLY A 319 -2.76 23.77 13.97
C GLY A 319 -1.60 23.90 13.01
N LYS A 320 -1.81 24.66 11.93
CA LYS A 320 -0.82 24.78 10.87
C LYS A 320 -0.16 26.16 10.79
N LEU A 321 -0.45 27.03 11.74
CA LEU A 321 0.20 28.34 11.78
C LEU A 321 1.69 28.16 12.02
N SER A 322 2.49 28.51 11.02
CA SER A 322 3.93 28.28 11.07
C SER A 322 4.66 29.61 11.30
N VAL A 323 4.29 30.61 10.52
CA VAL A 323 4.77 31.98 10.75
C VAL A 323 3.63 32.97 10.64
N VAL A 324 3.54 33.89 11.60
CA VAL A 324 2.69 35.06 11.44
C VAL A 324 3.58 36.30 11.53
N GLU A 325 3.42 37.20 10.55
CA GLU A 325 4.13 38.46 10.59
C GLU A 325 3.13 39.59 10.60
N LEU A 326 3.43 40.62 11.38
CA LEU A 326 2.57 41.79 11.47
C LEU A 326 3.32 43.01 10.94
N ALA A 327 2.84 43.57 9.84
CA ALA A 327 3.58 44.63 9.16
C ALA A 327 2.94 46.00 9.26
N GLU A 328 3.78 47.03 9.08
CA GLU A 328 3.37 48.41 8.83
C GLU A 328 2.88 49.18 10.07
N LEU A 329 3.23 48.71 11.26
CA LEU A 329 3.06 49.53 12.45
C LEU A 329 3.97 50.74 12.38
N ASN A 330 3.43 51.93 12.58
CA ASN A 330 4.24 53.13 12.63
C ASN A 330 3.82 54.03 13.79
N PRO A 331 4.48 53.89 14.94
CA PRO A 331 4.20 54.62 16.17
C PRO A 331 4.50 56.12 16.07
N LEU A 332 5.08 56.55 14.95
CA LEU A 332 5.39 57.96 14.76
C LEU A 332 4.28 58.66 13.98
N LEU A 333 3.25 57.91 13.61
CA LEU A 333 2.10 58.49 12.91
C LEU A 333 0.92 58.61 13.85
N GLY A 334 0.18 59.71 13.74
CA GLY A 334 -1.02 59.92 14.53
C GLY A 334 -0.75 60.41 15.94
N SER A 335 -1.83 60.57 16.71
CA SER A 335 -1.75 61.05 18.07
C SER A 335 -1.29 59.95 19.01
N GLN A 336 -1.05 60.33 20.27
CA GLN A 336 -0.69 59.37 21.30
C GLN A 336 -1.78 58.30 21.46
N GLU A 337 -3.04 58.73 21.42
CA GLU A 337 -4.16 57.80 21.52
C GLU A 337 -4.28 56.94 20.27
N ASP A 338 -3.95 57.50 19.11
CA ASP A 338 -3.92 56.72 17.88
C ASP A 338 -2.94 55.56 17.98
N VAL A 339 -1.76 55.84 18.52
CA VAL A 339 -0.72 54.82 18.71
C VAL A 339 -1.18 53.74 19.70
N LEU A 340 -1.85 54.17 20.77
CA LEU A 340 -2.33 53.22 21.77
C LEU A 340 -3.38 52.28 21.19
N LYS A 341 -4.26 52.82 20.35
CA LYS A 341 -5.29 52.02 19.68
C LYS A 341 -4.68 51.00 18.74
N THR A 342 -3.71 51.45 17.96
CA THR A 342 -3.03 50.59 16.99
C THR A 342 -2.25 49.51 17.71
N GLN A 343 -1.55 49.90 18.77
CA GLN A 343 -0.81 48.95 19.61
C GLN A 343 -1.76 47.89 20.18
N SER A 344 -2.85 48.35 20.76
CA SER A 344 -3.86 47.47 21.34
C SER A 344 -4.41 46.48 20.32
N SER A 345 -4.77 46.99 19.13
CA SER A 345 -5.31 46.15 18.07
C SER A 345 -4.30 45.09 17.66
N ALA A 346 -3.03 45.48 17.57
CA ALA A 346 -1.95 44.58 17.19
C ALA A 346 -1.77 43.45 18.21
N VAL A 347 -1.82 43.80 19.50
CA VAL A 347 -1.64 42.82 20.56
C VAL A 347 -2.78 41.80 20.58
N HIS A 348 -4.01 42.27 20.42
CA HIS A 348 -5.16 41.37 20.37
C HIS A 348 -5.07 40.44 19.16
N ILE A 349 -4.61 40.98 18.03
CA ILE A 349 -4.44 40.18 16.82
C ILE A 349 -3.38 39.09 17.03
N LEU A 350 -2.22 39.46 17.55
CA LEU A 350 -1.14 38.52 17.75
C LEU A 350 -1.48 37.46 18.78
N ARG A 351 -2.23 37.85 19.81
CA ARG A 351 -2.69 36.88 20.82
C ARG A 351 -3.61 35.84 20.21
N ALA A 352 -4.50 36.27 19.32
CA ALA A 352 -5.41 35.35 18.65
C ALA A 352 -4.64 34.34 17.82
N CYS A 353 -3.60 34.81 17.13
CA CYS A 353 -2.73 33.94 16.33
C CYS A 353 -2.13 32.81 17.15
N LEU A 354 -1.75 33.11 18.40
CA LEU A 354 -1.10 32.13 19.24
C LEU A 354 -2.08 31.25 20.02
N GLY A 355 -3.37 31.52 19.84
CA GLY A 355 -4.39 30.65 20.38
C GLY A 355 -5.24 31.23 21.51
N HIS A 356 -5.12 32.52 21.78
CA HIS A 356 -5.96 33.11 22.80
C HIS A 356 -7.42 32.97 22.39
N CYS A 357 -8.25 32.62 23.34
CA CYS A 357 -9.67 32.37 23.10
CA CYS A 357 -9.66 32.42 23.04
C CYS A 357 -10.53 33.38 23.85
N ARG A 358 -11.37 34.11 23.12
CA ARG A 358 -12.23 35.11 23.73
C ARG A 358 -13.32 34.50 24.60
N SER A 359 -13.56 33.20 24.43
CA SER A 359 -14.53 32.50 25.26
C SER A 359 -13.89 31.96 26.54
N GLY A 360 -12.62 32.30 26.75
CA GLY A 360 -11.95 32.01 28.01
C GLY A 360 -11.04 30.81 28.00
N HIS A 361 -10.16 30.75 28.99
CA HIS A 361 -9.26 29.61 29.21
C HIS A 361 -9.50 29.02 30.59
N LEU A 362 -9.25 27.72 30.73
CA LEU A 362 -9.38 27.06 32.01
C LEU A 362 -8.11 27.26 32.83
N PRO A 363 -8.24 27.29 34.17
CA PRO A 363 -7.05 27.45 34.99
C PRO A 363 -6.22 26.17 35.00
N PHE A 364 -4.91 26.29 35.22
CA PHE A 364 -4.05 25.12 35.29
C PHE A 364 -4.25 24.37 36.60
N LYS A 365 -4.38 25.12 37.70
CA LYS A 365 -4.76 24.53 38.97
C LYS A 365 -6.02 25.21 39.48
N VAL A 366 -7.06 24.43 39.73
CA VAL A 366 -8.30 24.95 40.29
C VAL A 366 -8.13 25.17 41.80
N ARG A 367 -8.42 26.39 42.25
CA ARG A 367 -8.26 26.72 43.66
C ARG A 367 -9.43 26.20 44.49
N ASN A 368 -9.13 25.70 45.69
CA ASN A 368 -10.15 25.22 46.61
C ASN A 368 -10.08 25.96 47.94
N LEU A 369 -11.23 26.16 48.56
CA LEU A 369 -11.33 27.01 49.73
C LEU A 369 -10.80 26.35 51.01
N THR A 370 -11.07 25.06 51.17
CA THR A 370 -10.68 24.35 52.39
C THR A 370 -9.17 24.13 52.48
N ASP A 371 -8.48 24.16 51.35
CA ASP A 371 -7.04 23.95 51.31
C ASP A 371 -6.29 25.00 52.13
N GLN A 372 -6.90 26.17 52.28
CA GLN A 372 -6.28 27.26 53.00
C GLN A 372 -6.75 27.30 54.45
N GLY A 373 -7.64 26.36 54.79
CA GLY A 373 -8.18 26.28 56.14
C GLY A 373 -9.23 27.34 56.39
N ILE A 374 -10.01 27.65 55.35
CA ILE A 374 -11.00 28.72 55.43
C ILE A 374 -12.43 28.17 55.42
N MET A 375 -13.25 28.72 56.31
CA MET A 375 -14.66 28.39 56.40
C MET A 375 -15.48 29.05 55.29
N SER A 376 -16.18 28.25 54.50
CA SER A 376 -17.02 28.78 53.45
C SER A 376 -18.42 29.07 53.97
N ARG A 377 -19.22 29.79 53.19
CA ARG A 377 -20.59 30.08 53.59
C ARG A 377 -21.40 28.80 53.62
N ALA A 378 -21.17 27.93 52.63
CA ALA A 378 -21.85 26.64 52.57
C ALA A 378 -21.50 25.79 53.78
N ALA A 379 -20.22 25.79 54.14
CA ALA A 379 -19.75 25.07 55.31
C ALA A 379 -20.40 25.59 56.59
N HIS A 380 -20.47 26.91 56.70
CA HIS A 380 -21.01 27.56 57.90
C HIS A 380 -22.50 27.27 58.11
N MET A 381 -23.25 27.16 57.02
CA MET A 381 -24.69 26.96 57.10
C MET A 381 -25.04 25.52 57.46
N GLN A 382 -24.02 24.68 57.65
CA GLN A 382 -24.24 23.29 58.04
C GLN A 382 -23.38 22.90 59.24
N LYS B 39 -4.88 14.74 -9.11
CA LYS B 39 -6.21 15.19 -9.50
C LYS B 39 -7.29 14.45 -8.70
N LEU B 40 -7.09 13.16 -8.51
CA LEU B 40 -8.00 12.35 -7.70
C LEU B 40 -7.48 12.20 -6.27
N LEU B 41 -8.35 12.45 -5.30
CA LEU B 41 -8.01 12.31 -3.89
C LEU B 41 -7.75 10.84 -3.56
N TYR B 42 -8.63 9.97 -4.06
CA TYR B 42 -8.47 8.54 -3.93
C TYR B 42 -8.45 7.93 -5.33
N THR B 43 -7.34 7.29 -5.69
CA THR B 43 -7.21 6.71 -7.02
C THR B 43 -7.54 5.23 -7.04
N SER B 44 -7.58 4.62 -5.86
CA SER B 44 -8.01 3.22 -5.75
C SER B 44 -8.87 3.02 -4.50
N ALA B 45 -9.68 1.97 -4.51
CA ALA B 45 -10.51 1.62 -3.37
C ALA B 45 -10.76 0.11 -3.33
N ASN B 46 -11.08 -0.39 -2.14
CA ASN B 46 -11.47 -1.79 -1.98
C ASN B 46 -12.95 -1.91 -1.70
N PHE B 47 -13.57 -2.98 -2.20
CA PHE B 47 -14.99 -3.24 -1.99
C PHE B 47 -15.18 -4.55 -1.25
N LEU B 48 -16.01 -4.53 -0.21
CA LEU B 48 -16.24 -5.71 0.62
C LEU B 48 -17.71 -5.84 0.98
N GLY B 49 -18.26 -7.05 0.80
CA GLY B 49 -19.62 -7.33 1.19
C GLY B 49 -19.70 -8.05 2.52
N ILE B 50 -20.65 -7.66 3.35
CA ILE B 50 -20.90 -8.34 4.63
C ILE B 50 -22.39 -8.57 4.77
N PRO B 51 -22.87 -9.74 4.36
CA PRO B 51 -24.32 -10.01 4.30
C PRO B 51 -24.93 -10.40 5.65
N THR B 52 -24.64 -9.63 6.70
CA THR B 52 -25.20 -9.88 8.03
C THR B 52 -26.73 -9.81 8.02
N ASN B 53 -27.37 -10.77 8.68
CA ASN B 53 -28.82 -10.82 8.73
C ASN B 53 -29.33 -11.36 10.06
N ARG B 54 -28.42 -11.53 11.03
CA ARG B 54 -28.80 -12.03 12.34
C ARG B 54 -28.84 -10.90 13.37
N GLY B 55 -28.73 -9.67 12.89
CA GLY B 55 -28.81 -8.50 13.75
C GLY B 55 -30.24 -7.99 13.87
N GLN B 56 -31.11 -8.52 13.02
CA GLN B 56 -32.51 -8.09 12.98
C GLN B 56 -33.34 -9.17 12.28
N PRO B 57 -34.66 -9.24 12.57
CA PRO B 57 -35.42 -10.42 12.16
C PRO B 57 -35.95 -10.44 10.72
N LYS B 58 -35.89 -9.34 9.99
CA LYS B 58 -36.40 -9.33 8.62
C LYS B 58 -35.39 -9.90 7.64
N ILE B 59 -35.76 -10.98 6.95
CA ILE B 59 -34.90 -11.61 5.97
C ILE B 59 -34.67 -10.65 4.78
N GLY B 60 -33.43 -10.55 4.31
CA GLY B 60 -33.16 -9.81 3.10
C GLY B 60 -31.93 -8.92 3.10
N THR B 61 -31.46 -8.51 4.28
CA THR B 61 -30.26 -7.69 4.33
C THR B 61 -29.03 -8.46 3.85
N TYR B 62 -29.14 -9.79 3.80
CA TYR B 62 -28.05 -10.61 3.29
C TYR B 62 -27.88 -10.37 1.79
N GLN B 63 -28.91 -9.80 1.15
CA GLN B 63 -28.86 -9.51 -0.28
C GLN B 63 -28.34 -8.12 -0.58
N GLY B 64 -28.01 -7.36 0.46
CA GLY B 64 -27.48 -6.03 0.31
C GLY B 64 -26.26 -5.88 -0.60
N PRO B 65 -25.20 -6.68 -0.35
CA PRO B 65 -24.01 -6.58 -1.20
C PRO B 65 -24.30 -6.85 -2.68
N GLU B 66 -25.17 -7.82 -2.95
CA GLU B 66 -25.51 -8.17 -4.33
C GLU B 66 -26.31 -7.07 -5.02
N LEU B 67 -27.14 -6.35 -4.27
CA LEU B 67 -27.90 -5.24 -4.82
C LEU B 67 -26.97 -4.16 -5.38
N ILE B 68 -25.81 -4.00 -4.77
CA ILE B 68 -24.84 -3.01 -5.21
C ILE B 68 -23.96 -3.58 -6.34
N ARG B 69 -23.59 -4.85 -6.23
CA ARG B 69 -22.83 -5.51 -7.30
C ARG B 69 -23.63 -5.59 -8.59
N LYS B 70 -24.95 -5.74 -8.47
CA LYS B 70 -25.82 -5.81 -9.64
C LYS B 70 -26.07 -4.45 -10.28
N SER B 71 -25.72 -3.39 -9.58
CA SER B 71 -25.92 -2.04 -10.10
C SER B 71 -24.78 -1.64 -11.02
N ASN B 72 -24.80 -0.39 -11.47
CA ASN B 72 -23.73 0.13 -12.30
C ASN B 72 -22.65 0.83 -11.47
N PHE B 73 -22.61 0.54 -10.18
CA PHE B 73 -21.66 1.17 -9.26
C PHE B 73 -20.20 1.03 -9.71
N PHE B 74 -19.77 -0.21 -9.95
CA PHE B 74 -18.39 -0.47 -10.35
C PHE B 74 -18.03 0.23 -11.66
N GLN B 75 -18.97 0.19 -12.62
CA GLN B 75 -18.77 0.85 -13.91
C GLN B 75 -18.64 2.36 -13.76
N LEU B 76 -19.49 2.96 -12.93
CA LEU B 76 -19.49 4.40 -12.75
C LEU B 76 -18.25 4.89 -12.02
N VAL B 77 -17.76 4.08 -11.08
CA VAL B 77 -16.55 4.39 -10.33
C VAL B 77 -15.33 4.30 -11.24
N ALA B 78 -15.29 3.28 -12.08
CA ALA B 78 -14.22 3.12 -13.05
C ALA B 78 -14.20 4.31 -14.00
N GLU B 79 -15.38 4.78 -14.37
CA GLU B 79 -15.53 5.91 -15.28
C GLU B 79 -14.85 7.17 -14.75
N ASP B 80 -14.88 7.35 -13.44
CA ASP B 80 -14.24 8.53 -12.82
C ASP B 80 -12.74 8.31 -12.62
N GLY B 81 -12.24 7.16 -13.06
CA GLY B 81 -10.81 6.89 -13.04
C GLY B 81 -10.30 6.23 -11.77
N ILE B 82 -11.22 5.68 -10.99
CA ILE B 82 -10.84 5.01 -9.74
C ILE B 82 -10.73 3.51 -9.94
N GLN B 83 -9.63 2.92 -9.48
CA GLN B 83 -9.47 1.47 -9.55
C GLN B 83 -10.07 0.80 -8.31
N LEU B 84 -11.21 0.13 -8.50
CA LEU B 84 -11.92 -0.51 -7.39
C LEU B 84 -11.74 -2.03 -7.43
N THR B 85 -11.17 -2.57 -6.36
CA THR B 85 -10.93 -4.01 -6.26
C THR B 85 -12.00 -4.70 -5.42
N ASP B 86 -12.69 -5.66 -6.02
CA ASP B 86 -13.69 -6.47 -5.31
C ASP B 86 -13.00 -7.48 -4.40
N CYS B 87 -13.14 -7.29 -3.10
CA CYS B 87 -12.47 -8.16 -2.13
C CYS B 87 -13.39 -9.27 -1.62
N GLY B 88 -14.50 -9.49 -2.31
CA GLY B 88 -15.41 -10.57 -1.98
C GLY B 88 -16.35 -10.29 -0.83
N ASP B 89 -16.93 -11.35 -0.27
CA ASP B 89 -17.83 -11.24 0.87
C ASP B 89 -17.24 -11.92 2.09
N ILE B 90 -17.54 -11.38 3.26
CA ILE B 90 -17.28 -12.10 4.50
C ILE B 90 -18.45 -13.06 4.70
N ILE B 91 -18.16 -14.27 5.17
CA ILE B 91 -19.20 -15.23 5.50
C ILE B 91 -19.56 -15.10 6.97
N PRO B 92 -20.78 -14.60 7.26
CA PRO B 92 -21.17 -14.45 8.67
C PRO B 92 -21.36 -15.80 9.35
N VAL B 93 -21.12 -15.86 10.66
CA VAL B 93 -21.43 -17.06 11.42
C VAL B 93 -22.91 -17.05 11.77
N GLU B 94 -23.65 -17.98 11.22
CA GLU B 94 -25.08 -18.08 11.50
C GLU B 94 -25.38 -19.40 12.18
N LEU B 95 -25.33 -19.41 13.51
CA LEU B 95 -25.54 -20.61 14.29
C LEU B 95 -26.97 -21.12 14.15
N ASN B 96 -27.16 -22.40 14.45
CA ASN B 96 -28.49 -22.96 14.53
C ASN B 96 -29.17 -22.39 15.77
N GLU B 97 -30.49 -22.24 15.71
CA GLU B 97 -31.27 -21.68 16.83
C GLU B 97 -30.95 -22.36 18.16
N ALA B 98 -30.81 -23.69 18.12
CA ALA B 98 -30.55 -24.47 19.33
C ALA B 98 -29.17 -24.17 19.90
N GLU B 99 -28.25 -23.72 19.04
CA GLU B 99 -26.90 -23.38 19.46
C GLU B 99 -26.80 -21.97 20.03
N ASP B 100 -27.82 -21.15 19.79
CA ASP B 100 -27.73 -19.73 20.07
C ASP B 100 -28.98 -19.20 20.76
N PRO B 101 -29.26 -19.67 21.98
CA PRO B 101 -30.46 -19.20 22.68
C PRO B 101 -30.28 -17.77 23.17
N GLN B 102 -31.36 -17.13 23.58
CA GLN B 102 -31.28 -15.76 24.09
C GLN B 102 -30.45 -15.70 25.36
N ARG B 103 -29.60 -14.69 25.43
CA ARG B 103 -28.85 -14.40 26.65
C ARG B 103 -28.97 -12.91 26.95
N PHE B 104 -29.45 -12.59 28.14
CA PHE B 104 -29.69 -11.21 28.56
C PHE B 104 -30.59 -10.48 27.56
N GLY B 105 -31.59 -11.18 27.04
CA GLY B 105 -32.53 -10.60 26.10
C GLY B 105 -32.04 -10.54 24.66
N MET B 106 -30.74 -10.71 24.46
CA MET B 106 -30.13 -10.59 23.14
C MET B 106 -30.48 -11.75 22.23
N LYS B 107 -30.86 -11.43 21.00
CA LYS B 107 -31.14 -12.45 20.00
C LYS B 107 -29.90 -12.73 19.13
N TRP B 108 -29.54 -14.00 19.00
CA TRP B 108 -28.38 -14.42 18.21
C TRP B 108 -27.08 -13.78 18.67
N SER B 109 -26.84 -13.77 19.97
CA SER B 109 -25.67 -13.08 20.52
C SER B 109 -24.37 -13.82 20.25
N ARG B 110 -24.42 -15.15 20.16
CA ARG B 110 -23.21 -15.91 19.93
C ARG B 110 -22.86 -15.91 18.44
N SER B 111 -23.87 -15.86 17.59
CA SER B 111 -23.64 -15.63 16.16
C SER B 111 -22.98 -14.26 16.00
N PHE B 112 -23.44 -13.30 16.80
CA PHE B 112 -22.91 -11.94 16.77
C PHE B 112 -21.44 -11.87 17.16
N SER B 113 -21.09 -12.47 18.30
CA SER B 113 -19.72 -12.40 18.81
C SER B 113 -18.74 -13.10 17.86
N LEU B 114 -19.14 -14.26 17.35
CA LEU B 114 -18.31 -15.00 16.38
C LEU B 114 -18.16 -14.23 15.07
N THR B 115 -19.26 -13.67 14.58
CA THR B 115 -19.25 -12.90 13.35
C THR B 115 -18.40 -11.63 13.50
N THR B 116 -18.55 -10.97 14.65
CA THR B 116 -17.79 -9.76 14.95
C THR B 116 -16.28 -10.00 14.87
N LEU B 117 -15.82 -11.07 15.51
CA LEU B 117 -14.42 -11.42 15.50
C LEU B 117 -13.93 -11.75 14.09
N ARG B 118 -14.76 -12.44 13.32
CA ARG B 118 -14.41 -12.80 11.95
C ARG B 118 -14.33 -11.56 11.04
N ILE B 119 -15.25 -10.63 11.24
CA ILE B 119 -15.25 -9.38 10.48
C ILE B 119 -14.01 -8.55 10.80
N ALA B 120 -13.71 -8.41 12.09
CA ALA B 120 -12.59 -7.59 12.55
C ALA B 120 -11.27 -8.08 11.98
N GLU B 121 -11.08 -9.40 11.93
CA GLU B 121 -9.87 -9.98 11.38
C GLU B 121 -9.65 -9.59 9.93
N ARG B 122 -10.69 -9.76 9.11
CA ARG B 122 -10.60 -9.47 7.69
C ARG B 122 -10.43 -7.98 7.43
N VAL B 123 -11.17 -7.16 8.14
CA VAL B 123 -11.07 -5.71 7.96
C VAL B 123 -9.68 -5.22 8.37
N GLU B 124 -9.17 -5.72 9.49
CA GLU B 124 -7.82 -5.36 9.92
C GLU B 124 -6.79 -5.73 8.86
N GLU B 125 -6.93 -6.90 8.26
CA GLU B 125 -6.02 -7.35 7.23
C GLU B 125 -6.05 -6.41 6.02
N LEU B 126 -7.27 -6.06 5.59
CA LEU B 126 -7.44 -5.18 4.45
C LEU B 126 -6.88 -3.79 4.72
N MET B 127 -7.07 -3.30 5.94
CA MET B 127 -6.62 -1.96 6.30
C MET B 127 -5.10 -1.87 6.45
N LYS B 128 -4.48 -2.97 6.85
CA LYS B 128 -3.04 -2.98 7.08
C LYS B 128 -2.25 -3.17 5.80
N GLN B 129 -2.85 -3.82 4.81
CA GLN B 129 -2.23 -3.93 3.50
C GLN B 129 -2.33 -2.58 2.81
N SER B 130 -3.26 -1.74 3.28
CA SER B 130 -3.50 -0.44 2.71
C SER B 130 -2.59 0.61 3.37
N ASN B 131 -1.81 0.17 4.36
CA ASN B 131 -0.88 1.05 5.05
C ASN B 131 0.53 0.88 4.53
N LYS B 141 -1.92 9.42 -1.05
CA LYS B 141 -3.18 8.83 -1.47
C LYS B 141 -3.44 7.50 -0.78
N SER B 142 -4.43 7.48 0.10
CA SER B 142 -4.80 6.27 0.82
C SER B 142 -5.88 5.51 0.06
N THR B 143 -6.11 4.26 0.44
CA THR B 143 -7.10 3.42 -0.23
C THR B 143 -8.30 3.15 0.66
N PRO B 144 -9.42 3.82 0.39
CA PRO B 144 -10.63 3.61 1.20
C PRO B 144 -11.20 2.20 1.04
N LEU B 145 -11.80 1.70 2.11
CA LEU B 145 -12.51 0.44 2.05
C LEU B 145 -13.99 0.71 2.04
N VAL B 146 -14.67 0.27 0.98
CA VAL B 146 -16.12 0.41 0.87
C VAL B 146 -16.79 -0.89 1.31
N ILE B 147 -17.58 -0.82 2.37
CA ILE B 147 -18.28 -2.00 2.88
C ILE B 147 -19.79 -1.89 2.67
N VAL B 148 -20.39 -2.91 2.08
CA VAL B 148 -21.84 -2.94 1.93
C VAL B 148 -22.46 -4.08 2.74
N GLY B 149 -23.37 -3.72 3.66
CA GLY B 149 -24.09 -4.70 4.44
C GLY B 149 -25.32 -5.18 3.71
N GLY B 150 -26.15 -6.00 4.36
CA GLY B 150 -25.93 -6.40 5.74
C GLY B 150 -26.57 -5.45 6.74
N ASP B 151 -27.13 -5.99 7.82
CA ASP B 151 -27.69 -5.13 8.86
C ASP B 151 -26.55 -4.53 9.67
N HIS B 152 -26.87 -3.54 10.48
CA HIS B 152 -25.85 -2.69 11.11
C HIS B 152 -25.07 -3.34 12.26
N SER B 153 -25.43 -4.57 12.62
CA SER B 153 -24.70 -5.27 13.68
C SER B 153 -23.25 -5.51 13.25
N MET B 154 -23.01 -5.48 11.95
CA MET B 154 -21.67 -5.67 11.40
C MET B 154 -20.68 -4.60 11.85
N ALA B 155 -21.20 -3.46 12.28
CA ALA B 155 -20.38 -2.29 12.62
C ALA B 155 -19.44 -2.55 13.78
N THR B 156 -19.84 -3.41 14.72
CA THR B 156 -18.97 -3.74 15.84
C THR B 156 -17.71 -4.38 15.31
N GLY B 157 -17.87 -5.28 14.34
CA GLY B 157 -16.75 -5.98 13.75
C GLY B 157 -15.89 -5.07 12.88
N THR B 158 -16.53 -4.24 12.05
CA THR B 158 -15.79 -3.40 11.12
C THR B 158 -14.98 -2.35 11.84
N ILE B 159 -15.57 -1.73 12.87
CA ILE B 159 -14.87 -0.68 13.62
C ILE B 159 -13.74 -1.29 14.47
N LEU B 160 -14.00 -2.46 15.06
CA LEU B 160 -12.99 -3.16 15.83
C LEU B 160 -11.74 -3.44 14.98
N GLY B 161 -11.94 -3.99 13.79
CA GLY B 161 -10.85 -4.30 12.89
C GLY B 161 -10.18 -3.04 12.35
N HIS B 162 -10.99 -2.03 12.04
CA HIS B 162 -10.50 -0.75 11.54
C HIS B 162 -9.62 -0.09 12.62
N ALA B 163 -10.12 -0.09 13.85
CA ALA B 163 -9.41 0.53 14.97
C ALA B 163 -8.11 -0.19 15.28
N GLU B 164 -8.07 -1.50 15.01
CA GLU B 164 -6.87 -2.27 15.28
C GLU B 164 -5.73 -1.80 14.38
N ALA B 165 -6.09 -1.40 13.16
CA ALA B 165 -5.12 -0.86 12.23
C ALA B 165 -4.92 0.64 12.43
N LYS B 166 -6.00 1.33 12.81
CA LYS B 166 -5.95 2.78 13.01
C LYS B 166 -6.63 3.17 14.32
N PRO B 167 -5.88 3.08 15.43
CA PRO B 167 -6.37 3.26 16.80
C PRO B 167 -6.97 4.64 17.09
N ASP B 168 -6.53 5.66 16.36
CA ASP B 168 -6.97 7.03 16.63
C ASP B 168 -8.09 7.50 15.72
N LEU B 169 -8.80 6.58 15.07
CA LEU B 169 -9.86 6.96 14.15
C LEU B 169 -11.01 7.68 14.85
N CYS B 170 -11.84 8.35 14.06
CA CYS B 170 -13.09 8.88 14.56
C CYS B 170 -14.22 8.22 13.78
N VAL B 171 -15.44 8.31 14.32
CA VAL B 171 -16.58 7.65 13.71
C VAL B 171 -17.71 8.66 13.44
N LEU B 172 -18.17 8.70 12.20
CA LEU B 172 -19.35 9.48 11.85
C LEU B 172 -20.50 8.52 11.59
N TRP B 173 -21.52 8.58 12.44
CA TRP B 173 -22.61 7.62 12.40
C TRP B 173 -23.87 8.28 11.84
N ILE B 174 -24.21 7.95 10.60
CA ILE B 174 -25.35 8.55 9.91
C ILE B 174 -26.53 7.59 10.00
N ASP B 175 -27.56 7.97 10.75
CA ASP B 175 -28.60 7.03 11.12
C ASP B 175 -29.81 7.74 11.70
N ALA B 176 -30.99 7.16 11.50
CA ALA B 176 -32.18 7.63 12.20
C ALA B 176 -32.13 7.19 13.65
N HIS B 177 -31.34 6.15 13.92
CA HIS B 177 -31.31 5.52 15.25
C HIS B 177 -29.92 5.61 15.89
N GLY B 178 -29.87 5.43 17.20
CA GLY B 178 -28.62 5.53 17.94
C GLY B 178 -27.73 4.30 17.83
N ASP B 179 -28.35 3.13 17.66
CA ASP B 179 -27.63 1.86 17.58
C ASP B 179 -26.64 1.68 18.75
N ILE B 180 -27.02 2.21 19.91
CA ILE B 180 -26.12 2.24 21.04
C ILE B 180 -26.83 1.78 22.32
N ASN B 181 -27.93 1.06 22.15
CA ASN B 181 -28.57 0.40 23.27
C ASN B 181 -27.64 -0.64 23.91
N THR B 182 -27.51 -0.58 25.21
CA THR B 182 -26.95 -1.65 25.99
C THR B 182 -27.94 -2.80 26.11
N PRO B 183 -27.35 -4.07 26.25
CA PRO B 183 -28.30 -5.19 26.14
C PRO B 183 -29.45 -5.25 27.12
N LEU B 184 -29.26 -4.90 28.37
CA LEU B 184 -30.31 -4.92 29.32
C LEU B 184 -31.36 -3.83 29.13
N ASN B 185 -31.07 -2.82 28.34
CA ASN B 185 -32.04 -1.82 27.94
C ASN B 185 -32.81 -2.03 26.61
N SER B 186 -32.43 -3.03 25.82
CA SER B 186 -33.03 -3.20 24.53
C SER B 186 -34.33 -3.96 24.64
N ALA B 187 -35.40 -3.28 24.34
CA ALA B 187 -36.70 -3.91 24.27
C ALA B 187 -36.76 -4.99 23.18
N SER B 188 -36.11 -4.75 22.07
CA SER B 188 -36.22 -5.61 20.91
C SER B 188 -35.29 -6.84 20.98
N GLY B 189 -34.10 -6.64 21.54
CA GLY B 189 -33.12 -7.70 21.60
C GLY B 189 -32.40 -7.88 20.28
N ASN B 190 -32.68 -6.99 19.33
CA ASN B 190 -32.05 -7.04 18.01
C ASN B 190 -30.66 -6.40 18.04
N MET B 191 -29.65 -7.17 17.65
CA MET B 191 -28.26 -6.75 17.78
C MET B 191 -27.89 -5.54 16.89
N HIS B 192 -28.66 -5.30 15.82
CA HIS B 192 -28.34 -4.15 14.97
C HIS B 192 -28.66 -2.84 15.70
N GLY B 193 -29.34 -2.96 16.84
CA GLY B 193 -29.62 -1.80 17.67
C GLY B 193 -28.61 -1.61 18.80
N MET B 194 -27.61 -2.48 18.88
CA MET B 194 -26.59 -2.39 19.93
C MET B 194 -25.10 -2.25 19.52
N PRO B 195 -24.78 -2.14 18.20
CA PRO B 195 -23.35 -2.37 17.90
C PRO B 195 -22.36 -1.37 18.53
N LEU B 196 -22.79 -0.14 18.79
CA LEU B 196 -21.89 0.86 19.35
C LEU B 196 -21.60 0.67 20.83
N SER B 197 -22.56 0.09 21.56
CA SER B 197 -22.44 -0.05 23.00
C SER B 197 -21.28 -0.95 23.42
N PHE B 198 -20.93 -1.93 22.58
CA PHE B 198 -19.83 -2.83 22.86
C PHE B 198 -18.48 -2.19 22.59
N LEU B 199 -18.48 -1.10 21.85
CA LEU B 199 -17.24 -0.45 21.41
C LEU B 199 -16.85 0.73 22.28
N VAL B 200 -17.82 1.34 22.94
CA VAL B 200 -17.58 2.58 23.67
C VAL B 200 -17.10 2.31 25.09
N LYS B 201 -15.87 2.72 25.36
CA LYS B 201 -15.20 2.50 26.65
C LYS B 201 -16.05 2.94 27.84
N GLU B 202 -16.67 4.11 27.72
CA GLU B 202 -17.43 4.69 28.82
C GLU B 202 -18.71 3.92 29.17
N LEU B 203 -19.08 2.95 28.33
CA LEU B 203 -20.32 2.20 28.55
C LEU B 203 -20.08 0.76 29.05
N GLN B 204 -18.84 0.42 29.36
CA GLN B 204 -18.49 -0.97 29.61
C GLN B 204 -19.00 -1.53 30.95
N ASP B 205 -19.40 -0.67 31.86
CA ASP B 205 -20.01 -1.15 33.10
C ASP B 205 -21.50 -1.42 32.88
N GLN B 206 -21.93 -1.25 31.64
CA GLN B 206 -23.32 -1.48 31.27
C GLN B 206 -23.45 -2.69 30.34
N ILE B 207 -22.30 -3.24 29.96
CA ILE B 207 -22.28 -4.46 29.15
C ILE B 207 -22.09 -5.68 30.04
N PRO B 208 -23.08 -6.60 30.01
CA PRO B 208 -22.99 -7.83 30.82
C PRO B 208 -21.82 -8.70 30.38
N TRP B 209 -21.11 -9.29 31.33
CA TRP B 209 -19.99 -10.16 30.97
C TRP B 209 -20.49 -11.46 30.35
N LEU B 210 -19.94 -11.77 29.18
CA LEU B 210 -20.16 -13.06 28.53
C LEU B 210 -18.81 -13.54 28.00
N ASP B 211 -18.50 -14.80 28.26
CA ASP B 211 -17.18 -15.34 27.95
C ASP B 211 -16.80 -15.21 26.47
N ASP B 212 -17.76 -15.45 25.59
CA ASP B 212 -17.48 -15.40 24.16
C ASP B 212 -17.33 -13.96 23.64
N PHE B 213 -17.60 -12.99 24.52
CA PHE B 213 -17.47 -11.57 24.16
C PHE B 213 -16.12 -10.97 24.59
N GLU B 214 -15.22 -11.80 25.13
CA GLU B 214 -13.95 -11.30 25.65
C GLU B 214 -13.10 -10.62 24.58
N GLY B 215 -13.10 -11.19 23.38
CA GLY B 215 -12.29 -10.69 22.29
C GLY B 215 -12.79 -9.36 21.73
N ILE B 216 -14.03 -9.03 22.05
CA ILE B 216 -14.61 -7.77 21.60
C ILE B 216 -14.26 -6.66 22.60
N LYS B 217 -13.11 -6.04 22.40
CA LYS B 217 -12.65 -5.00 23.31
C LYS B 217 -13.07 -3.61 22.84
N PRO B 218 -13.60 -2.80 23.78
CA PRO B 218 -14.00 -1.42 23.51
C PRO B 218 -12.82 -0.60 22.98
N CYS B 219 -12.99 0.00 21.81
CA CYS B 219 -11.90 0.69 21.15
C CYS B 219 -12.22 2.15 20.84
N LEU B 220 -13.40 2.59 21.27
CA LEU B 220 -13.82 3.97 21.04
C LEU B 220 -14.02 4.74 22.33
N ASN B 221 -13.55 5.98 22.37
CA ASN B 221 -13.98 6.92 23.39
C ASN B 221 -15.21 7.64 22.88
N ALA B 222 -16.09 8.05 23.80
CA ALA B 222 -17.33 8.73 23.43
C ALA B 222 -17.05 10.01 22.64
N SER B 223 -15.88 10.60 22.88
CA SER B 223 -15.49 11.84 22.22
C SER B 223 -15.09 11.63 20.76
N ASN B 224 -15.02 10.37 20.33
CA ASN B 224 -14.60 10.06 18.97
C ASN B 224 -15.77 9.84 18.01
N ILE B 225 -16.99 9.90 18.53
CA ILE B 225 -18.19 9.62 17.75
C ILE B 225 -19.08 10.85 17.55
N ALA B 226 -19.57 11.03 16.32
CA ALA B 226 -20.58 12.05 16.04
C ALA B 226 -21.73 11.46 15.21
N TYR B 227 -22.95 11.75 15.64
CA TYR B 227 -24.16 11.32 14.93
C TYR B 227 -24.69 12.39 13.99
N ILE B 228 -25.21 11.98 12.83
CA ILE B 228 -26.02 12.87 12.01
C ILE B 228 -27.29 12.15 11.55
N GLY B 229 -28.44 12.78 11.79
CA GLY B 229 -29.68 12.32 11.21
C GLY B 229 -30.67 11.66 12.16
N LEU B 230 -30.35 11.65 13.44
CA LEU B 230 -31.18 10.96 14.44
C LEU B 230 -32.62 11.50 14.50
N ARG B 231 -33.59 10.61 14.64
CA ARG B 231 -34.98 11.04 14.80
C ARG B 231 -35.85 10.01 15.52
N ASP B 232 -35.27 8.89 15.94
CA ASP B 232 -36.04 7.89 16.66
C ASP B 232 -35.19 7.18 17.72
N LEU B 233 -34.60 7.96 18.61
CA LEU B 233 -33.82 7.43 19.73
C LEU B 233 -34.69 6.78 20.79
N ASP B 234 -34.18 5.70 21.39
CA ASP B 234 -34.78 5.18 22.61
C ASP B 234 -34.32 6.05 23.77
N ALA B 235 -35.14 6.15 24.81
CA ALA B 235 -34.85 7.05 25.93
C ALA B 235 -33.52 6.77 26.60
N HIS B 236 -33.17 5.49 26.72
CA HIS B 236 -31.91 5.13 27.35
C HIS B 236 -30.71 5.42 26.45
N GLU B 237 -30.94 5.46 25.14
CA GLU B 237 -29.91 5.91 24.21
C GLU B 237 -29.66 7.41 24.42
N THR B 238 -30.75 8.16 24.48
CA THR B 238 -30.69 9.60 24.76
C THR B 238 -29.93 9.88 26.04
N HIS B 239 -30.21 9.10 27.08
CA HIS B 239 -29.54 9.27 28.37
C HIS B 239 -28.03 9.09 28.26
N ASP B 240 -27.61 7.99 27.65
CA ASP B 240 -26.19 7.66 27.52
C ASP B 240 -25.47 8.65 26.61
N ILE B 241 -26.11 9.06 25.52
CA ILE B 241 -25.51 9.98 24.58
C ILE B 241 -25.25 11.33 25.24
N ARG B 242 -26.20 11.81 26.03
CA ARG B 242 -26.04 13.09 26.70
C ARG B 242 -25.10 12.98 27.90
N LYS B 243 -25.24 11.90 28.67
CA LYS B 243 -24.41 11.69 29.85
C LYS B 243 -22.92 11.69 29.50
N HIS B 244 -22.56 11.02 28.41
CA HIS B 244 -21.16 10.83 28.07
C HIS B 244 -20.69 11.81 26.99
N GLY B 245 -21.51 12.81 26.71
CA GLY B 245 -21.14 13.89 25.83
C GLY B 245 -20.81 13.47 24.40
N ILE B 246 -21.55 12.49 23.89
CA ILE B 246 -21.39 12.12 22.49
C ILE B 246 -22.00 13.22 21.62
N ALA B 247 -21.21 13.73 20.67
CA ALA B 247 -21.70 14.74 19.75
C ALA B 247 -22.82 14.15 18.89
N TYR B 248 -23.93 14.86 18.79
CA TYR B 248 -25.04 14.34 18.00
C TYR B 248 -25.88 15.46 17.39
N PHE B 249 -26.20 15.28 16.11
CA PHE B 249 -26.97 16.26 15.36
C PHE B 249 -28.18 15.59 14.75
N THR B 250 -29.33 15.84 15.35
CA THR B 250 -30.57 15.18 14.94
C THR B 250 -31.21 15.91 13.77
N MET B 251 -32.35 15.39 13.29
CA MET B 251 -33.06 16.04 12.20
C MET B 251 -33.57 17.41 12.64
N LEU B 252 -33.82 17.56 13.94
CA LEU B 252 -34.14 18.87 14.50
C LEU B 252 -32.98 19.86 14.28
N ASP B 253 -31.76 19.41 14.53
CA ASP B 253 -30.57 20.24 14.31
C ASP B 253 -30.36 20.54 12.84
N VAL B 254 -30.60 19.55 11.98
CA VAL B 254 -30.47 19.74 10.54
C VAL B 254 -31.47 20.79 10.06
N ASP B 255 -32.69 20.75 10.60
CA ASP B 255 -33.71 21.72 10.25
C ASP B 255 -33.33 23.13 10.68
N ARG B 256 -32.86 23.26 11.92
CA ARG B 256 -32.54 24.58 12.44
CA ARG B 256 -32.50 24.56 12.50
C ARG B 256 -31.20 25.12 11.96
N MET B 257 -30.20 24.24 11.78
CA MET B 257 -28.86 24.68 11.41
C MET B 257 -28.57 24.61 9.92
N GLY B 258 -29.22 23.69 9.23
CA GLY B 258 -28.88 23.41 7.84
C GLY B 258 -27.78 22.36 7.82
N ILE B 259 -27.77 21.52 6.79
CA ILE B 259 -26.85 20.39 6.76
C ILE B 259 -25.39 20.83 6.63
N GLU B 260 -25.15 21.97 5.99
CA GLU B 260 -23.77 22.46 5.81
C GLU B 260 -23.12 22.73 7.16
N ALA B 261 -23.85 23.39 8.05
CA ALA B 261 -23.32 23.71 9.37
C ALA B 261 -23.22 22.45 10.24
N VAL B 262 -24.17 21.55 10.08
CA VAL B 262 -24.16 20.30 10.82
C VAL B 262 -22.92 19.47 10.48
N ILE B 263 -22.62 19.36 9.19
CA ILE B 263 -21.43 18.64 8.74
C ILE B 263 -20.15 19.26 9.30
N LYS B 264 -20.08 20.58 9.26
CA LYS B 264 -18.90 21.29 9.76
C LYS B 264 -18.72 21.07 11.26
N GLU B 265 -19.80 21.17 12.01
CA GLU B 265 -19.76 21.03 13.47
C GLU B 265 -19.45 19.59 13.88
N ALA B 266 -19.94 18.63 13.10
CA ALA B 266 -19.68 17.22 13.38
C ALA B 266 -18.20 16.90 13.20
N LEU B 267 -17.63 17.38 12.11
CA LEU B 267 -16.21 17.16 11.84
C LEU B 267 -15.35 17.92 12.85
N LEU B 268 -15.78 19.13 13.21
CA LEU B 268 -15.11 19.89 14.25
C LEU B 268 -15.07 19.13 15.57
N ALA B 269 -16.18 18.48 15.91
CA ALA B 269 -16.33 17.81 17.20
C ALA B 269 -15.40 16.60 17.36
N VAL B 270 -15.23 15.81 16.31
CA VAL B 270 -14.45 14.57 16.45
C VAL B 270 -13.19 14.52 15.58
N ASN B 271 -13.04 15.45 14.66
CA ASN B 271 -11.84 15.50 13.81
C ASN B 271 -11.42 16.93 13.46
N PRO B 272 -11.16 17.76 14.49
CA PRO B 272 -11.06 19.23 14.32
C PRO B 272 -9.97 19.72 13.36
N ARG B 273 -8.89 18.97 13.20
CA ARG B 273 -7.82 19.42 12.30
C ARG B 273 -7.53 18.37 11.23
N LEU B 274 -8.52 17.52 10.97
CA LEU B 274 -8.42 16.46 9.98
C LEU B 274 -7.18 15.59 10.20
N GLU B 275 -6.87 15.34 11.46
CA GLU B 275 -5.72 14.51 11.83
C GLU B 275 -6.07 13.03 11.85
N LYS B 276 -7.36 12.73 12.03
CA LYS B 276 -7.79 11.34 12.23
C LYS B 276 -8.41 10.71 10.99
N ALA B 277 -8.17 9.40 10.82
CA ALA B 277 -8.86 8.61 9.82
C ALA B 277 -10.35 8.56 10.17
N ILE B 278 -11.20 8.55 9.16
CA ILE B 278 -12.65 8.55 9.40
C ILE B 278 -13.28 7.22 9.05
N HIS B 279 -14.06 6.70 9.98
CA HIS B 279 -14.95 5.57 9.73
C HIS B 279 -16.36 6.12 9.55
N LEU B 280 -16.83 6.14 8.31
CA LEU B 280 -18.19 6.61 8.02
C LEU B 280 -19.17 5.45 8.02
N SER B 281 -20.03 5.40 9.04
CA SER B 281 -21.03 4.35 9.12
C SER B 281 -22.40 4.90 8.73
N PHE B 282 -22.81 4.58 7.50
CA PHE B 282 -24.02 5.14 6.90
C PHE B 282 -25.15 4.12 6.89
N ASP B 283 -26.14 4.31 7.76
CA ASP B 283 -27.35 3.52 7.72
C ASP B 283 -28.25 4.12 6.64
N ILE B 284 -28.67 3.31 5.69
CA ILE B 284 -29.49 3.82 4.60
C ILE B 284 -30.81 4.44 5.11
N ASP B 285 -31.25 4.05 6.31
CA ASP B 285 -32.50 4.59 6.83
C ASP B 285 -32.33 5.98 7.43
N ALA B 286 -31.11 6.52 7.36
CA ALA B 286 -30.90 7.93 7.70
C ALA B 286 -31.63 8.79 6.67
N LEU B 287 -31.64 8.30 5.43
CA LEU B 287 -32.35 8.95 4.34
C LEU B 287 -33.86 8.77 4.48
N ASP B 288 -34.60 9.75 3.98
CA ASP B 288 -36.06 9.69 4.01
C ASP B 288 -36.59 8.47 3.25
N PRO B 289 -37.62 7.81 3.80
CA PRO B 289 -38.26 6.64 3.16
C PRO B 289 -38.72 6.89 1.71
N LEU B 290 -38.92 8.16 1.35
CA LEU B 290 -39.31 8.50 -0.02
C LEU B 290 -38.21 8.17 -1.02
N VAL B 291 -36.96 8.16 -0.57
CA VAL B 291 -35.85 7.84 -1.47
C VAL B 291 -35.16 6.52 -1.11
N ALA B 292 -35.39 6.03 0.11
CA ALA B 292 -34.84 4.74 0.51
C ALA B 292 -35.87 3.92 1.28
N PRO B 293 -36.92 3.46 0.59
CA PRO B 293 -38.00 2.72 1.26
C PRO B 293 -37.65 1.29 1.61
N SER B 294 -36.72 0.66 0.89
CA SER B 294 -36.43 -0.76 1.10
C SER B 294 -35.42 -0.98 2.21
N THR B 295 -35.89 -0.78 3.45
CA THR B 295 -35.04 -0.94 4.62
C THR B 295 -35.94 -1.31 5.79
N GLY B 296 -35.38 -1.99 6.79
CA GLY B 296 -36.18 -2.60 7.85
C GLY B 296 -36.87 -1.68 8.83
N THR B 297 -36.23 -0.57 9.20
CA THR B 297 -36.81 0.34 10.18
C THR B 297 -36.87 1.77 9.65
N ALA B 298 -37.72 1.98 8.66
CA ALA B 298 -37.85 3.28 8.00
C ALA B 298 -38.53 4.29 8.94
N VAL B 299 -38.02 5.52 8.95
CA VAL B 299 -38.59 6.57 9.78
C VAL B 299 -38.79 7.83 8.94
N PRO B 300 -40.03 8.33 8.85
CA PRO B 300 -40.36 9.53 8.08
C PRO B 300 -39.58 10.77 8.54
N GLY B 301 -39.41 11.73 7.63
CA GLY B 301 -38.75 12.98 7.94
C GLY B 301 -37.23 12.88 7.99
N GLY B 302 -36.66 12.11 7.08
CA GLY B 302 -35.22 11.90 7.07
C GLY B 302 -34.45 12.89 6.22
N LEU B 303 -33.17 12.59 6.03
CA LEU B 303 -32.32 13.38 5.14
C LEU B 303 -32.83 13.23 3.70
N THR B 304 -32.82 14.32 2.96
CA THR B 304 -33.01 14.23 1.52
C THR B 304 -31.79 13.52 0.94
N LEU B 305 -31.91 13.01 -0.28
CA LEU B 305 -30.75 12.42 -0.93
C LEU B 305 -29.62 13.44 -1.03
N ARG B 306 -29.99 14.69 -1.33
CA ARG B 306 -29.01 15.77 -1.47
C ARG B 306 -28.26 16.06 -0.18
N GLU B 307 -28.97 16.02 0.95
CA GLU B 307 -28.31 16.20 2.24
C GLU B 307 -27.36 15.05 2.53
N GLY B 308 -27.79 13.84 2.20
CA GLY B 308 -26.94 12.66 2.34
C GLY B 308 -25.69 12.79 1.48
N LEU B 309 -25.88 13.29 0.26
CA LEU B 309 -24.75 13.47 -0.65
C LEU B 309 -23.76 14.50 -0.10
N ARG B 310 -24.28 15.58 0.48
CA ARG B 310 -23.42 16.63 1.03
C ARG B 310 -22.54 16.07 2.15
N ILE B 311 -23.13 15.26 3.02
CA ILE B 311 -22.38 14.59 4.08
C ILE B 311 -21.21 13.79 3.50
N CYS B 312 -21.51 12.96 2.51
CA CYS B 312 -20.51 12.07 1.92
C CYS B 312 -19.48 12.84 1.13
N GLU B 313 -19.92 13.90 0.44
CA GLU B 313 -19.01 14.72 -0.34
C GLU B 313 -18.00 15.45 0.55
N GLU B 314 -18.47 15.96 1.68
CA GLU B 314 -17.57 16.67 2.61
C GLU B 314 -16.62 15.73 3.32
N VAL B 315 -17.12 14.57 3.74
CA VAL B 315 -16.26 13.57 4.37
C VAL B 315 -15.20 13.08 3.39
N SER B 316 -15.61 12.85 2.14
CA SER B 316 -14.69 12.43 1.11
C SER B 316 -13.58 13.46 0.90
N ALA B 317 -13.97 14.73 0.86
CA ALA B 317 -13.04 15.80 0.51
C ALA B 317 -12.00 16.08 1.60
N THR B 318 -12.19 15.52 2.79
CA THR B 318 -11.20 15.67 3.85
C THR B 318 -9.88 15.00 3.50
N GLY B 319 -9.98 13.96 2.66
CA GLY B 319 -8.83 13.14 2.35
C GLY B 319 -8.62 12.07 3.41
N LYS B 320 -9.53 12.01 4.38
CA LYS B 320 -9.36 11.11 5.51
C LYS B 320 -10.38 9.98 5.57
N LEU B 321 -11.16 9.80 4.51
CA LEU B 321 -12.10 8.69 4.48
C LEU B 321 -11.33 7.38 4.41
N SER B 322 -11.44 6.58 5.47
CA SER B 322 -10.68 5.36 5.58
C SER B 322 -11.58 4.16 5.31
N VAL B 323 -12.74 4.14 5.95
CA VAL B 323 -13.75 3.13 5.71
C VAL B 323 -15.12 3.79 5.63
N VAL B 324 -15.87 3.45 4.59
CA VAL B 324 -17.29 3.78 4.58
C VAL B 324 -18.06 2.47 4.51
N GLU B 325 -19.05 2.32 5.39
CA GLU B 325 -19.92 1.16 5.35
C GLU B 325 -21.35 1.61 5.17
N LEU B 326 -22.09 0.88 4.35
CA LEU B 326 -23.48 1.19 4.08
C LEU B 326 -24.36 0.04 4.57
N ALA B 327 -25.21 0.33 5.55
CA ALA B 327 -25.96 -0.72 6.23
C ALA B 327 -27.46 -0.67 5.95
N GLU B 328 -28.10 -1.82 6.16
CA GLU B 328 -29.55 -1.98 6.23
C GLU B 328 -30.30 -1.90 4.89
N LEU B 329 -29.59 -2.07 3.79
CA LEU B 329 -30.28 -2.33 2.52
C LEU B 329 -31.00 -3.67 2.62
N ASN B 330 -32.29 -3.69 2.28
CA ASN B 330 -33.04 -4.93 2.23
C ASN B 330 -33.93 -4.99 0.98
N PRO B 331 -33.42 -5.62 -0.08
CA PRO B 331 -34.08 -5.76 -1.38
C PRO B 331 -35.37 -6.59 -1.34
N LEU B 332 -35.63 -7.26 -0.23
CA LEU B 332 -36.85 -8.06 -0.11
C LEU B 332 -38.00 -7.27 0.51
N LEU B 333 -37.76 -5.99 0.77
CA LEU B 333 -38.79 -5.12 1.30
C LEU B 333 -39.25 -4.13 0.23
N GLY B 334 -40.56 -3.93 0.14
CA GLY B 334 -41.13 -2.98 -0.79
C GLY B 334 -41.33 -3.52 -2.20
N SER B 335 -41.90 -2.69 -3.06
CA SER B 335 -42.12 -3.05 -4.46
C SER B 335 -40.81 -3.07 -5.24
N GLN B 336 -40.88 -3.53 -6.48
CA GLN B 336 -39.73 -3.49 -7.38
C GLN B 336 -39.20 -2.06 -7.51
N GLU B 337 -40.10 -1.09 -7.65
CA GLU B 337 -39.70 0.29 -7.82
C GLU B 337 -39.06 0.84 -6.53
N ASP B 338 -39.59 0.42 -5.39
CA ASP B 338 -38.98 0.76 -4.10
C ASP B 338 -37.53 0.31 -4.05
N VAL B 339 -37.29 -0.93 -4.45
CA VAL B 339 -35.95 -1.50 -4.44
C VAL B 339 -35.03 -0.74 -5.40
N LEU B 340 -35.56 -0.38 -6.57
CA LEU B 340 -34.77 0.38 -7.55
C LEU B 340 -34.42 1.77 -7.01
N LYS B 341 -35.38 2.42 -6.36
CA LYS B 341 -35.14 3.71 -5.72
C LYS B 341 -34.06 3.60 -4.65
N THR B 342 -34.17 2.56 -3.83
CA THR B 342 -33.25 2.38 -2.72
C THR B 342 -31.86 2.08 -3.24
N GLN B 343 -31.78 1.20 -4.23
CA GLN B 343 -30.53 0.86 -4.88
C GLN B 343 -29.87 2.11 -5.48
N SER B 344 -30.66 2.90 -6.20
CA SER B 344 -30.16 4.12 -6.81
C SER B 344 -29.61 5.11 -5.79
N SER B 345 -30.34 5.32 -4.69
CA SER B 345 -29.89 6.22 -3.64
C SER B 345 -28.56 5.75 -3.06
N ALA B 346 -28.45 4.45 -2.84
CA ALA B 346 -27.24 3.85 -2.28
C ALA B 346 -26.04 4.08 -3.19
N VAL B 347 -26.24 3.89 -4.49
CA VAL B 347 -25.15 4.03 -5.46
C VAL B 347 -24.65 5.48 -5.53
N HIS B 348 -25.58 6.42 -5.55
CA HIS B 348 -25.20 7.83 -5.56
C HIS B 348 -24.44 8.21 -4.29
N ILE B 349 -24.87 7.67 -3.16
CA ILE B 349 -24.22 7.90 -1.88
C ILE B 349 -22.80 7.36 -1.88
N LEU B 350 -22.64 6.12 -2.33
CA LEU B 350 -21.32 5.49 -2.35
C LEU B 350 -20.36 6.18 -3.33
N ARG B 351 -20.90 6.60 -4.47
CA ARG B 351 -20.07 7.33 -5.45
C ARG B 351 -19.55 8.63 -4.87
N ALA B 352 -20.41 9.33 -4.13
CA ALA B 352 -20.03 10.57 -3.47
C ALA B 352 -18.90 10.34 -2.47
N CYS B 353 -18.95 9.22 -1.76
CA CYS B 353 -17.91 8.87 -0.79
C CYS B 353 -16.54 8.73 -1.43
N LEU B 354 -16.51 8.16 -2.64
CA LEU B 354 -15.25 7.91 -3.31
C LEU B 354 -14.77 9.12 -4.12
N GLY B 355 -15.58 10.17 -4.14
CA GLY B 355 -15.12 11.44 -4.69
C GLY B 355 -15.85 11.96 -5.92
N HIS B 356 -16.95 11.32 -6.29
CA HIS B 356 -17.70 11.78 -7.45
C HIS B 356 -18.24 13.19 -7.22
N CYS B 357 -18.08 14.03 -8.22
CA CYS B 357 -18.48 15.43 -8.14
C CYS B 357 -19.69 15.70 -9.01
N ARG B 358 -20.75 16.21 -8.40
CA ARG B 358 -21.97 16.54 -9.14
C ARG B 358 -21.74 17.71 -10.08
N SER B 359 -20.65 18.45 -9.88
CA SER B 359 -20.33 19.57 -10.75
C SER B 359 -19.46 19.16 -11.94
N GLY B 360 -19.26 17.86 -12.10
CA GLY B 360 -18.58 17.32 -13.27
C GLY B 360 -17.13 16.95 -13.07
N HIS B 361 -16.63 16.08 -13.95
CA HIS B 361 -15.23 15.68 -13.97
C HIS B 361 -14.62 16.02 -15.32
N LEU B 362 -13.32 16.31 -15.34
CA LEU B 362 -12.61 16.57 -16.58
C LEU B 362 -12.19 15.27 -17.24
N PRO B 363 -12.09 15.25 -18.57
CA PRO B 363 -11.67 14.03 -19.27
C PRO B 363 -10.19 13.78 -19.02
N PHE B 364 -9.79 12.52 -19.01
CA PHE B 364 -8.38 12.21 -18.84
C PHE B 364 -7.60 12.55 -20.10
N LYS B 365 -8.24 12.36 -21.26
CA LYS B 365 -7.70 12.85 -22.52
C LYS B 365 -8.73 13.68 -23.27
N VAL B 366 -8.40 14.94 -23.51
CA VAL B 366 -9.29 15.84 -24.23
C VAL B 366 -9.30 15.51 -25.73
N ARG B 367 -10.48 15.24 -26.26
CA ARG B 367 -10.62 14.93 -27.69
C ARG B 367 -10.81 16.20 -28.51
N ASN B 368 -10.33 16.18 -29.75
CA ASN B 368 -10.39 17.32 -30.65
C ASN B 368 -10.48 16.88 -32.11
N LEU B 369 -11.26 17.63 -32.90
CA LEU B 369 -11.62 17.24 -34.25
C LEU B 369 -10.45 17.11 -35.22
N THR B 370 -9.47 18.00 -35.13
CA THR B 370 -8.33 17.98 -36.04
C THR B 370 -7.41 16.80 -35.75
N ASP B 371 -7.56 16.21 -34.56
CA ASP B 371 -6.85 14.97 -34.22
C ASP B 371 -7.38 13.82 -35.07
N GLN B 372 -8.62 13.96 -35.52
CA GLN B 372 -9.28 12.90 -36.26
C GLN B 372 -9.33 13.22 -37.76
N GLY B 373 -8.70 14.34 -38.12
CA GLY B 373 -8.61 14.76 -39.51
C GLY B 373 -9.96 15.09 -40.12
N ILE B 374 -10.87 15.62 -39.30
CA ILE B 374 -12.22 15.91 -39.74
C ILE B 374 -12.43 17.41 -39.95
N MET B 375 -13.08 17.77 -41.05
CA MET B 375 -13.39 19.15 -41.38
C MET B 375 -14.42 19.74 -40.42
N SER B 376 -14.03 20.77 -39.69
CA SER B 376 -14.95 21.46 -38.79
C SER B 376 -15.77 22.49 -39.56
N ARG B 377 -16.88 22.92 -38.97
CA ARG B 377 -17.69 23.97 -39.58
C ARG B 377 -16.90 25.26 -39.62
N ALA B 378 -16.15 25.52 -38.56
CA ALA B 378 -15.29 26.69 -38.49
C ALA B 378 -14.25 26.66 -39.60
N ALA B 379 -13.66 25.49 -39.82
CA ALA B 379 -12.66 25.32 -40.87
C ALA B 379 -13.26 25.52 -42.25
N HIS B 380 -14.42 24.89 -42.49
CA HIS B 380 -15.06 24.95 -43.81
C HIS B 380 -15.43 26.37 -44.21
N MET B 381 -15.76 27.21 -43.23
CA MET B 381 -16.18 28.57 -43.50
C MET B 381 -15.03 29.48 -43.94
N GLN B 382 -13.90 28.87 -44.31
CA GLN B 382 -12.76 29.61 -44.84
C GLN B 382 -12.23 28.96 -46.11
N LYS C 39 33.53 17.27 -2.61
CA LYS C 39 33.67 17.50 -1.18
C LYS C 39 33.31 16.26 -0.39
N LEU C 40 32.21 15.61 -0.77
CA LEU C 40 31.81 14.35 -0.16
C LEU C 40 32.02 13.21 -1.13
N LEU C 41 32.55 12.10 -0.63
CA LEU C 41 32.75 10.91 -1.44
C LEU C 41 31.41 10.33 -1.87
N TYR C 42 30.44 10.35 -0.96
CA TYR C 42 29.09 9.90 -1.24
C TYR C 42 28.09 10.99 -0.88
N THR C 43 27.32 11.45 -1.86
CA THR C 43 26.38 12.54 -1.64
C THR C 43 24.95 12.03 -1.44
N SER C 44 24.68 10.82 -1.89
CA SER C 44 23.39 10.20 -1.64
C SER C 44 23.55 8.71 -1.33
N ALA C 45 22.55 8.14 -0.67
CA ALA C 45 22.59 6.73 -0.31
C ALA C 45 21.18 6.15 -0.26
N ASN C 46 21.10 4.83 -0.39
CA ASN C 46 19.83 4.13 -0.25
C ASN C 46 19.78 3.36 1.07
N PHE C 47 18.59 3.24 1.64
CA PHE C 47 18.41 2.52 2.90
C PHE C 47 17.41 1.40 2.70
N LEU C 48 17.79 0.19 3.11
CA LEU C 48 16.93 -0.97 2.95
C LEU C 48 16.90 -1.83 4.21
N GLY C 49 15.70 -2.16 4.68
CA GLY C 49 15.55 -3.04 5.82
C GLY C 49 15.23 -4.46 5.38
N ILE C 50 15.89 -5.43 6.01
CA ILE C 50 15.61 -6.84 5.75
C ILE C 50 15.43 -7.57 7.07
N PRO C 51 14.18 -7.72 7.52
CA PRO C 51 13.89 -8.27 8.85
C PRO C 51 13.92 -9.81 8.94
N THR C 52 14.97 -10.43 8.42
CA THR C 52 15.14 -11.88 8.51
C THR C 52 15.18 -12.35 9.96
N ASN C 53 14.43 -13.41 10.26
CA ASN C 53 14.42 -13.97 11.61
C ASN C 53 14.36 -15.50 11.58
N ARG C 54 14.47 -16.08 10.39
CA ARG C 54 14.42 -17.53 10.25
C ARG C 54 15.80 -18.13 10.04
N GLY C 55 16.84 -17.34 10.28
CA GLY C 55 18.20 -17.83 10.19
C GLY C 55 18.72 -18.27 11.54
N GLN C 56 17.96 -17.97 12.59
CA GLN C 56 18.34 -18.29 13.96
C GLN C 56 17.08 -18.27 14.84
N PRO C 57 17.11 -18.99 15.98
CA PRO C 57 15.87 -19.25 16.74
C PRO C 57 15.38 -18.11 17.65
N LYS C 58 16.23 -17.15 17.99
CA LYS C 58 15.81 -16.09 18.90
C LYS C 58 14.98 -15.03 18.17
N ILE C 59 13.74 -14.86 18.61
CA ILE C 59 12.85 -13.87 18.01
C ILE C 59 13.34 -12.45 18.34
N GLY C 60 13.31 -11.57 17.36
CA GLY C 60 13.66 -10.19 17.60
C GLY C 60 14.50 -9.51 16.55
N THR C 61 15.22 -10.28 15.74
CA THR C 61 16.04 -9.69 14.68
C THR C 61 15.19 -9.09 13.57
N TYR C 62 13.90 -9.41 13.58
CA TYR C 62 12.98 -8.81 12.62
C TYR C 62 12.73 -7.34 12.96
N GLN C 63 13.05 -6.97 14.20
CA GLN C 63 12.87 -5.60 14.67
C GLN C 63 14.11 -4.74 14.44
N GLY C 64 15.16 -5.36 13.91
CA GLY C 64 16.40 -4.66 13.62
C GLY C 64 16.29 -3.38 12.80
N PRO C 65 15.66 -3.44 11.62
CA PRO C 65 15.51 -2.24 10.79
C PRO C 65 14.78 -1.10 11.52
N GLU C 66 13.76 -1.44 12.29
CA GLU C 66 12.98 -0.44 13.02
C GLU C 66 13.80 0.22 14.13
N LEU C 67 14.73 -0.55 14.71
CA LEU C 67 15.61 -0.02 15.74
C LEU C 67 16.43 1.15 15.20
N ILE C 68 16.80 1.07 13.92
CA ILE C 68 17.59 2.10 13.29
C ILE C 68 16.72 3.24 12.76
N ARG C 69 15.55 2.90 12.23
CA ARG C 69 14.61 3.91 11.76
C ARG C 69 14.13 4.78 12.93
N LYS C 70 13.99 4.18 14.10
CA LYS C 70 13.59 4.92 15.29
C LYS C 70 14.71 5.77 15.87
N SER C 71 15.95 5.52 15.43
CA SER C 71 17.09 6.29 15.92
C SER C 71 17.17 7.62 15.18
N ASN C 72 18.18 8.42 15.51
CA ASN C 72 18.40 9.69 14.82
C ASN C 72 19.39 9.53 13.67
N PHE C 73 19.48 8.32 13.14
CA PHE C 73 20.41 8.01 12.05
C PHE C 73 20.15 8.83 10.80
N PHE C 74 18.90 8.85 10.33
CA PHE C 74 18.54 9.59 9.12
C PHE C 74 18.84 11.08 9.25
N GLN C 75 18.48 11.64 10.39
CA GLN C 75 18.71 13.05 10.66
C GLN C 75 20.20 13.39 10.70
N LEU C 76 20.99 12.54 11.35
CA LEU C 76 22.43 12.75 11.47
C LEU C 76 23.11 12.64 10.10
N VAL C 77 22.65 11.68 9.30
CA VAL C 77 23.15 11.51 7.94
C VAL C 77 22.82 12.75 7.10
N ALA C 78 21.61 13.26 7.26
CA ALA C 78 21.16 14.46 6.55
C ALA C 78 22.04 15.66 6.87
N GLU C 79 22.45 15.75 8.13
CA GLU C 79 23.24 16.88 8.62
CA GLU C 79 23.23 16.89 8.61
C GLU C 79 24.64 16.93 8.03
N ASP C 80 25.17 15.77 7.67
CA ASP C 80 26.49 15.72 7.04
C ASP C 80 26.36 15.98 5.54
N GLY C 81 25.12 16.17 5.10
CA GLY C 81 24.85 16.59 3.74
C GLY C 81 24.60 15.45 2.77
N ILE C 82 24.25 14.29 3.30
CA ILE C 82 23.96 13.12 2.46
C ILE C 82 22.45 12.97 2.29
N GLN C 83 22.01 12.73 1.06
CA GLN C 83 20.59 12.50 0.78
C GLN C 83 20.27 11.01 0.87
N LEU C 84 19.64 10.62 1.97
CA LEU C 84 19.34 9.21 2.24
C LEU C 84 17.90 8.88 1.85
N THR C 85 17.74 7.98 0.89
CA THR C 85 16.42 7.56 0.44
C THR C 85 16.01 6.24 1.08
N ASP C 86 14.91 6.25 1.82
CA ASP C 86 14.39 5.03 2.43
C ASP C 86 13.70 4.20 1.35
N CYS C 87 14.26 3.03 1.07
CA CYS C 87 13.75 2.16 0.02
C CYS C 87 12.81 1.08 0.57
N GLY C 88 12.41 1.22 1.82
CA GLY C 88 11.45 0.31 2.44
C GLY C 88 12.07 -0.95 3.01
N ASP C 89 11.22 -1.95 3.22
CA ASP C 89 11.66 -3.25 3.75
C ASP C 89 11.38 -4.38 2.77
N ILE C 90 12.27 -5.36 2.74
CA ILE C 90 12.00 -6.61 2.06
C ILE C 90 11.10 -7.47 2.96
N ILE C 91 10.13 -8.16 2.37
CA ILE C 91 9.31 -9.10 3.14
C ILE C 91 9.84 -10.52 3.00
N PRO C 92 10.45 -11.03 4.08
CA PRO C 92 10.98 -12.41 4.01
C PRO C 92 9.87 -13.44 3.87
N VAL C 93 10.17 -14.55 3.19
CA VAL C 93 9.26 -15.67 3.13
C VAL C 93 9.42 -16.51 4.39
N GLU C 94 8.34 -16.67 5.14
CA GLU C 94 8.38 -17.45 6.37
C GLU C 94 7.32 -18.55 6.34
N LEU C 95 7.72 -19.72 5.87
CA LEU C 95 6.81 -20.87 5.77
C LEU C 95 6.54 -21.48 7.13
N ASN C 96 5.52 -22.32 7.21
CA ASN C 96 5.26 -23.04 8.46
C ASN C 96 6.03 -24.35 8.47
N GLU C 97 6.09 -24.98 9.65
CA GLU C 97 6.95 -26.14 9.85
C GLU C 97 6.63 -27.30 8.91
N ALA C 98 5.35 -27.51 8.64
CA ALA C 98 4.92 -28.56 7.73
C ALA C 98 5.44 -28.34 6.32
N GLU C 99 5.43 -27.07 5.89
CA GLU C 99 5.90 -26.70 4.55
C GLU C 99 7.41 -26.68 4.47
N ASP C 100 8.06 -26.49 5.61
CA ASP C 100 9.50 -26.26 5.63
C ASP C 100 10.19 -27.11 6.68
N PRO C 101 10.14 -28.44 6.52
CA PRO C 101 10.79 -29.31 7.51
C PRO C 101 12.30 -29.33 7.34
N GLN C 102 13.00 -29.87 8.33
CA GLN C 102 14.45 -29.97 8.31
C GLN C 102 14.92 -30.77 7.10
N ARG C 103 15.94 -30.26 6.41
CA ARG C 103 16.56 -30.94 5.29
C ARG C 103 18.07 -30.82 5.40
N PHE C 104 18.76 -31.96 5.34
CA PHE C 104 20.22 -32.01 5.52
C PHE C 104 20.69 -31.22 6.73
N GLY C 105 19.92 -31.27 7.81
CA GLY C 105 20.28 -30.59 9.05
C GLY C 105 19.83 -29.14 9.12
N MET C 106 19.53 -28.54 7.98
CA MET C 106 19.16 -27.14 7.93
C MET C 106 17.76 -26.88 8.49
N LYS C 107 17.65 -25.85 9.33
CA LYS C 107 16.36 -25.39 9.81
C LYS C 107 15.85 -24.27 8.92
N TRP C 108 14.61 -24.39 8.45
CA TRP C 108 13.96 -23.38 7.61
C TRP C 108 14.68 -23.12 6.29
N SER C 109 15.09 -24.19 5.60
CA SER C 109 15.89 -24.04 4.40
C SER C 109 15.09 -23.55 3.18
N ARG C 110 13.79 -23.88 3.13
CA ARG C 110 12.98 -23.44 2.00
C ARG C 110 12.60 -21.98 2.16
N SER C 111 12.37 -21.57 3.40
CA SER C 111 12.17 -20.15 3.69
C SER C 111 13.42 -19.38 3.29
N PHE C 112 14.58 -19.99 3.57
CA PHE C 112 15.86 -19.40 3.21
C PHE C 112 16.02 -19.23 1.70
N SER C 113 15.79 -20.31 0.95
CA SER C 113 16.00 -20.27 -0.49
C SER C 113 15.07 -19.29 -1.18
N LEU C 114 13.84 -19.21 -0.69
CA LEU C 114 12.85 -18.27 -1.24
C LEU C 114 13.16 -16.83 -0.85
N THR C 115 13.52 -16.61 0.42
CA THR C 115 13.86 -15.27 0.88
C THR C 115 15.12 -14.77 0.17
N THR C 116 16.09 -15.67 0.00
CA THR C 116 17.34 -15.35 -0.68
C THR C 116 17.11 -14.77 -2.08
N LEU C 117 16.27 -15.45 -2.85
CA LEU C 117 15.99 -15.03 -4.22
C LEU C 117 15.23 -13.72 -4.26
N ARG C 118 14.33 -13.54 -3.31
CA ARG C 118 13.58 -12.29 -3.21
C ARG C 118 14.49 -11.12 -2.86
N ILE C 119 15.43 -11.36 -1.93
CA ILE C 119 16.39 -10.34 -1.54
C ILE C 119 17.31 -9.99 -2.71
N ALA C 120 17.82 -11.02 -3.38
CA ALA C 120 18.73 -10.84 -4.49
C ALA C 120 18.12 -10.01 -5.61
N GLU C 121 16.83 -10.21 -5.85
CA GLU C 121 16.12 -9.48 -6.90
C GLU C 121 16.00 -7.99 -6.57
N ARG C 122 15.62 -7.68 -5.33
CA ARG C 122 15.45 -6.30 -4.91
C ARG C 122 16.79 -5.57 -4.84
N VAL C 123 17.82 -6.26 -4.37
CA VAL C 123 19.14 -5.65 -4.24
C VAL C 123 19.75 -5.38 -5.62
N GLU C 124 19.62 -6.35 -6.53
CA GLU C 124 20.11 -6.17 -7.90
C GLU C 124 19.45 -4.96 -8.56
N GLU C 125 18.14 -4.83 -8.37
CA GLU C 125 17.38 -3.70 -8.91
C GLU C 125 17.94 -2.37 -8.39
N LEU C 126 18.12 -2.28 -7.08
CA LEU C 126 18.61 -1.08 -6.44
C LEU C 126 20.01 -0.71 -6.90
N MET C 127 20.88 -1.71 -7.03
CA MET C 127 22.25 -1.48 -7.43
C MET C 127 22.38 -1.12 -8.91
N LYS C 128 21.40 -1.53 -9.71
CA LYS C 128 21.43 -1.25 -11.14
C LYS C 128 20.84 0.12 -11.44
N GLN C 129 19.95 0.59 -10.57
CA GLN C 129 19.39 1.93 -10.72
C GLN C 129 20.44 2.95 -10.31
N SER C 142 29.32 7.23 -6.58
CA SER C 142 28.43 6.09 -6.45
C SER C 142 27.43 6.29 -5.31
N THR C 143 26.33 5.55 -5.38
CA THR C 143 25.31 5.60 -4.34
C THR C 143 25.33 4.32 -3.51
N PRO C 144 25.89 4.38 -2.29
CA PRO C 144 25.97 3.19 -1.45
C PRO C 144 24.60 2.70 -1.01
N LEU C 145 24.43 1.39 -0.91
CA LEU C 145 23.22 0.82 -0.35
C LEU C 145 23.47 0.40 1.09
N VAL C 146 22.74 1.02 2.02
CA VAL C 146 22.80 0.64 3.42
C VAL C 146 21.71 -0.36 3.76
N ILE C 147 22.09 -1.54 4.21
CA ILE C 147 21.14 -2.59 4.55
C ILE C 147 21.17 -2.92 6.04
N VAL C 148 20.00 -2.90 6.68
CA VAL C 148 19.90 -3.27 8.08
C VAL C 148 19.05 -4.52 8.26
N GLY C 149 19.64 -5.56 8.87
CA GLY C 149 18.92 -6.78 9.18
C GLY C 149 18.24 -6.71 10.53
N GLY C 150 17.66 -7.83 10.99
CA GLY C 150 17.71 -9.10 10.29
C GLY C 150 18.91 -9.93 10.70
N ASP C 151 18.74 -11.25 10.79
CA ASP C 151 19.87 -12.11 11.09
C ASP C 151 20.72 -12.25 9.82
N HIS C 152 21.95 -12.72 9.99
CA HIS C 152 22.94 -12.67 8.93
C HIS C 152 22.70 -13.62 7.76
N SER C 153 21.64 -14.43 7.83
CA SER C 153 21.32 -15.33 6.73
C SER C 153 20.94 -14.54 5.47
N MET C 154 20.59 -13.27 5.66
CA MET C 154 20.22 -12.39 4.55
C MET C 154 21.37 -12.15 3.56
N ALA C 155 22.59 -12.45 4.00
CA ALA C 155 23.79 -12.12 3.23
C ALA C 155 23.92 -12.92 1.94
N THR C 156 23.38 -14.14 1.93
CA THR C 156 23.38 -14.93 0.70
C THR C 156 22.61 -14.19 -0.38
N GLY C 157 21.50 -13.55 0.02
CA GLY C 157 20.68 -12.80 -0.90
C GLY C 157 21.28 -11.47 -1.32
N THR C 158 21.76 -10.71 -0.34
CA THR C 158 22.30 -9.39 -0.62
C THR C 158 23.53 -9.47 -1.52
N ILE C 159 24.42 -10.40 -1.21
CA ILE C 159 25.64 -10.56 -1.99
C ILE C 159 25.32 -11.12 -3.38
N LEU C 160 24.37 -12.04 -3.46
CA LEU C 160 23.94 -12.58 -4.75
C LEU C 160 23.41 -11.47 -5.65
N GLY C 161 22.51 -10.66 -5.09
CA GLY C 161 21.94 -9.54 -5.82
C GLY C 161 22.98 -8.51 -6.19
N HIS C 162 23.83 -8.18 -5.23
CA HIS C 162 24.92 -7.23 -5.42
C HIS C 162 25.86 -7.67 -6.54
N ALA C 163 26.20 -8.97 -6.53
CA ALA C 163 27.15 -9.52 -7.50
C ALA C 163 26.59 -9.54 -8.91
N GLU C 164 25.26 -9.56 -9.05
CA GLU C 164 24.66 -9.54 -10.37
C GLU C 164 24.87 -8.17 -11.00
N ALA C 165 24.86 -7.14 -10.17
CA ALA C 165 25.09 -5.78 -10.64
C ALA C 165 26.59 -5.47 -10.73
N LYS C 166 27.37 -6.10 -9.87
CA LYS C 166 28.81 -5.87 -9.82
C LYS C 166 29.58 -7.16 -9.60
N PRO C 167 29.77 -7.95 -10.68
CA PRO C 167 30.35 -9.30 -10.61
C PRO C 167 31.75 -9.38 -10.03
N ASP C 168 32.53 -8.30 -10.10
CA ASP C 168 33.91 -8.35 -9.66
C ASP C 168 34.11 -7.80 -8.25
N LEU C 169 33.04 -7.76 -7.45
CA LEU C 169 33.09 -7.18 -6.12
C LEU C 169 34.00 -7.95 -5.17
N CYS C 170 34.33 -7.33 -4.05
CA CYS C 170 35.01 -8.03 -2.95
C CYS C 170 34.15 -7.93 -1.70
N VAL C 171 34.35 -8.85 -0.77
CA VAL C 171 33.56 -8.89 0.46
C VAL C 171 34.47 -8.75 1.68
N LEU C 172 34.14 -7.80 2.54
CA LEU C 172 34.80 -7.67 3.83
C LEU C 172 33.81 -8.09 4.91
N TRP C 173 34.12 -9.21 5.58
CA TRP C 173 33.21 -9.82 6.53
C TRP C 173 33.69 -9.55 7.95
N ILE C 174 32.95 -8.70 8.66
CA ILE C 174 33.30 -8.32 10.03
C ILE C 174 32.38 -9.06 11.00
N ASP C 175 32.95 -9.99 11.76
CA ASP C 175 32.15 -10.95 12.49
C ASP C 175 32.98 -11.68 13.52
N ALA C 176 32.34 -12.13 14.60
CA ALA C 176 33.00 -13.01 15.55
C ALA C 176 33.03 -14.42 14.99
N HIS C 177 32.15 -14.67 14.02
CA HIS C 177 31.96 -16.01 13.47
C HIS C 177 32.25 -16.06 11.97
N GLY C 178 32.51 -17.27 11.46
CA GLY C 178 32.85 -17.45 10.07
C GLY C 178 31.66 -17.40 9.12
N ASP C 179 30.49 -17.80 9.63
CA ASP C 179 29.26 -17.85 8.83
C ASP C 179 29.44 -18.61 7.52
N ILE C 180 30.28 -19.64 7.55
CA ILE C 180 30.65 -20.34 6.34
C ILE C 180 30.56 -21.86 6.53
N ASN C 181 29.78 -22.27 7.54
CA ASN C 181 29.49 -23.69 7.71
C ASN C 181 28.75 -24.23 6.51
N THR C 182 29.21 -25.36 5.98
CA THR C 182 28.46 -26.09 4.97
C THR C 182 27.39 -26.91 5.70
N PRO C 183 26.22 -27.10 5.07
CA PRO C 183 25.04 -27.70 5.73
C PRO C 183 25.31 -28.97 6.56
N LEU C 184 26.06 -29.93 6.04
CA LEU C 184 26.26 -31.18 6.77
C LEU C 184 27.23 -31.05 7.96
N ASN C 185 27.93 -29.93 8.04
CA ASN C 185 28.86 -29.70 9.14
C ASN C 185 28.26 -28.86 10.25
N SER C 186 27.06 -28.35 10.02
CA SER C 186 26.41 -27.46 10.98
C SER C 186 25.70 -28.22 12.10
N ALA C 187 26.23 -28.10 13.31
CA ALA C 187 25.62 -28.73 14.47
C ALA C 187 24.31 -28.05 14.84
N SER C 188 24.25 -26.73 14.65
CA SER C 188 23.07 -25.96 15.05
C SER C 188 21.93 -26.04 14.04
N GLY C 189 22.30 -26.09 12.75
CA GLY C 189 21.30 -26.08 11.69
C GLY C 189 20.75 -24.70 11.44
N ASN C 190 21.35 -23.69 12.08
CA ASN C 190 20.92 -22.31 11.90
C ASN C 190 21.52 -21.68 10.65
N MET C 191 20.66 -21.24 9.74
CA MET C 191 21.10 -20.74 8.44
C MET C 191 22.03 -19.51 8.52
N HIS C 192 21.92 -18.74 9.60
CA HIS C 192 22.74 -17.53 9.71
C HIS C 192 24.22 -17.86 9.93
N GLY C 193 24.50 -19.15 10.15
CA GLY C 193 25.87 -19.64 10.27
C GLY C 193 26.38 -20.27 8.99
N MET C 194 25.57 -20.22 7.94
CA MET C 194 25.94 -20.80 6.65
C MET C 194 25.93 -19.87 5.40
N PRO C 195 25.64 -18.56 5.54
CA PRO C 195 25.34 -17.84 4.28
C PRO C 195 26.47 -17.79 3.24
N LEU C 196 27.72 -17.80 3.69
CA LEU C 196 28.85 -17.72 2.75
C LEU C 196 29.12 -19.01 2.00
N SER C 197 28.69 -20.14 2.56
CA SER C 197 29.00 -21.44 1.96
C SER C 197 28.32 -21.63 0.61
N PHE C 198 27.13 -21.06 0.46
CA PHE C 198 26.37 -21.18 -0.78
C PHE C 198 26.92 -20.26 -1.88
N LEU C 199 27.76 -19.32 -1.48
CA LEU C 199 28.27 -18.30 -2.40
C LEU C 199 29.68 -18.58 -2.91
N VAL C 200 30.46 -19.33 -2.13
CA VAL C 200 31.86 -19.57 -2.46
C VAL C 200 32.05 -20.73 -3.43
N LYS C 201 32.54 -20.41 -4.62
CA LYS C 201 32.72 -21.39 -5.69
C LYS C 201 33.48 -22.64 -5.27
N GLU C 202 34.53 -22.45 -4.47
CA GLU C 202 35.40 -23.55 -4.07
C GLU C 202 34.73 -24.54 -3.12
N LEU C 203 33.57 -24.18 -2.58
CA LEU C 203 32.89 -25.02 -1.60
C LEU C 203 31.68 -25.76 -2.15
N GLN C 204 31.50 -25.71 -3.47
CA GLN C 204 30.25 -26.17 -4.06
C GLN C 204 30.09 -27.68 -4.10
N ASP C 205 31.18 -28.43 -3.95
CA ASP C 205 31.05 -29.87 -3.85
C ASP C 205 30.76 -30.28 -2.40
N GLN C 206 30.56 -29.28 -1.54
CA GLN C 206 30.19 -29.51 -0.15
C GLN C 206 28.77 -29.05 0.11
N ILE C 207 28.12 -28.53 -0.92
CA ILE C 207 26.73 -28.11 -0.82
C ILE C 207 25.80 -29.18 -1.38
N PRO C 208 24.93 -29.74 -0.51
CA PRO C 208 24.02 -30.79 -0.96
C PRO C 208 23.04 -30.25 -1.98
N TRP C 209 22.78 -31.01 -3.03
CA TRP C 209 21.83 -30.57 -4.03
C TRP C 209 20.40 -30.56 -3.49
N LEU C 210 19.74 -29.43 -3.63
CA LEU C 210 18.31 -29.30 -3.38
C LEU C 210 17.70 -28.48 -4.51
N ASP C 211 16.55 -28.91 -5.01
CA ASP C 211 15.90 -28.28 -6.15
C ASP C 211 15.74 -26.76 -6.02
N ASP C 212 15.22 -26.32 -4.87
CA ASP C 212 14.91 -24.91 -4.68
C ASP C 212 16.15 -24.03 -4.47
N PHE C 213 17.34 -24.66 -4.49
CA PHE C 213 18.59 -23.93 -4.32
C PHE C 213 19.28 -23.70 -5.65
N GLU C 214 18.61 -24.09 -6.74
CA GLU C 214 19.18 -23.99 -8.07
C GLU C 214 19.49 -22.55 -8.47
N GLY C 215 18.59 -21.63 -8.12
CA GLY C 215 18.75 -20.23 -8.47
C GLY C 215 19.80 -19.51 -7.64
N ILE C 216 20.26 -20.16 -6.58
CA ILE C 216 21.28 -19.57 -5.73
C ILE C 216 22.66 -19.92 -6.30
N LYS C 217 23.16 -19.07 -7.19
CA LYS C 217 24.43 -19.33 -7.85
C LYS C 217 25.60 -18.86 -7.00
N PRO C 218 26.67 -19.67 -6.96
CA PRO C 218 27.92 -19.29 -6.30
C PRO C 218 28.59 -18.18 -7.10
N CYS C 219 28.80 -17.03 -6.48
CA CYS C 219 29.28 -15.87 -7.21
C CYS C 219 30.57 -15.30 -6.63
N LEU C 220 31.09 -15.93 -5.59
CA LEU C 220 32.33 -15.46 -4.96
C LEU C 220 33.45 -16.48 -5.10
N ASN C 221 34.66 -15.98 -5.38
CA ASN C 221 35.84 -16.80 -5.23
C ASN C 221 36.39 -16.58 -3.81
N ALA C 222 37.06 -17.59 -3.28
CA ALA C 222 37.62 -17.50 -1.93
C ALA C 222 38.59 -16.32 -1.81
N SER C 223 39.22 -15.97 -2.92
CA SER C 223 40.21 -14.90 -2.94
C SER C 223 39.59 -13.51 -2.84
N ASN C 224 38.27 -13.43 -2.90
CA ASN C 224 37.58 -12.16 -2.87
C ASN C 224 37.00 -11.81 -1.50
N ILE C 225 37.23 -12.67 -0.52
CA ILE C 225 36.71 -12.48 0.83
C ILE C 225 37.83 -12.26 1.85
N ALA C 226 37.61 -11.33 2.77
CA ALA C 226 38.50 -11.14 3.91
C ALA C 226 37.69 -10.98 5.20
N TYR C 227 38.08 -11.73 6.23
CA TYR C 227 37.44 -11.64 7.54
C TYR C 227 38.20 -10.70 8.48
N ILE C 228 37.47 -9.97 9.32
CA ILE C 228 38.07 -9.25 10.44
C ILE C 228 37.22 -9.45 11.70
N GLY C 229 37.85 -9.87 12.79
CA GLY C 229 37.21 -9.90 14.09
C GLY C 229 36.91 -11.28 14.64
N LEU C 230 37.25 -12.31 13.88
CA LEU C 230 36.94 -13.70 14.23
C LEU C 230 37.45 -14.10 15.61
N ARG C 231 36.64 -14.84 16.36
CA ARG C 231 37.07 -15.36 17.65
C ARG C 231 36.31 -16.60 18.11
N ASP C 232 35.34 -17.06 17.32
CA ASP C 232 34.60 -18.27 17.69
C ASP C 232 34.27 -19.13 16.45
N LEU C 233 35.31 -19.52 15.72
CA LEU C 233 35.15 -20.39 14.56
C LEU C 233 34.83 -21.82 14.95
N ASP C 234 33.99 -22.48 14.17
CA ASP C 234 33.86 -23.93 14.27
C ASP C 234 35.06 -24.55 13.55
N ALA C 235 35.44 -25.75 13.95
CA ALA C 235 36.66 -26.39 13.45
C ALA C 235 36.64 -26.58 11.93
N HIS C 236 35.48 -26.90 11.37
CA HIS C 236 35.39 -27.14 9.94
C HIS C 236 35.36 -25.85 9.15
N GLU C 237 34.97 -24.75 9.80
CA GLU C 237 35.13 -23.43 9.20
C GLU C 237 36.61 -23.10 9.09
N THR C 238 37.36 -23.37 10.16
CA THR C 238 38.79 -23.15 10.19
C THR C 238 39.49 -23.95 9.09
N HIS C 239 39.09 -25.22 8.95
CA HIS C 239 39.64 -26.08 7.90
C HIS C 239 39.40 -25.49 6.52
N ASP C 240 38.17 -25.10 6.25
CA ASP C 240 37.80 -24.58 4.93
C ASP C 240 38.45 -23.24 4.61
N ILE C 241 38.49 -22.36 5.61
CA ILE C 241 39.10 -21.04 5.44
C ILE C 241 40.58 -21.17 5.08
N ARG C 242 41.29 -22.02 5.82
CA ARG C 242 42.71 -22.23 5.57
C ARG C 242 42.96 -23.02 4.28
N LYS C 243 42.12 -24.02 4.00
CA LYS C 243 42.30 -24.86 2.82
C LYS C 243 42.18 -24.06 1.53
N HIS C 244 41.21 -23.15 1.49
CA HIS C 244 40.92 -22.41 0.27
C HIS C 244 41.53 -21.01 0.28
N GLY C 245 42.36 -20.75 1.29
CA GLY C 245 43.16 -19.53 1.34
C GLY C 245 42.37 -18.24 1.47
N ILE C 246 41.24 -18.30 2.17
CA ILE C 246 40.49 -17.09 2.46
C ILE C 246 41.26 -16.21 3.44
N ALA C 247 41.44 -14.95 3.09
CA ALA C 247 42.11 -14.01 3.98
C ALA C 247 41.29 -13.84 5.25
N TYR C 248 41.93 -13.98 6.41
CA TYR C 248 41.21 -13.81 7.66
C TYR C 248 42.11 -13.21 8.74
N PHE C 249 41.53 -12.29 9.50
CA PHE C 249 42.24 -11.61 10.58
C PHE C 249 41.43 -11.69 11.86
N THR C 250 41.83 -12.60 12.74
CA THR C 250 41.13 -12.87 13.99
C THR C 250 41.46 -11.82 15.04
N MET C 251 40.78 -11.88 16.19
CA MET C 251 41.07 -10.96 17.29
C MET C 251 42.51 -11.14 17.79
N LEU C 252 43.05 -12.34 17.62
CA LEU C 252 44.46 -12.58 17.92
C LEU C 252 45.34 -11.72 17.00
N ASP C 253 44.99 -11.70 15.71
CA ASP C 253 45.70 -10.88 14.75
C ASP C 253 45.52 -9.39 15.03
N VAL C 254 44.32 -9.00 15.46
CA VAL C 254 44.08 -7.61 15.82
C VAL C 254 44.95 -7.22 17.02
N ASP C 255 45.03 -8.12 17.99
CA ASP C 255 45.88 -7.89 19.16
C ASP C 255 47.36 -7.73 18.80
N ARG C 256 47.87 -8.63 17.96
CA ARG C 256 49.29 -8.64 17.65
CA ARG C 256 49.28 -8.67 17.62
C ARG C 256 49.66 -7.59 16.61
N MET C 257 48.79 -7.37 15.62
CA MET C 257 49.11 -6.45 14.52
C MET C 257 48.59 -5.02 14.74
N GLY C 258 47.53 -4.88 15.52
CA GLY C 258 46.83 -3.62 15.64
C GLY C 258 45.82 -3.50 14.51
N ILE C 259 44.71 -2.81 14.77
CA ILE C 259 43.63 -2.75 13.79
C ILE C 259 44.04 -1.99 12.53
N GLU C 260 44.98 -1.05 12.66
CA GLU C 260 45.41 -0.25 11.51
C GLU C 260 46.08 -1.14 10.46
N ALA C 261 46.94 -2.03 10.90
CA ALA C 261 47.62 -2.95 9.98
C ALA C 261 46.66 -4.00 9.43
N VAL C 262 45.73 -4.47 10.26
CA VAL C 262 44.74 -5.45 9.85
C VAL C 262 43.89 -4.94 8.68
N ILE C 263 43.41 -3.71 8.81
CA ILE C 263 42.60 -3.09 7.76
C ILE C 263 43.39 -2.96 6.45
N LYS C 264 44.63 -2.51 6.56
CA LYS C 264 45.50 -2.34 5.41
C LYS C 264 45.74 -3.68 4.69
N GLU C 265 46.01 -4.72 5.48
CA GLU C 265 46.30 -6.04 4.93
C GLU C 265 45.05 -6.69 4.33
N ALA C 266 43.89 -6.42 4.93
CA ALA C 266 42.64 -6.98 4.43
C ALA C 266 42.28 -6.37 3.08
N LEU C 267 42.42 -5.05 2.97
CA LEU C 267 42.14 -4.37 1.72
C LEU C 267 43.15 -4.76 0.66
N LEU C 268 44.40 -4.97 1.08
CA LEU C 268 45.46 -5.40 0.19
C LEU C 268 45.17 -6.78 -0.39
N ALA C 269 44.59 -7.64 0.44
CA ALA C 269 44.34 -9.03 0.06
C ALA C 269 43.23 -9.17 -0.98
N VAL C 270 42.17 -8.36 -0.87
CA VAL C 270 41.01 -8.55 -1.73
C VAL C 270 40.69 -7.34 -2.62
N ASN C 271 41.37 -6.22 -2.40
CA ASN C 271 41.16 -5.04 -3.24
C ASN C 271 42.42 -4.20 -3.37
N PRO C 272 43.53 -4.79 -3.86
CA PRO C 272 44.87 -4.20 -3.80
C PRO C 272 44.99 -2.80 -4.40
N ARG C 273 44.22 -2.49 -5.43
CA ARG C 273 44.34 -1.20 -6.09
C ARG C 273 43.02 -0.43 -6.10
N LEU C 274 42.13 -0.80 -5.18
CA LEU C 274 40.84 -0.13 -5.01
C LEU C 274 40.03 -0.12 -6.31
N GLU C 275 40.14 -1.19 -7.09
CA GLU C 275 39.43 -1.29 -8.37
C GLU C 275 38.06 -1.93 -8.21
N LYS C 276 37.88 -2.67 -7.12
CA LYS C 276 36.66 -3.45 -6.92
C LYS C 276 35.66 -2.73 -6.02
N ALA C 277 34.38 -2.88 -6.33
CA ALA C 277 33.33 -2.44 -5.44
C ALA C 277 33.39 -3.27 -4.16
N ILE C 278 33.04 -2.67 -3.03
CA ILE C 278 33.15 -3.37 -1.75
C ILE C 278 31.79 -3.69 -1.16
N HIS C 279 31.60 -4.96 -0.80
CA HIS C 279 30.47 -5.38 0.00
C HIS C 279 30.93 -5.54 1.44
N LEU C 280 30.51 -4.63 2.31
CA LEU C 280 30.88 -4.68 3.71
C LEU C 280 29.76 -5.33 4.52
N SER C 281 30.00 -6.55 4.98
CA SER C 281 29.01 -7.27 5.76
C SER C 281 29.38 -7.25 7.23
N PHE C 282 28.71 -6.38 7.99
CA PHE C 282 29.07 -6.13 9.38
C PHE C 282 28.09 -6.80 10.33
N ASP C 283 28.55 -7.85 11.01
CA ASP C 283 27.80 -8.45 12.11
C ASP C 283 28.06 -7.63 13.37
N ILE C 284 26.99 -7.14 13.99
CA ILE C 284 27.13 -6.32 15.19
C ILE C 284 27.86 -7.08 16.30
N ASP C 285 27.86 -8.41 16.26
CA ASP C 285 28.52 -9.18 17.32
C ASP C 285 30.03 -9.25 17.11
N ALA C 286 30.52 -8.62 16.04
CA ALA C 286 31.94 -8.44 15.87
C ALA C 286 32.44 -7.51 16.97
N LEU C 287 31.57 -6.57 17.37
CA LEU C 287 31.86 -5.65 18.47
C LEU C 287 31.78 -6.38 19.81
N ASP C 288 32.54 -5.89 20.77
CA ASP C 288 32.51 -6.43 22.12
C ASP C 288 31.11 -6.29 22.73
N PRO C 289 30.65 -7.31 23.44
CA PRO C 289 29.34 -7.30 24.11
C PRO C 289 29.15 -6.10 25.05
N LEU C 290 30.23 -5.47 25.48
CA LEU C 290 30.13 -4.29 26.33
C LEU C 290 29.53 -3.09 25.61
N VAL C 291 29.66 -3.04 24.28
CA VAL C 291 29.08 -1.94 23.51
C VAL C 291 27.94 -2.40 22.60
N ALA C 292 27.86 -3.71 22.36
CA ALA C 292 26.76 -4.25 21.56
C ALA C 292 26.19 -5.53 22.18
N PRO C 293 25.58 -5.41 23.38
CA PRO C 293 25.08 -6.61 24.08
C PRO C 293 23.86 -7.24 23.44
N SER C 294 23.00 -6.44 22.82
CA SER C 294 21.73 -6.94 22.30
C SER C 294 21.88 -7.65 20.96
N THR C 295 22.44 -8.85 21.01
CA THR C 295 22.63 -9.68 19.81
C THR C 295 22.62 -11.15 20.24
N GLY C 296 22.25 -12.02 19.32
CA GLY C 296 21.95 -13.41 19.66
C GLY C 296 23.10 -14.30 20.10
N THR C 297 24.27 -14.11 19.51
CA THR C 297 25.43 -14.93 19.83
C THR C 297 26.64 -14.05 20.16
N ALA C 298 26.55 -13.33 21.28
CA ALA C 298 27.62 -12.45 21.72
C ALA C 298 28.82 -13.24 22.20
N VAL C 299 30.01 -12.77 21.85
CA VAL C 299 31.26 -13.41 22.27
C VAL C 299 32.20 -12.37 22.86
N PRO C 300 32.62 -12.58 24.11
CA PRO C 300 33.54 -11.68 24.83
C PRO C 300 34.85 -11.44 24.06
N GLY C 301 35.49 -10.31 24.32
CA GLY C 301 36.78 -10.00 23.71
C GLY C 301 36.69 -9.56 22.27
N GLY C 302 35.71 -8.71 21.97
CA GLY C 302 35.48 -8.27 20.61
C GLY C 302 36.19 -6.98 20.26
N LEU C 303 35.87 -6.44 19.09
CA LEU C 303 36.36 -5.14 18.67
C LEU C 303 35.80 -4.06 19.58
N THR C 304 36.64 -3.07 19.92
CA THR C 304 36.14 -1.88 20.56
C THR C 304 35.32 -1.12 19.53
N LEU C 305 34.44 -0.23 19.98
CA LEU C 305 33.69 0.60 19.06
C LEU C 305 34.65 1.37 18.15
N ARG C 306 35.72 1.90 18.75
CA ARG C 306 36.74 2.63 18.01
C ARG C 306 37.38 1.78 16.90
N GLU C 307 37.69 0.53 17.20
CA GLU C 307 38.24 -0.37 16.20
C GLU C 307 37.25 -0.63 15.08
N GLY C 308 35.97 -0.79 15.44
CA GLY C 308 34.92 -0.98 14.47
C GLY C 308 34.78 0.27 13.60
N LEU C 309 34.90 1.43 14.22
CA LEU C 309 34.83 2.70 13.50
C LEU C 309 35.96 2.84 12.48
N ARG C 310 37.17 2.47 12.88
CA ARG C 310 38.33 2.57 12.00
C ARG C 310 38.14 1.72 10.74
N ILE C 311 37.57 0.53 10.92
CA ILE C 311 37.28 -0.36 9.80
C ILE C 311 36.36 0.35 8.82
N CYS C 312 35.26 0.88 9.34
CA CYS C 312 34.25 1.52 8.50
C CYS C 312 34.75 2.83 7.90
N GLU C 313 35.56 3.56 8.66
CA GLU C 313 36.11 4.82 8.18
C GLU C 313 37.05 4.62 7.00
N GLU C 314 37.87 3.57 7.06
CA GLU C 314 38.83 3.28 6.00
C GLU C 314 38.15 2.68 4.77
N VAL C 315 37.19 1.80 4.99
CA VAL C 315 36.39 1.25 3.89
C VAL C 315 35.68 2.37 3.16
N SER C 316 35.09 3.29 3.92
CA SER C 316 34.40 4.44 3.35
C SER C 316 35.34 5.30 2.51
N ALA C 317 36.53 5.54 3.03
CA ALA C 317 37.48 6.45 2.41
C ALA C 317 38.02 5.94 1.08
N THR C 318 37.85 4.65 0.81
CA THR C 318 38.29 4.08 -0.45
C THR C 318 37.50 4.68 -1.61
N GLY C 319 36.26 5.08 -1.32
CA GLY C 319 35.35 5.55 -2.36
C GLY C 319 34.69 4.39 -3.09
N LYS C 320 34.95 3.17 -2.62
CA LYS C 320 34.44 1.98 -3.27
C LYS C 320 33.37 1.27 -2.44
N LEU C 321 32.91 1.90 -1.36
CA LEU C 321 31.83 1.30 -0.59
C LEU C 321 30.57 1.25 -1.43
N SER C 322 30.14 0.04 -1.75
CA SER C 322 29.00 -0.18 -2.63
C SER C 322 27.77 -0.63 -1.86
N VAL C 323 27.98 -1.57 -0.95
CA VAL C 323 26.94 -2.04 -0.04
C VAL C 323 27.50 -2.25 1.36
N VAL C 324 26.82 -1.72 2.37
CA VAL C 324 27.12 -2.11 3.74
C VAL C 324 25.86 -2.70 4.36
N GLU C 325 25.99 -3.89 4.93
CA GLU C 325 24.88 -4.48 5.66
C GLU C 325 25.26 -4.67 7.12
N LEU C 326 24.30 -4.38 8.00
CA LEU C 326 24.49 -4.48 9.44
C LEU C 326 23.57 -5.57 9.97
N ALA C 327 24.15 -6.66 10.46
CA ALA C 327 23.36 -7.83 10.81
C ALA C 327 23.31 -8.13 12.32
N GLU C 328 22.27 -8.85 12.70
CA GLU C 328 22.11 -9.47 14.02
C GLU C 328 21.77 -8.53 15.18
N LEU C 329 21.25 -7.35 14.87
CA LEU C 329 20.62 -6.54 15.91
C LEU C 329 19.39 -7.29 16.42
N ASN C 330 19.26 -7.39 17.75
CA ASN C 330 18.06 -7.98 18.33
C ASN C 330 17.60 -7.17 19.55
N PRO C 331 16.67 -6.23 19.32
CA PRO C 331 16.15 -5.32 20.35
C PRO C 331 15.34 -6.03 21.43
N LEU C 332 15.06 -7.32 21.25
CA LEU C 332 14.32 -8.07 22.25
C LEU C 332 15.27 -8.78 23.21
N LEU C 333 16.56 -8.57 23.02
CA LEU C 333 17.56 -9.15 23.92
C LEU C 333 18.16 -8.09 24.82
N GLY C 334 18.35 -8.46 26.09
CA GLY C 334 18.98 -7.58 27.06
C GLY C 334 18.04 -6.54 27.63
N SER C 335 18.56 -5.69 28.51
CA SER C 335 17.77 -4.65 29.14
C SER C 335 17.52 -3.49 28.19
N GLN C 336 16.71 -2.52 28.64
CA GLN C 336 16.44 -1.33 27.86
C GLN C 336 17.73 -0.57 27.59
N GLU C 337 18.59 -0.46 28.60
CA GLU C 337 19.88 0.21 28.43
C GLU C 337 20.77 -0.58 27.47
N ASP C 338 20.66 -1.90 27.52
CA ASP C 338 21.41 -2.77 26.61
C ASP C 338 21.04 -2.47 25.16
N VAL C 339 19.74 -2.35 24.91
CA VAL C 339 19.24 -2.07 23.56
C VAL C 339 19.69 -0.68 23.10
N LEU C 340 19.73 0.27 24.03
CA LEU C 340 20.16 1.63 23.70
C LEU C 340 21.64 1.68 23.33
N LYS C 341 22.46 0.94 24.06
CA LYS C 341 23.89 0.85 23.76
C LYS C 341 24.12 0.24 22.39
N THR C 342 23.41 -0.85 22.11
CA THR C 342 23.54 -1.56 20.85
C THR C 342 23.06 -0.69 19.67
N GLN C 343 21.95 0.00 19.88
CA GLN C 343 21.41 0.94 18.90
C GLN C 343 22.41 2.05 18.62
N SER C 344 22.98 2.61 19.68
CA SER C 344 23.96 3.67 19.55
C SER C 344 25.18 3.23 18.77
N SER C 345 25.71 2.06 19.10
CA SER C 345 26.89 1.52 18.43
C SER C 345 26.64 1.32 16.95
N ALA C 346 25.46 0.79 16.60
CA ALA C 346 25.11 0.54 15.21
C ALA C 346 25.01 1.85 14.42
N VAL C 347 24.43 2.88 15.03
CA VAL C 347 24.30 4.18 14.38
C VAL C 347 25.65 4.82 14.10
N HIS C 348 26.55 4.77 15.08
CA HIS C 348 27.90 5.30 14.89
C HIS C 348 28.64 4.55 13.79
N ILE C 349 28.51 3.22 13.79
CA ILE C 349 29.12 2.39 12.76
C ILE C 349 28.62 2.77 11.38
N LEU C 350 27.30 2.83 11.23
CA LEU C 350 26.68 3.12 9.94
C LEU C 350 27.01 4.53 9.45
N ARG C 351 27.11 5.48 10.38
CA ARG C 351 27.47 6.85 10.02
C ARG C 351 28.89 6.93 9.47
N ALA C 352 29.80 6.18 10.10
CA ALA C 352 31.18 6.10 9.62
C ALA C 352 31.26 5.55 8.21
N CYS C 353 30.44 4.53 7.93
CA CYS C 353 30.39 3.92 6.61
C CYS C 353 30.04 4.94 5.53
N LEU C 354 29.12 5.85 5.86
CA LEU C 354 28.67 6.84 4.89
C LEU C 354 29.61 8.04 4.80
N GLY C 355 30.60 8.07 5.69
CA GLY C 355 31.65 9.07 5.59
C GLY C 355 31.73 10.07 6.73
N HIS C 356 31.01 9.81 7.82
CA HIS C 356 31.13 10.70 8.97
C HIS C 356 32.53 10.62 9.56
N CYS C 357 33.11 11.78 9.82
CA CYS C 357 34.49 11.90 10.29
CA CYS C 357 34.48 11.84 10.31
C CYS C 357 34.54 12.42 11.72
N ARG C 358 35.20 11.68 12.61
CA ARG C 358 35.31 12.06 14.01
C ARG C 358 36.20 13.28 14.22
N SER C 359 37.00 13.63 13.22
CA SER C 359 37.84 14.81 13.31
C SER C 359 37.10 16.06 12.86
N GLY C 360 35.81 15.91 12.58
CA GLY C 360 34.95 17.04 12.29
C GLY C 360 34.69 17.27 10.81
N HIS C 361 33.61 18.00 10.53
CA HIS C 361 33.28 18.41 9.18
C HIS C 361 33.24 19.94 9.09
N LEU C 362 33.64 20.46 7.94
CA LEU C 362 33.54 21.90 7.69
C LEU C 362 32.09 22.24 7.35
N PRO C 363 31.68 23.48 7.65
CA PRO C 363 30.29 23.87 7.33
C PRO C 363 30.09 23.95 5.82
N PHE C 364 28.87 23.74 5.36
CA PHE C 364 28.57 23.88 3.94
C PHE C 364 28.55 25.36 3.56
N LYS C 365 28.10 26.19 4.49
CA LYS C 365 28.17 27.63 4.33
C LYS C 365 28.77 28.24 5.60
N VAL C 366 29.92 28.88 5.46
CA VAL C 366 30.61 29.48 6.60
C VAL C 366 29.88 30.73 7.09
N ARG C 367 29.53 30.74 8.37
CA ARG C 367 28.82 31.86 8.96
C ARG C 367 29.79 32.84 9.61
N ASN C 368 29.49 34.13 9.49
CA ASN C 368 30.30 35.17 10.12
C ASN C 368 29.39 36.16 10.83
N LEU C 369 29.90 36.76 11.90
CA LEU C 369 29.12 37.73 12.67
C LEU C 369 28.71 38.93 11.82
N THR C 370 29.56 39.32 10.88
CA THR C 370 29.27 40.46 10.03
C THR C 370 28.10 40.20 9.09
N ASP C 371 27.77 38.93 8.86
CA ASP C 371 26.64 38.55 8.03
C ASP C 371 25.32 39.11 8.57
N GLN C 372 25.27 39.27 9.89
CA GLN C 372 24.05 39.74 10.53
C GLN C 372 24.15 41.23 10.89
N GLY C 373 25.28 41.83 10.56
CA GLY C 373 25.48 43.25 10.80
C GLY C 373 25.59 43.61 12.28
N ILE C 374 25.92 42.62 13.09
CA ILE C 374 25.99 42.79 14.53
C ILE C 374 27.35 43.37 14.97
N MET C 375 27.33 44.20 16.00
CA MET C 375 28.54 44.79 16.56
C MET C 375 29.34 43.79 17.38
N SER C 376 30.56 43.50 16.94
CA SER C 376 31.43 42.57 17.67
C SER C 376 32.15 43.29 18.81
N ARG C 377 32.73 42.51 19.72
CA ARG C 377 33.55 43.07 20.78
C ARG C 377 34.77 43.77 20.20
N ALA C 378 35.35 43.16 19.17
CA ALA C 378 36.52 43.71 18.49
C ALA C 378 36.19 45.08 17.89
N ALA C 379 35.05 45.16 17.22
CA ALA C 379 34.62 46.40 16.59
C ALA C 379 34.32 47.48 17.64
N HIS C 380 33.67 47.09 18.73
CA HIS C 380 33.31 48.03 19.77
C HIS C 380 34.54 48.63 20.46
N MET C 381 35.60 47.85 20.57
CA MET C 381 36.81 48.32 21.25
C MET C 381 37.62 49.29 20.41
N GLN C 382 37.01 49.82 19.34
CA GLN C 382 37.63 50.88 18.56
C GLN C 382 36.62 52.01 18.34
N LEU D 40 11.38 -40.60 -37.41
CA LEU D 40 10.35 -40.41 -36.41
C LEU D 40 9.41 -39.28 -36.79
N LEU D 41 8.12 -39.49 -36.56
CA LEU D 41 7.10 -38.49 -36.86
C LEU D 41 7.16 -37.37 -35.82
N TYR D 42 7.32 -37.76 -34.56
CA TYR D 42 7.53 -36.81 -33.47
C TYR D 42 8.83 -37.16 -32.74
N THR D 43 9.78 -36.23 -32.75
CA THR D 43 11.09 -36.49 -32.15
C THR D 43 11.19 -35.95 -30.72
N SER D 44 10.26 -35.07 -30.35
CA SER D 44 10.21 -34.53 -28.99
C SER D 44 8.77 -34.37 -28.51
N ALA D 45 8.58 -34.39 -27.20
CA ALA D 45 7.25 -34.25 -26.63
C ALA D 45 7.29 -33.63 -25.24
N ASN D 46 6.17 -33.03 -24.83
CA ASN D 46 6.02 -32.47 -23.50
C ASN D 46 5.03 -33.29 -22.67
N PHE D 47 5.24 -33.34 -21.36
CA PHE D 47 4.41 -34.12 -20.47
C PHE D 47 3.90 -33.24 -19.33
N LEU D 48 2.60 -33.30 -19.07
CA LEU D 48 1.99 -32.47 -18.04
C LEU D 48 0.95 -33.24 -17.24
N GLY D 49 1.01 -33.10 -15.91
CA GLY D 49 0.03 -33.73 -15.05
C GLY D 49 -1.01 -32.75 -14.56
N ILE D 50 -2.26 -33.18 -14.54
CA ILE D 50 -3.35 -32.37 -13.99
C ILE D 50 -4.17 -33.23 -13.04
N PRO D 51 -3.83 -33.19 -11.74
CA PRO D 51 -4.45 -34.05 -10.72
C PRO D 51 -5.84 -33.58 -10.29
N THR D 52 -6.72 -33.27 -11.24
CA THR D 52 -8.09 -32.89 -10.94
C THR D 52 -8.83 -34.00 -10.21
N ASN D 53 -9.45 -33.66 -9.08
CA ASN D 53 -10.22 -34.63 -8.32
C ASN D 53 -11.53 -34.04 -7.81
N ARG D 54 -11.81 -32.80 -8.21
CA ARG D 54 -13.04 -32.13 -7.79
C ARG D 54 -14.10 -32.15 -8.88
N GLY D 55 -13.87 -32.96 -9.91
CA GLY D 55 -14.85 -33.13 -10.97
C GLY D 55 -15.76 -34.31 -10.69
N GLN D 56 -15.35 -35.14 -9.73
CA GLN D 56 -16.09 -36.34 -9.37
C GLN D 56 -15.76 -36.72 -7.92
N PRO D 57 -16.67 -37.43 -7.23
CA PRO D 57 -16.57 -37.62 -5.77
C PRO D 57 -15.57 -38.67 -5.31
N LYS D 58 -15.16 -39.60 -6.16
CA LYS D 58 -14.25 -40.67 -5.73
C LYS D 58 -12.82 -40.17 -5.63
N ILE D 59 -12.26 -40.24 -4.42
CA ILE D 59 -10.87 -39.81 -4.19
C ILE D 59 -9.91 -40.70 -4.96
N GLY D 60 -8.90 -40.09 -5.57
CA GLY D 60 -7.85 -40.87 -6.20
C GLY D 60 -7.38 -40.46 -7.59
N THR D 61 -8.21 -39.74 -8.35
CA THR D 61 -7.80 -39.34 -9.70
C THR D 61 -6.62 -38.37 -9.67
N TYR D 62 -6.40 -37.75 -8.51
CA TYR D 62 -5.28 -36.83 -8.34
C TYR D 62 -3.95 -37.59 -8.36
N GLN D 63 -4.01 -38.90 -8.14
CA GLN D 63 -2.82 -39.74 -8.19
C GLN D 63 -2.54 -40.25 -9.60
N GLY D 64 -3.42 -39.92 -10.53
CA GLY D 64 -3.26 -40.28 -11.92
C GLY D 64 -1.90 -39.97 -12.54
N PRO D 65 -1.48 -38.69 -12.48
CA PRO D 65 -0.17 -38.31 -13.04
C PRO D 65 1.00 -39.13 -12.47
N GLU D 66 0.99 -39.39 -11.17
CA GLU D 66 2.08 -40.11 -10.54
C GLU D 66 2.11 -41.58 -10.96
N LEU D 67 0.92 -42.15 -11.22
CA LEU D 67 0.82 -43.53 -11.68
C LEU D 67 1.61 -43.72 -12.97
N ILE D 68 1.63 -42.68 -13.81
CA ILE D 68 2.35 -42.73 -15.07
C ILE D 68 3.85 -42.44 -14.88
N ARG D 69 4.16 -41.47 -14.02
CA ARG D 69 5.55 -41.15 -13.73
C ARG D 69 6.24 -42.33 -13.04
N LYS D 70 5.47 -43.09 -12.27
CA LYS D 70 6.01 -44.26 -11.57
C LYS D 70 6.23 -45.45 -12.49
N SER D 71 5.61 -45.41 -13.67
CA SER D 71 5.76 -46.48 -14.65
C SER D 71 7.06 -46.30 -15.42
N ASN D 72 7.32 -47.20 -16.37
CA ASN D 72 8.49 -47.07 -17.22
C ASN D 72 8.12 -46.39 -18.55
N PHE D 73 7.05 -45.59 -18.51
CA PHE D 73 6.59 -44.85 -19.68
C PHE D 73 7.70 -43.99 -20.27
N PHE D 74 8.33 -43.18 -19.42
CA PHE D 74 9.40 -42.28 -19.85
C PHE D 74 10.59 -43.04 -20.44
N GLN D 75 10.92 -44.18 -19.83
CA GLN D 75 12.04 -44.99 -20.26
C GLN D 75 11.79 -45.63 -21.62
N LEU D 76 10.57 -46.11 -21.82
CA LEU D 76 10.16 -46.72 -23.08
C LEU D 76 10.12 -45.69 -24.20
N VAL D 77 9.59 -44.51 -23.89
CA VAL D 77 9.51 -43.42 -24.85
C VAL D 77 10.91 -42.97 -25.27
N ALA D 78 11.81 -42.87 -24.29
CA ALA D 78 13.20 -42.50 -24.55
C ALA D 78 13.86 -43.54 -25.46
N GLU D 79 13.53 -44.80 -25.26
CA GLU D 79 14.12 -45.89 -26.05
C GLU D 79 13.66 -45.86 -27.50
N ASP D 80 12.54 -45.19 -27.76
CA ASP D 80 12.06 -45.02 -29.12
C ASP D 80 12.68 -43.79 -29.79
N GLY D 81 13.51 -43.08 -29.05
CA GLY D 81 14.26 -41.95 -29.59
C GLY D 81 13.55 -40.62 -29.51
N ILE D 82 12.55 -40.53 -28.63
CA ILE D 82 11.80 -39.30 -28.45
C ILE D 82 12.25 -38.57 -27.19
N GLN D 83 12.52 -37.28 -27.30
CA GLN D 83 12.84 -36.48 -26.12
C GLN D 83 11.58 -36.01 -25.42
N LEU D 84 11.28 -36.64 -24.28
CA LEU D 84 10.10 -36.30 -23.51
C LEU D 84 10.45 -35.40 -22.33
N THR D 85 9.94 -34.18 -22.34
CA THR D 85 10.23 -33.22 -21.28
C THR D 85 9.08 -33.09 -20.27
N ASP D 86 9.38 -33.38 -19.02
CA ASP D 86 8.39 -33.27 -17.95
C ASP D 86 8.17 -31.79 -17.60
N CYS D 87 6.95 -31.31 -17.80
CA CYS D 87 6.62 -29.91 -17.57
C CYS D 87 5.94 -29.68 -16.22
N GLY D 88 5.94 -30.70 -15.37
CA GLY D 88 5.40 -30.59 -14.03
C GLY D 88 3.91 -30.86 -13.92
N ASP D 89 3.30 -30.37 -12.85
CA ASP D 89 1.87 -30.55 -12.62
C ASP D 89 1.12 -29.23 -12.47
N ILE D 90 -0.15 -29.24 -12.84
CA ILE D 90 -1.05 -28.15 -12.51
C ILE D 90 -1.48 -28.29 -11.05
N ILE D 91 -1.51 -27.18 -10.32
CA ILE D 91 -2.09 -27.18 -8.99
C ILE D 91 -3.53 -26.69 -9.10
N PRO D 92 -4.50 -27.62 -9.00
CA PRO D 92 -5.91 -27.23 -9.10
C PRO D 92 -6.37 -26.36 -7.94
N VAL D 93 -7.31 -25.48 -8.20
CA VAL D 93 -7.95 -24.73 -7.12
C VAL D 93 -9.01 -25.61 -6.47
N GLU D 94 -8.83 -25.88 -5.18
CA GLU D 94 -9.78 -26.70 -4.44
C GLU D 94 -10.31 -25.94 -3.22
N LEU D 95 -11.37 -25.18 -3.44
CA LEU D 95 -11.98 -24.39 -2.37
C LEU D 95 -12.69 -25.28 -1.35
N ASN D 96 -12.95 -24.74 -0.17
CA ASN D 96 -13.75 -25.46 0.81
C ASN D 96 -15.23 -25.29 0.50
N GLU D 97 -16.07 -26.08 1.17
CA GLU D 97 -17.51 -26.06 0.93
C GLU D 97 -18.12 -24.66 1.05
N ALA D 98 -17.74 -23.96 2.11
CA ALA D 98 -18.31 -22.65 2.42
C ALA D 98 -18.06 -21.64 1.31
N GLU D 99 -16.88 -21.73 0.69
CA GLU D 99 -16.54 -20.85 -0.42
C GLU D 99 -17.16 -21.29 -1.73
N ASP D 100 -17.48 -22.58 -1.82
CA ASP D 100 -17.90 -23.16 -3.10
C ASP D 100 -19.18 -24.00 -2.98
N PRO D 101 -20.32 -23.35 -2.69
CA PRO D 101 -21.57 -24.09 -2.55
C PRO D 101 -22.14 -24.52 -3.90
N GLN D 102 -23.13 -25.39 -3.86
CA GLN D 102 -23.79 -25.88 -5.07
C GLN D 102 -24.50 -24.73 -5.79
N ARG D 103 -24.26 -24.62 -7.10
CA ARG D 103 -24.95 -23.63 -7.92
C ARG D 103 -25.54 -24.30 -9.15
N PHE D 104 -26.85 -24.17 -9.31
CA PHE D 104 -27.57 -24.80 -10.41
C PHE D 104 -27.33 -26.32 -10.42
N GLY D 105 -27.13 -26.90 -9.24
CA GLY D 105 -26.89 -28.32 -9.11
C GLY D 105 -25.44 -28.72 -9.23
N MET D 106 -24.61 -27.81 -9.75
CA MET D 106 -23.20 -28.10 -9.99
C MET D 106 -22.40 -28.18 -8.69
N LYS D 107 -21.60 -29.24 -8.57
CA LYS D 107 -20.74 -29.43 -7.42
C LYS D 107 -19.32 -28.94 -7.69
N TRP D 108 -18.81 -28.12 -6.78
CA TRP D 108 -17.46 -27.54 -6.89
C TRP D 108 -17.32 -26.69 -8.16
N SER D 109 -18.34 -25.90 -8.46
CA SER D 109 -18.37 -25.13 -9.70
C SER D 109 -17.38 -23.98 -9.74
N ARG D 110 -17.12 -23.35 -8.59
CA ARG D 110 -16.18 -22.23 -8.57
C ARG D 110 -14.74 -22.75 -8.60
N SER D 111 -14.51 -23.88 -7.94
CA SER D 111 -13.22 -24.55 -8.02
C SER D 111 -12.93 -24.94 -9.46
N PHE D 112 -13.98 -25.38 -10.16
CA PHE D 112 -13.90 -25.75 -11.57
C PHE D 112 -13.53 -24.56 -12.44
N SER D 113 -14.30 -23.48 -12.30
CA SER D 113 -14.11 -22.28 -13.11
C SER D 113 -12.71 -21.70 -12.91
N LEU D 114 -12.22 -21.73 -11.68
CA LEU D 114 -10.89 -21.21 -11.38
C LEU D 114 -9.80 -22.15 -11.87
N THR D 115 -10.04 -23.46 -11.73
CA THR D 115 -9.07 -24.46 -12.20
C THR D 115 -9.00 -24.46 -13.72
N THR D 116 -10.16 -24.35 -14.37
CA THR D 116 -10.23 -24.32 -15.83
C THR D 116 -9.34 -23.23 -16.41
N LEU D 117 -9.43 -22.03 -15.83
CA LEU D 117 -8.65 -20.89 -16.30
C LEU D 117 -7.16 -21.09 -16.03
N ARG D 118 -6.83 -21.69 -14.89
CA ARG D 118 -5.44 -21.95 -14.55
C ARG D 118 -4.84 -23.00 -15.49
N ILE D 119 -5.64 -24.00 -15.83
CA ILE D 119 -5.22 -25.03 -16.78
C ILE D 119 -4.97 -24.42 -18.16
N ALA D 120 -5.94 -23.64 -18.63
CA ALA D 120 -5.92 -23.08 -19.98
C ALA D 120 -4.71 -22.18 -20.23
N GLU D 121 -4.35 -21.37 -19.24
CA GLU D 121 -3.22 -20.47 -19.38
C GLU D 121 -1.91 -21.25 -19.53
N ARG D 122 -1.76 -22.30 -18.73
CA ARG D 122 -0.56 -23.12 -18.77
C ARG D 122 -0.46 -23.90 -20.07
N VAL D 123 -1.57 -24.47 -20.51
CA VAL D 123 -1.61 -25.23 -21.76
C VAL D 123 -1.32 -24.34 -22.97
N GLU D 124 -1.93 -23.15 -22.97
CA GLU D 124 -1.72 -22.18 -24.04
C GLU D 124 -0.23 -21.84 -24.20
N GLU D 125 0.43 -21.63 -23.08
CA GLU D 125 1.86 -21.31 -23.08
C GLU D 125 2.68 -22.42 -23.71
N LEU D 126 2.40 -23.65 -23.31
CA LEU D 126 3.14 -24.81 -23.78
C LEU D 126 2.94 -25.07 -25.27
N MET D 127 1.75 -24.73 -25.77
CA MET D 127 1.44 -24.94 -27.18
C MET D 127 2.03 -23.84 -28.05
N LYS D 128 2.16 -22.65 -27.49
CA LYS D 128 2.71 -21.53 -28.24
C LYS D 128 4.23 -21.59 -28.33
N GLN D 129 4.86 -22.32 -27.42
CA GLN D 129 6.31 -22.48 -27.43
C GLN D 129 6.72 -23.53 -28.46
N SER D 130 5.74 -24.30 -28.93
CA SER D 130 6.00 -25.36 -29.90
C SER D 130 6.22 -24.78 -31.29
N SER D 142 6.65 -31.11 -35.13
CA SER D 142 5.82 -30.52 -34.09
C SER D 142 5.94 -31.29 -32.78
N THR D 143 5.63 -30.62 -31.68
CA THR D 143 5.79 -31.20 -30.34
C THR D 143 4.45 -31.43 -29.67
N PRO D 144 4.03 -32.70 -29.57
CA PRO D 144 2.75 -33.01 -28.93
C PRO D 144 2.81 -32.83 -27.41
N LEU D 145 1.69 -32.43 -26.82
CA LEU D 145 1.59 -32.31 -25.38
C LEU D 145 0.83 -33.48 -24.79
N VAL D 146 1.50 -34.25 -23.93
CA VAL D 146 0.87 -35.39 -23.27
C VAL D 146 0.36 -35.00 -21.88
N ILE D 147 -0.95 -35.03 -21.71
CA ILE D 147 -1.55 -34.68 -20.43
C ILE D 147 -2.14 -35.90 -19.73
N VAL D 148 -1.80 -36.07 -18.46
CA VAL D 148 -2.35 -37.15 -17.65
C VAL D 148 -3.18 -36.58 -16.50
N GLY D 149 -4.45 -36.98 -16.43
CA GLY D 149 -5.32 -36.59 -15.34
C GLY D 149 -5.18 -37.56 -14.18
N GLY D 150 -6.02 -37.41 -13.16
CA GLY D 150 -7.03 -36.38 -13.10
C GLY D 150 -8.35 -36.82 -13.71
N ASP D 151 -9.47 -36.34 -13.16
CA ASP D 151 -10.76 -36.63 -13.76
C ASP D 151 -10.95 -35.74 -14.99
N HIS D 152 -11.94 -36.07 -15.81
CA HIS D 152 -12.07 -35.48 -17.13
C HIS D 152 -12.59 -34.04 -17.15
N SER D 153 -12.85 -33.47 -15.97
CA SER D 153 -13.32 -32.08 -15.91
C SER D 153 -12.21 -31.12 -16.31
N MET D 154 -10.99 -31.64 -16.38
CA MET D 154 -9.83 -30.86 -16.81
C MET D 154 -9.93 -30.49 -18.28
N ALA D 155 -10.75 -31.23 -19.03
CA ALA D 155 -10.84 -31.10 -20.47
C ALA D 155 -11.29 -29.71 -20.93
N THR D 156 -12.18 -29.09 -20.17
CA THR D 156 -12.62 -27.73 -20.48
C THR D 156 -11.44 -26.79 -20.55
N GLY D 157 -10.51 -26.96 -19.59
CA GLY D 157 -9.35 -26.12 -19.50
C GLY D 157 -8.28 -26.43 -20.54
N THR D 158 -8.04 -27.71 -20.78
CA THR D 158 -7.00 -28.12 -21.72
C THR D 158 -7.35 -27.72 -23.15
N ILE D 159 -8.62 -27.93 -23.52
CA ILE D 159 -9.08 -27.58 -24.87
C ILE D 159 -9.12 -26.07 -25.05
N LEU D 160 -9.61 -25.36 -24.03
CA LEU D 160 -9.68 -23.90 -24.06
C LEU D 160 -8.30 -23.29 -24.31
N GLY D 161 -7.30 -23.79 -23.60
CA GLY D 161 -5.93 -23.32 -23.76
C GLY D 161 -5.33 -23.76 -25.08
N HIS D 162 -5.62 -24.99 -25.49
CA HIS D 162 -5.14 -25.54 -26.75
C HIS D 162 -5.68 -24.71 -27.92
N ALA D 163 -6.97 -24.40 -27.85
CA ALA D 163 -7.65 -23.66 -28.91
C ALA D 163 -7.12 -22.24 -29.03
N GLU D 164 -6.54 -21.72 -27.94
CA GLU D 164 -5.99 -20.36 -27.97
C GLU D 164 -4.76 -20.32 -28.86
N ALA D 165 -3.98 -21.40 -28.84
CA ALA D 165 -2.80 -21.50 -29.69
C ALA D 165 -3.17 -22.01 -31.08
N LYS D 166 -4.23 -22.82 -31.14
CA LYS D 166 -4.66 -23.45 -32.40
C LYS D 166 -6.18 -23.41 -32.55
N PRO D 167 -6.72 -22.28 -33.00
CA PRO D 167 -8.16 -22.01 -33.08
C PRO D 167 -8.94 -23.00 -33.97
N ASP D 168 -8.27 -23.59 -34.95
CA ASP D 168 -8.96 -24.47 -35.90
C ASP D 168 -8.79 -25.95 -35.58
N LEU D 169 -8.43 -26.29 -34.35
CA LEU D 169 -8.22 -27.68 -33.97
C LEU D 169 -9.50 -28.49 -34.08
N CYS D 170 -9.37 -29.81 -34.05
CA CYS D 170 -10.51 -30.70 -33.97
C CYS D 170 -10.39 -31.57 -32.73
N VAL D 171 -11.51 -32.10 -32.26
CA VAL D 171 -11.52 -32.91 -31.04
C VAL D 171 -11.99 -34.33 -31.28
N LEU D 172 -11.16 -35.29 -30.91
CA LEU D 172 -11.57 -36.69 -30.90
C LEU D 172 -11.74 -37.13 -29.44
N TRP D 173 -12.97 -37.48 -29.09
CA TRP D 173 -13.31 -37.80 -27.71
C TRP D 173 -13.56 -39.29 -27.55
N ILE D 174 -12.58 -39.99 -26.96
CA ILE D 174 -12.70 -41.43 -26.76
C ILE D 174 -13.22 -41.71 -25.35
N ASP D 175 -14.43 -42.24 -25.26
CA ASP D 175 -15.13 -42.28 -23.99
C ASP D 175 -16.37 -43.19 -24.03
N ALA D 176 -16.70 -43.77 -22.88
CA ALA D 176 -17.96 -44.49 -22.74
C ALA D 176 -19.09 -43.48 -22.57
N HIS D 177 -18.73 -42.28 -22.14
CA HIS D 177 -19.72 -41.25 -21.82
C HIS D 177 -19.57 -40.02 -22.71
N GLY D 178 -20.62 -39.21 -22.76
CA GLY D 178 -20.65 -38.03 -23.61
C GLY D 178 -19.95 -36.81 -23.03
N ASP D 179 -19.97 -36.71 -21.70
CA ASP D 179 -19.35 -35.59 -21.00
C ASP D 179 -19.81 -34.24 -21.52
N ILE D 180 -21.07 -34.17 -21.95
CA ILE D 180 -21.58 -32.99 -22.62
C ILE D 180 -22.93 -32.58 -22.02
N ASN D 181 -23.21 -33.06 -20.82
CA ASN D 181 -24.39 -32.64 -20.08
C ASN D 181 -24.33 -31.14 -19.78
N THR D 182 -25.45 -30.46 -20.00
CA THR D 182 -25.59 -29.07 -19.56
C THR D 182 -25.90 -29.10 -18.06
N PRO D 183 -25.44 -28.07 -17.33
CA PRO D 183 -25.54 -28.06 -15.85
C PRO D 183 -26.89 -28.47 -15.28
N LEU D 184 -27.97 -28.03 -15.90
CA LEU D 184 -29.29 -28.26 -15.32
C LEU D 184 -29.96 -29.53 -15.82
N ASN D 185 -29.28 -30.24 -16.72
CA ASN D 185 -29.73 -31.56 -17.14
C ASN D 185 -28.94 -32.65 -16.42
N SER D 186 -27.95 -32.23 -15.64
CA SER D 186 -27.09 -33.17 -14.93
C SER D 186 -27.69 -33.63 -13.61
N ALA D 187 -28.10 -34.90 -13.55
CA ALA D 187 -28.67 -35.46 -12.34
C ALA D 187 -27.61 -35.66 -11.26
N SER D 188 -26.36 -35.83 -11.68
CA SER D 188 -25.28 -36.11 -10.74
C SER D 188 -24.65 -34.84 -10.19
N GLY D 189 -24.58 -33.81 -11.03
CA GLY D 189 -23.95 -32.57 -10.63
C GLY D 189 -22.44 -32.63 -10.69
N ASN D 190 -21.91 -33.78 -11.11
CA ASN D 190 -20.46 -33.96 -11.21
C ASN D 190 -19.91 -33.31 -12.47
N MET D 191 -18.90 -32.45 -12.28
CA MET D 191 -18.38 -31.63 -13.37
C MET D 191 -17.66 -32.42 -14.46
N HIS D 192 -17.20 -33.63 -14.14
CA HIS D 192 -16.47 -34.41 -15.13
C HIS D 192 -17.42 -34.95 -16.22
N GLY D 193 -18.72 -34.80 -15.98
CA GLY D 193 -19.73 -35.17 -16.95
C GLY D 193 -20.25 -33.97 -17.73
N MET D 194 -19.63 -32.81 -17.53
CA MET D 194 -20.04 -31.60 -18.23
C MET D 194 -18.97 -30.82 -19.03
N PRO D 195 -17.73 -31.33 -19.17
CA PRO D 195 -16.72 -30.38 -19.69
C PRO D 195 -16.95 -29.86 -21.11
N LEU D 196 -17.62 -30.62 -21.96
CA LEU D 196 -17.81 -30.22 -23.35
C LEU D 196 -18.92 -29.20 -23.55
N SER D 197 -19.88 -29.17 -22.63
CA SER D 197 -21.02 -28.27 -22.75
C SER D 197 -20.61 -26.80 -22.71
N PHE D 198 -19.49 -26.52 -22.04
CA PHE D 198 -19.00 -25.15 -21.90
C PHE D 198 -18.19 -24.71 -23.12
N LEU D 199 -17.80 -25.68 -23.94
CA LEU D 199 -16.93 -25.39 -25.07
C LEU D 199 -17.69 -25.29 -26.40
N VAL D 200 -18.83 -25.97 -26.47
CA VAL D 200 -19.59 -26.02 -27.71
C VAL D 200 -20.50 -24.80 -27.88
N LYS D 201 -20.21 -24.00 -28.90
CA LYS D 201 -20.94 -22.76 -29.18
C LYS D 201 -22.44 -22.96 -29.32
N GLU D 202 -22.86 -24.10 -29.87
CA GLU D 202 -24.28 -24.35 -30.12
C GLU D 202 -25.08 -24.66 -28.86
N LEU D 203 -24.39 -24.84 -27.74
CA LEU D 203 -25.06 -25.22 -26.50
C LEU D 203 -25.11 -24.09 -25.47
N GLN D 204 -24.81 -22.88 -25.90
CA GLN D 204 -24.57 -21.79 -24.97
C GLN D 204 -25.82 -21.13 -24.38
N ASP D 205 -26.97 -21.33 -25.02
CA ASP D 205 -28.22 -20.85 -24.41
C ASP D 205 -28.77 -21.91 -23.47
N GLN D 206 -27.98 -22.96 -23.27
CA GLN D 206 -28.31 -24.03 -22.35
C GLN D 206 -27.38 -23.97 -21.14
N ILE D 207 -26.42 -23.05 -21.20
CA ILE D 207 -25.49 -22.82 -20.10
C ILE D 207 -25.90 -21.60 -19.28
N PRO D 208 -26.26 -21.81 -18.00
CA PRO D 208 -26.64 -20.69 -17.14
C PRO D 208 -25.46 -19.77 -16.84
N TRP D 209 -25.70 -18.46 -16.83
CA TRP D 209 -24.64 -17.49 -16.68
C TRP D 209 -24.11 -17.38 -15.25
N LEU D 210 -22.79 -17.43 -15.12
CA LEU D 210 -22.11 -17.19 -13.87
C LEU D 210 -20.89 -16.31 -14.13
N ASP D 211 -20.69 -15.30 -13.30
CA ASP D 211 -19.61 -14.33 -13.47
C ASP D 211 -18.24 -14.99 -13.60
N ASP D 212 -17.97 -15.97 -12.73
CA ASP D 212 -16.69 -16.66 -12.72
C ASP D 212 -16.51 -17.58 -13.94
N PHE D 213 -17.53 -17.67 -14.77
CA PHE D 213 -17.49 -18.50 -15.97
C PHE D 213 -17.33 -17.69 -17.26
N GLU D 214 -17.10 -16.38 -17.13
CA GLU D 214 -17.00 -15.52 -18.30
C GLU D 214 -15.72 -15.77 -19.08
N GLY D 215 -14.64 -16.07 -18.36
CA GLY D 215 -13.35 -16.33 -18.99
C GLY D 215 -13.35 -17.60 -19.80
N ILE D 216 -14.30 -18.49 -19.52
CA ILE D 216 -14.43 -19.73 -20.25
C ILE D 216 -15.22 -19.48 -21.54
N LYS D 217 -14.52 -19.07 -22.59
CA LYS D 217 -15.17 -18.79 -23.86
C LYS D 217 -15.32 -20.06 -24.70
N PRO D 218 -16.53 -20.32 -25.21
CA PRO D 218 -16.81 -21.46 -26.08
C PRO D 218 -15.97 -21.37 -27.36
N CYS D 219 -15.13 -22.36 -27.59
CA CYS D 219 -14.18 -22.31 -28.70
C CYS D 219 -14.35 -23.48 -29.66
N LEU D 220 -15.42 -24.25 -29.50
CA LEU D 220 -15.66 -25.41 -30.35
C LEU D 220 -16.99 -25.33 -31.06
N ASN D 221 -16.99 -25.66 -32.34
CA ASN D 221 -18.22 -25.93 -33.05
C ASN D 221 -18.52 -27.41 -32.94
N ALA D 222 -19.79 -27.77 -32.95
CA ALA D 222 -20.18 -29.18 -32.86
C ALA D 222 -19.58 -30.00 -34.00
N SER D 223 -19.22 -29.31 -35.10
CA SER D 223 -18.73 -29.95 -36.31
C SER D 223 -17.26 -30.36 -36.22
N ASN D 224 -16.61 -29.97 -35.13
CA ASN D 224 -15.18 -30.19 -34.96
C ASN D 224 -14.90 -31.31 -33.95
N ILE D 225 -15.99 -31.92 -33.46
CA ILE D 225 -15.89 -32.98 -32.46
C ILE D 225 -16.41 -34.32 -32.98
N ALA D 226 -15.71 -35.40 -32.65
CA ALA D 226 -16.16 -36.75 -32.96
C ALA D 226 -15.94 -37.69 -31.77
N TYR D 227 -16.97 -38.48 -31.44
CA TYR D 227 -16.90 -39.46 -30.36
C TYR D 227 -16.56 -40.87 -30.86
N ILE D 228 -15.78 -41.60 -30.08
CA ILE D 228 -15.60 -43.04 -30.29
C ILE D 228 -15.68 -43.78 -28.96
N GLY D 229 -16.57 -44.76 -28.87
CA GLY D 229 -16.63 -45.65 -27.72
C GLY D 229 -17.85 -45.52 -26.82
N LEU D 230 -18.75 -44.61 -27.15
CA LEU D 230 -19.94 -44.34 -26.34
C LEU D 230 -20.77 -45.59 -26.08
N ARG D 231 -21.27 -45.73 -24.86
CA ARG D 231 -22.15 -46.84 -24.52
C ARG D 231 -22.98 -46.58 -23.27
N ASP D 232 -22.82 -45.41 -22.67
CA ASP D 232 -23.61 -45.05 -21.49
C ASP D 232 -24.01 -43.58 -21.50
N LEU D 233 -24.66 -43.15 -22.58
CA LEU D 233 -25.12 -41.77 -22.72
C LEU D 233 -26.33 -41.48 -21.84
N ASP D 234 -26.42 -40.23 -21.38
CA ASP D 234 -27.66 -39.74 -20.80
C ASP D 234 -28.59 -39.34 -21.93
N ALA D 235 -29.90 -39.35 -21.68
CA ALA D 235 -30.89 -39.08 -22.72
C ALA D 235 -30.75 -37.66 -23.28
N HIS D 236 -30.34 -36.73 -22.44
CA HIS D 236 -30.20 -35.34 -22.87
C HIS D 236 -28.90 -35.08 -23.62
N GLU D 237 -27.91 -35.94 -23.38
CA GLU D 237 -26.69 -35.91 -24.18
C GLU D 237 -27.02 -36.39 -25.59
N THR D 238 -27.78 -37.47 -25.67
CA THR D 238 -28.22 -38.03 -26.94
C THR D 238 -28.99 -37.01 -27.77
N HIS D 239 -29.87 -36.26 -27.10
CA HIS D 239 -30.63 -35.20 -27.74
C HIS D 239 -29.71 -34.16 -28.37
N ASP D 240 -28.80 -33.62 -27.58
CA ASP D 240 -27.91 -32.55 -28.02
C ASP D 240 -26.92 -33.02 -29.10
N ILE D 241 -26.39 -34.23 -28.92
CA ILE D 241 -25.46 -34.79 -29.88
C ILE D 241 -26.12 -34.95 -31.25
N ARG D 242 -27.35 -35.44 -31.24
CA ARG D 242 -28.10 -35.64 -32.48
C ARG D 242 -28.61 -34.32 -33.06
N LYS D 243 -29.17 -33.47 -32.20
CA LYS D 243 -29.75 -32.20 -32.65
C LYS D 243 -28.72 -31.30 -33.33
N HIS D 244 -27.50 -31.27 -32.80
CA HIS D 244 -26.47 -30.38 -33.30
C HIS D 244 -25.48 -31.10 -34.22
N GLY D 245 -25.83 -32.32 -34.62
CA GLY D 245 -25.08 -33.04 -35.63
C GLY D 245 -23.65 -33.39 -35.28
N ILE D 246 -23.39 -33.66 -34.01
CA ILE D 246 -22.05 -34.07 -33.59
C ILE D 246 -21.78 -35.50 -34.06
N ALA D 247 -20.65 -35.70 -34.73
CA ALA D 247 -20.25 -37.03 -35.18
C ALA D 247 -19.96 -37.92 -33.99
N TYR D 248 -20.56 -39.11 -33.95
CA TYR D 248 -20.34 -40.02 -32.84
C TYR D 248 -20.41 -41.48 -33.26
N PHE D 249 -19.48 -42.28 -32.74
CA PHE D 249 -19.44 -43.70 -33.03
C PHE D 249 -19.44 -44.50 -31.74
N THR D 250 -20.59 -45.12 -31.45
CA THR D 250 -20.76 -45.87 -30.21
C THR D 250 -20.17 -47.26 -30.34
N MET D 251 -20.25 -48.05 -29.27
CA MET D 251 -19.78 -49.42 -29.31
C MET D 251 -20.64 -50.26 -30.25
N LEU D 252 -21.90 -49.84 -30.43
CA LEU D 252 -22.77 -50.48 -31.41
C LEU D 252 -22.21 -50.28 -32.82
N ASP D 253 -21.73 -49.06 -33.07
CA ASP D 253 -21.13 -48.74 -34.37
C ASP D 253 -19.81 -49.47 -34.55
N VAL D 254 -19.05 -49.59 -33.47
CA VAL D 254 -17.78 -50.30 -33.51
C VAL D 254 -18.02 -51.78 -33.82
N ASP D 255 -19.09 -52.33 -33.26
CA ASP D 255 -19.45 -53.73 -33.51
C ASP D 255 -19.84 -53.98 -34.97
N ARG D 256 -20.66 -53.09 -35.52
CA ARG D 256 -21.19 -53.28 -36.88
C ARG D 256 -20.21 -52.83 -37.96
N MET D 257 -19.42 -51.80 -37.68
CA MET D 257 -18.51 -51.25 -38.68
C MET D 257 -17.09 -51.77 -38.56
N GLY D 258 -16.69 -52.11 -37.34
CA GLY D 258 -15.29 -52.46 -37.08
C GLY D 258 -14.54 -51.18 -36.78
N ILE D 259 -13.48 -51.27 -35.97
CA ILE D 259 -12.80 -50.08 -35.48
C ILE D 259 -12.04 -49.35 -36.59
N GLU D 260 -11.61 -50.08 -37.62
CA GLU D 260 -10.86 -49.47 -38.71
C GLU D 260 -11.71 -48.46 -39.47
N ALA D 261 -12.93 -48.87 -39.82
CA ALA D 261 -13.87 -48.00 -40.52
C ALA D 261 -14.30 -46.84 -39.63
N VAL D 262 -14.44 -47.11 -38.34
CA VAL D 262 -14.85 -46.09 -37.37
C VAL D 262 -13.80 -44.98 -37.26
N ILE D 263 -12.54 -45.37 -37.13
CA ILE D 263 -11.44 -44.42 -37.07
C ILE D 263 -11.39 -43.57 -38.34
N LYS D 264 -11.53 -44.24 -39.49
CA LYS D 264 -11.52 -43.55 -40.78
C LYS D 264 -12.64 -42.52 -40.87
N GLU D 265 -13.86 -42.93 -40.55
CA GLU D 265 -15.02 -42.06 -40.66
C GLU D 265 -14.97 -40.90 -39.67
N ALA D 266 -14.40 -41.15 -38.50
CA ALA D 266 -14.27 -40.12 -37.47
C ALA D 266 -13.31 -39.02 -37.93
N LEU D 267 -12.18 -39.45 -38.51
CA LEU D 267 -11.18 -38.52 -39.01
C LEU D 267 -11.72 -37.77 -40.23
N LEU D 268 -12.48 -38.49 -41.07
CA LEU D 268 -13.14 -37.88 -42.22
C LEU D 268 -14.07 -36.74 -41.80
N ALA D 269 -14.86 -36.99 -40.75
CA ALA D 269 -15.90 -36.06 -40.31
C ALA D 269 -15.33 -34.74 -39.78
N VAL D 270 -14.24 -34.80 -39.03
CA VAL D 270 -13.72 -33.60 -38.37
C VAL D 270 -12.31 -33.18 -38.81
N ASN D 271 -11.65 -34.01 -39.61
CA ASN D 271 -10.32 -33.65 -40.13
C ASN D 271 -10.06 -34.26 -41.51
N PRO D 272 -10.92 -33.93 -42.50
CA PRO D 272 -11.02 -34.61 -43.80
C PRO D 272 -9.70 -34.76 -44.55
N ARG D 273 -8.87 -33.72 -44.55
CA ARG D 273 -7.64 -33.73 -45.33
C ARG D 273 -6.42 -33.53 -44.44
N LEU D 274 -6.58 -33.85 -43.16
CA LEU D 274 -5.52 -33.73 -42.16
C LEU D 274 -4.93 -32.33 -42.10
N GLU D 275 -5.80 -31.32 -42.19
CA GLU D 275 -5.38 -29.93 -42.17
C GLU D 275 -5.34 -29.38 -40.74
N LYS D 276 -6.10 -30.01 -39.85
CA LYS D 276 -6.27 -29.48 -38.50
C LYS D 276 -5.45 -30.22 -37.46
N ALA D 277 -4.96 -29.49 -36.46
CA ALA D 277 -4.34 -30.09 -35.29
C ALA D 277 -5.38 -30.92 -34.54
N ILE D 278 -4.96 -32.03 -33.95
CA ILE D 278 -5.89 -32.91 -33.26
C ILE D 278 -5.73 -32.86 -31.75
N HIS D 279 -6.84 -32.67 -31.06
CA HIS D 279 -6.89 -32.82 -29.61
C HIS D 279 -7.53 -34.16 -29.29
N LEU D 280 -6.72 -35.14 -28.90
CA LEU D 280 -7.22 -36.46 -28.56
C LEU D 280 -7.52 -36.56 -27.06
N SER D 281 -8.81 -36.65 -26.73
CA SER D 281 -9.22 -36.72 -25.33
C SER D 281 -9.63 -38.15 -24.98
N PHE D 282 -8.72 -38.88 -24.34
CA PHE D 282 -8.91 -40.30 -24.09
C PHE D 282 -9.27 -40.59 -22.63
N ASP D 283 -10.54 -40.88 -22.39
CA ASP D 283 -10.98 -41.36 -21.08
C ASP D 283 -10.65 -42.84 -21.00
N ILE D 284 -9.93 -43.24 -19.95
CA ILE D 284 -9.50 -44.63 -19.80
C ILE D 284 -10.70 -45.59 -19.73
N ASP D 285 -11.86 -45.09 -19.33
CA ASP D 285 -13.02 -45.97 -19.18
C ASP D 285 -13.69 -46.26 -20.53
N ALA D 286 -13.14 -45.70 -21.60
CA ALA D 286 -13.54 -46.09 -22.95
C ALA D 286 -13.11 -47.54 -23.17
N LEU D 287 -11.96 -47.88 -22.60
CA LEU D 287 -11.49 -49.25 -22.60
C LEU D 287 -12.38 -50.13 -21.75
N ASP D 288 -12.44 -51.42 -22.08
CA ASP D 288 -13.22 -52.37 -21.30
C ASP D 288 -12.63 -52.53 -19.90
N PRO D 289 -13.51 -52.63 -18.88
CA PRO D 289 -13.10 -52.81 -17.48
C PRO D 289 -12.12 -53.97 -17.26
N LEU D 290 -12.10 -54.94 -18.17
CA LEU D 290 -11.21 -56.09 -18.05
C LEU D 290 -9.75 -55.70 -18.23
N VAL D 291 -9.50 -54.58 -18.90
CA VAL D 291 -8.13 -54.11 -19.09
C VAL D 291 -7.88 -52.76 -18.41
N ALA D 292 -8.94 -52.08 -18.01
CA ALA D 292 -8.81 -50.81 -17.30
C ALA D 292 -9.82 -50.66 -16.16
N PRO D 293 -9.74 -51.55 -15.15
CA PRO D 293 -10.73 -51.57 -14.08
C PRO D 293 -10.62 -50.41 -13.08
N SER D 294 -9.44 -49.84 -12.90
CA SER D 294 -9.25 -48.80 -11.90
C SER D 294 -9.67 -47.42 -12.41
N THR D 295 -10.98 -47.21 -12.48
CA THR D 295 -11.54 -45.94 -12.94
C THR D 295 -12.93 -45.75 -12.34
N GLY D 296 -13.32 -44.50 -12.14
CA GLY D 296 -14.51 -44.17 -11.38
C GLY D 296 -15.85 -44.66 -11.91
N THR D 297 -16.03 -44.62 -13.23
CA THR D 297 -17.31 -44.98 -13.83
C THR D 297 -17.13 -46.02 -14.93
N ALA D 298 -16.82 -47.25 -14.52
CA ALA D 298 -16.56 -48.34 -15.46
C ALA D 298 -17.85 -48.86 -16.07
N VAL D 299 -17.81 -49.15 -17.37
CA VAL D 299 -18.95 -49.71 -18.08
C VAL D 299 -18.52 -50.92 -18.91
N PRO D 300 -19.18 -52.06 -18.70
CA PRO D 300 -18.85 -53.31 -19.41
C PRO D 300 -19.00 -53.16 -20.92
N GLY D 301 -18.25 -53.98 -21.67
CA GLY D 301 -18.36 -54.01 -23.12
C GLY D 301 -17.72 -52.85 -23.83
N GLY D 302 -16.51 -52.50 -23.41
CA GLY D 302 -15.80 -51.38 -23.99
C GLY D 302 -14.83 -51.78 -25.09
N LEU D 303 -14.01 -50.82 -25.50
CA LEU D 303 -12.95 -51.07 -26.46
C LEU D 303 -11.97 -52.09 -25.90
N THR D 304 -11.49 -52.99 -26.75
CA THR D 304 -10.35 -53.82 -26.37
C THR D 304 -9.13 -52.92 -26.33
N LEU D 305 -8.05 -53.38 -25.71
CA LEU D 305 -6.82 -52.61 -25.70
C LEU D 305 -6.33 -52.41 -27.13
N ARG D 306 -6.49 -53.44 -27.96
CA ARG D 306 -6.09 -53.39 -29.36
C ARG D 306 -6.87 -52.34 -30.13
N GLU D 307 -8.18 -52.28 -29.92
CA GLU D 307 -9.00 -51.25 -30.54
C GLU D 307 -8.58 -49.86 -30.08
N GLY D 308 -8.26 -49.74 -28.79
CA GLY D 308 -7.74 -48.49 -28.25
C GLY D 308 -6.42 -48.13 -28.89
N LEU D 309 -5.58 -49.13 -29.11
CA LEU D 309 -4.28 -48.92 -29.74
C LEU D 309 -4.41 -48.42 -31.18
N ARG D 310 -5.32 -49.04 -31.94
CA ARG D 310 -5.54 -48.67 -33.33
C ARG D 310 -5.92 -47.20 -33.48
N ILE D 311 -6.80 -46.74 -32.60
CA ILE D 311 -7.22 -45.34 -32.58
C ILE D 311 -6.02 -44.42 -32.43
N CYS D 312 -5.21 -44.68 -31.39
CA CYS D 312 -4.05 -43.87 -31.09
C CYS D 312 -2.97 -43.98 -32.17
N GLU D 313 -2.84 -45.18 -32.74
CA GLU D 313 -1.85 -45.40 -33.80
C GLU D 313 -2.19 -44.60 -35.05
N GLU D 314 -3.47 -44.58 -35.43
CA GLU D 314 -3.91 -43.86 -36.61
C GLU D 314 -3.86 -42.35 -36.40
N VAL D 315 -4.34 -41.88 -35.26
CA VAL D 315 -4.29 -40.47 -34.93
C VAL D 315 -2.85 -39.97 -34.92
N SER D 316 -1.97 -40.80 -34.38
CA SER D 316 -0.54 -40.47 -34.37
C SER D 316 0.03 -40.36 -35.78
N ALA D 317 -0.31 -41.33 -36.62
CA ALA D 317 0.25 -41.43 -37.96
C ALA D 317 -0.15 -40.26 -38.87
N THR D 318 -1.18 -39.52 -38.48
CA THR D 318 -1.61 -38.35 -39.26
C THR D 318 -0.55 -37.25 -39.23
N GLY D 319 0.27 -37.26 -38.18
CA GLY D 319 1.28 -36.24 -38.00
C GLY D 319 0.69 -34.99 -37.37
N LYS D 320 -0.60 -35.05 -37.03
CA LYS D 320 -1.31 -33.89 -36.50
C LYS D 320 -1.71 -34.02 -35.04
N LEU D 321 -1.19 -35.04 -34.35
CA LEU D 321 -1.47 -35.15 -32.92
C LEU D 321 -0.79 -34.00 -32.18
N SER D 322 -1.61 -33.10 -31.65
CA SER D 322 -1.12 -31.87 -31.05
C SER D 322 -1.16 -31.95 -29.53
N VAL D 323 -2.30 -32.39 -29.01
CA VAL D 323 -2.47 -32.66 -27.59
C VAL D 323 -3.20 -33.99 -27.40
N VAL D 324 -2.68 -34.84 -26.54
CA VAL D 324 -3.41 -36.02 -26.10
C VAL D 324 -3.53 -36.00 -24.59
N GLU D 325 -4.76 -36.10 -24.09
CA GLU D 325 -4.98 -36.14 -22.66
C GLU D 325 -5.63 -37.46 -22.25
N LEU D 326 -5.12 -38.04 -21.17
CA LEU D 326 -5.64 -39.29 -20.63
C LEU D 326 -6.30 -39.05 -19.29
N ALA D 327 -7.62 -39.24 -19.22
CA ALA D 327 -8.37 -38.88 -18.04
C ALA D 327 -8.93 -40.08 -17.27
N GLU D 328 -9.22 -39.84 -15.99
CA GLU D 328 -9.98 -40.75 -15.13
C GLU D 328 -9.24 -42.00 -14.66
N LEU D 329 -7.91 -41.98 -14.70
CA LEU D 329 -7.15 -42.99 -13.97
C LEU D 329 -7.40 -42.79 -12.48
N ASN D 330 -7.76 -43.86 -11.77
CA ASN D 330 -7.90 -43.78 -10.32
C ASN D 330 -7.22 -44.96 -9.63
N PRO D 331 -5.96 -44.77 -9.22
CA PRO D 331 -5.13 -45.81 -8.60
C PRO D 331 -5.65 -46.26 -7.23
N LEU D 332 -6.62 -45.54 -6.68
CA LEU D 332 -7.17 -45.90 -5.37
C LEU D 332 -8.40 -46.80 -5.51
N LEU D 333 -8.69 -47.23 -6.73
CA LEU D 333 -9.81 -48.13 -6.99
C LEU D 333 -9.33 -49.51 -7.44
N GLY D 334 -10.02 -50.54 -6.97
CA GLY D 334 -9.71 -51.91 -7.36
C GLY D 334 -8.52 -52.51 -6.63
N SER D 335 -8.22 -53.76 -6.95
CA SER D 335 -7.10 -54.47 -6.34
C SER D 335 -5.77 -53.94 -6.84
N GLN D 336 -4.68 -54.43 -6.26
CA GLN D 336 -3.35 -54.04 -6.69
C GLN D 336 -3.11 -54.46 -8.14
N GLU D 337 -3.61 -55.65 -8.51
CA GLU D 337 -3.48 -56.13 -9.88
C GLU D 337 -4.35 -55.32 -10.83
N ASP D 338 -5.50 -54.87 -10.34
CA ASP D 338 -6.38 -54.00 -11.12
C ASP D 338 -5.62 -52.73 -11.53
N VAL D 339 -4.91 -52.15 -10.57
CA VAL D 339 -4.15 -50.93 -10.81
C VAL D 339 -2.99 -51.18 -11.79
N LEU D 340 -2.34 -52.33 -11.66
CA LEU D 340 -1.27 -52.71 -12.58
C LEU D 340 -1.77 -52.78 -14.02
N LYS D 341 -2.91 -53.45 -14.20
CA LYS D 341 -3.54 -53.58 -15.51
C LYS D 341 -3.88 -52.21 -16.09
N THR D 342 -4.52 -51.38 -15.27
CA THR D 342 -4.93 -50.04 -15.69
C THR D 342 -3.73 -49.17 -16.02
N GLN D 343 -2.67 -49.31 -15.23
CA GLN D 343 -1.42 -48.60 -15.48
C GLN D 343 -0.78 -49.07 -16.78
N SER D 344 -0.74 -50.38 -16.95
CA SER D 344 -0.17 -50.99 -18.15
C SER D 344 -0.90 -50.53 -19.41
N SER D 345 -2.23 -50.61 -19.38
CA SER D 345 -3.06 -50.21 -20.51
C SER D 345 -2.86 -48.74 -20.86
N ALA D 346 -2.80 -47.90 -19.84
CA ALA D 346 -2.58 -46.46 -20.01
C ALA D 346 -1.25 -46.18 -20.71
N VAL D 347 -0.22 -46.92 -20.32
CA VAL D 347 1.13 -46.71 -20.85
C VAL D 347 1.21 -47.14 -22.31
N HIS D 348 0.62 -48.28 -22.64
CA HIS D 348 0.60 -48.75 -24.02
C HIS D 348 -0.16 -47.79 -24.93
N ILE D 349 -1.29 -47.29 -24.42
CA ILE D 349 -2.09 -46.30 -25.15
C ILE D 349 -1.28 -45.04 -25.45
N LEU D 350 -0.58 -44.53 -24.44
CA LEU D 350 0.19 -43.29 -24.59
C LEU D 350 1.43 -43.46 -25.46
N ARG D 351 2.06 -44.63 -25.38
CA ARG D 351 3.21 -44.91 -26.24
C ARG D 351 2.82 -44.87 -27.71
N ALA D 352 1.68 -45.48 -28.02
CA ALA D 352 1.17 -45.50 -29.39
C ALA D 352 0.92 -44.08 -29.89
N CYS D 353 0.35 -43.24 -29.03
CA CYS D 353 0.07 -41.85 -29.36
C CYS D 353 1.32 -41.12 -29.83
N LEU D 354 2.45 -41.41 -29.20
CA LEU D 354 3.70 -40.76 -29.55
C LEU D 354 4.41 -41.45 -30.72
N GLY D 355 3.87 -42.59 -31.16
CA GLY D 355 4.34 -43.21 -32.39
C GLY D 355 4.96 -44.59 -32.29
N HIS D 356 4.80 -45.25 -31.14
CA HIS D 356 5.32 -46.60 -30.99
C HIS D 356 4.61 -47.55 -31.94
N CYS D 357 5.39 -48.37 -32.64
CA CYS D 357 4.87 -49.30 -33.62
C CYS D 357 4.94 -50.74 -33.12
N ARG D 358 3.81 -51.43 -33.15
CA ARG D 358 3.77 -52.81 -32.70
C ARG D 358 4.47 -53.73 -33.69
N SER D 359 4.70 -53.24 -34.91
CA SER D 359 5.39 -54.02 -35.93
C SER D 359 6.89 -53.79 -35.91
N GLY D 360 7.37 -53.05 -34.91
CA GLY D 360 8.80 -52.91 -34.69
C GLY D 360 9.42 -51.60 -35.16
N HIS D 361 10.55 -51.26 -34.54
CA HIS D 361 11.35 -50.10 -34.93
C HIS D 361 12.73 -50.55 -35.38
N LEU D 362 13.36 -49.75 -36.25
CA LEU D 362 14.72 -50.05 -36.70
C LEU D 362 15.74 -49.46 -35.74
N PRO D 363 16.94 -50.05 -35.67
CA PRO D 363 17.98 -49.56 -34.76
C PRO D 363 18.55 -48.22 -35.18
N PHE D 364 19.06 -47.45 -34.22
CA PHE D 364 19.74 -46.20 -34.53
C PHE D 364 21.08 -46.51 -35.18
N LYS D 365 21.76 -47.50 -34.62
CA LYS D 365 23.04 -47.96 -35.15
C LYS D 365 23.02 -49.48 -35.31
N VAL D 366 23.27 -49.94 -36.54
CA VAL D 366 23.29 -51.36 -36.81
C VAL D 366 24.56 -51.99 -36.23
N ARG D 367 24.40 -53.03 -35.43
CA ARG D 367 25.54 -53.71 -34.82
C ARG D 367 25.93 -54.94 -35.62
N ASN D 368 27.12 -54.89 -36.21
CA ASN D 368 27.68 -56.00 -36.95
C ASN D 368 28.63 -56.76 -36.04
N LEU D 369 28.97 -58.00 -36.37
CA LEU D 369 29.83 -58.75 -35.46
C LEU D 369 31.30 -58.40 -35.67
N THR D 370 31.66 -58.04 -36.91
CA THR D 370 33.02 -57.59 -37.19
C THR D 370 33.17 -56.14 -36.73
N ASP D 371 32.06 -55.53 -36.30
CA ASP D 371 32.11 -54.21 -35.65
C ASP D 371 33.00 -54.29 -34.41
N GLN D 372 32.96 -55.44 -33.74
CA GLN D 372 33.83 -55.69 -32.60
C GLN D 372 35.04 -56.52 -33.01
N GLY D 373 35.09 -56.89 -34.28
CA GLY D 373 36.16 -57.69 -34.81
C GLY D 373 36.19 -59.08 -34.20
N ILE D 374 35.03 -59.72 -34.18
CA ILE D 374 34.87 -61.02 -33.54
C ILE D 374 34.65 -62.13 -34.56
N MET D 375 35.25 -63.30 -34.31
CA MET D 375 35.19 -64.43 -35.24
C MET D 375 33.81 -65.08 -35.26
N SER D 376 33.14 -65.01 -36.41
CA SER D 376 31.82 -65.59 -36.56
C SER D 376 31.89 -67.08 -36.88
N ARG D 377 30.76 -67.75 -36.77
CA ARG D 377 30.67 -69.14 -37.20
C ARG D 377 30.89 -69.23 -38.70
N ALA D 378 30.27 -68.31 -39.44
CA ALA D 378 30.36 -68.28 -40.89
C ALA D 378 31.82 -68.12 -41.36
N ALA D 379 32.55 -67.22 -40.72
CA ALA D 379 33.94 -66.97 -41.07
C ALA D 379 34.80 -68.19 -40.74
N HIS D 380 34.54 -68.80 -39.59
CA HIS D 380 35.29 -69.97 -39.13
C HIS D 380 35.11 -71.16 -40.07
N MET D 381 33.91 -71.30 -40.63
CA MET D 381 33.60 -72.42 -41.52
C MET D 381 34.36 -72.31 -42.83
MN MN E . 1.23 45.38 2.98
MN MN F . -1.22 47.67 3.08
O20 X7A G . 2.66 50.18 -4.84
C18 X7A G . 2.17 51.07 -4.08
O21 X7A G . 2.90 52.03 -3.67
C1 X7A G . 0.67 50.97 -3.66
N2 X7A G . 0.13 49.77 -4.17
C3 X7A G . 0.57 50.95 -2.15
C4 X7A G . 1.60 50.01 -1.47
C5 X7A G . 1.30 49.79 0.05
C6 X7A G . 2.17 48.62 0.64
B7 X7A G . 1.52 48.04 2.07
O8 X7A G . 1.02 49.30 3.03
O9 X7A G . 2.70 47.16 2.89
O19 X7A G . 0.23 47.03 1.82
C10 X7A G . -0.09 52.19 -4.25
C11 X7A G . -1.67 52.12 -4.05
N12 X7A G . -2.29 52.74 -4.93
C13 X7A G . -3.69 52.58 -4.74
C14 X7A G . -4.54 53.39 -5.74
C15 X7A G . -4.18 54.74 -5.88
C16 X7A G . -2.76 55.04 -5.83
C17 X7A G . -1.88 54.11 -5.01
C1 GOL H . 16.74 55.41 -4.32
O1 GOL H . 17.34 54.15 -4.13
C2 GOL H . 16.82 56.22 -3.04
O2 GOL H . 17.98 57.01 -3.07
C3 GOL H . 15.59 57.12 -2.93
O3 GOL H . 15.81 58.09 -1.95
C1 GOL I . 15.92 54.93 11.81
O1 GOL I . 17.10 55.34 12.47
C2 GOL I . 16.26 54.47 10.40
O2 GOL I . 17.45 53.71 10.44
C3 GOL I . 15.13 53.61 9.86
O3 GOL I . 15.42 53.25 8.52
C1 GOL J . -14.92 35.47 -4.33
O1 GOL J . -15.81 34.39 -4.62
C2 GOL J . -14.89 36.45 -5.50
O2 GOL J . -15.84 37.45 -5.27
C3 GOL J . -13.51 37.08 -5.61
O3 GOL J . -12.64 36.23 -6.32
MN MN K . -28.24 1.56 12.06
MN MN L . -31.29 2.91 11.49
O20 X7A M . -32.89 -1.17 19.56
C18 X7A M . -33.83 -1.11 18.72
O21 X7A M . -34.43 -2.17 18.33
C1 X7A M . -34.29 0.29 18.19
N2 X7A M . -33.49 1.29 18.77
C3 X7A M . -34.15 0.32 16.68
C4 X7A M . -32.80 -0.23 16.18
C5 X7A M . -32.50 0.17 14.68
C6 X7A M . -31.17 -0.46 14.15
B7 X7A M . -30.71 0.25 12.71
O8 X7A M . -31.92 0.11 11.59
O9 X7A M . -29.34 -0.55 12.11
O19 X7A M . -30.32 1.85 12.92
C10 X7A M . -35.77 0.52 18.59
C11 X7A M . -36.27 1.99 18.28
N12 X7A M . -37.23 2.33 18.99
C13 X7A M . -37.58 3.68 18.70
C14 X7A M . -38.85 4.20 19.39
C15 X7A M . -39.90 3.28 19.59
C16 X7A M . -39.59 1.87 19.60
C17 X7A M . -38.33 1.44 18.87
C1 GOL N . -32.43 -16.41 20.08
O1 GOL N . -31.11 -15.95 20.13
C2 GOL N . -32.83 -16.79 18.66
O2 GOL N . -32.89 -18.20 18.56
C3 GOL N . -34.20 -16.19 18.34
O3 GOL N . -34.72 -16.83 17.20
C1 GOL O . -30.34 -16.88 4.00
O1 GOL O . -29.26 -17.23 3.16
C2 GOL O . -29.83 -16.71 5.43
O2 GOL O . -28.45 -17.01 5.48
C3 GOL O . -30.03 -15.27 5.88
O3 GOL O . -29.36 -15.05 7.11
C1 GOL P . -25.72 21.67 18.50
O1 GOL P . -26.12 23.01 18.47
C2 GOL P . -26.66 20.89 19.41
O2 GOL P . -27.96 21.45 19.36
C3 GOL P . -26.71 19.43 18.95
O3 GOL P . -27.73 18.73 19.62
MN MN Q . 27.29 -13.23 11.27
MN MN R . 28.35 -13.40 14.40
O20 X7A S . 26.97 -22.37 12.76
C18 X7A S . 26.79 -21.92 13.93
O21 X7A S . 25.67 -22.05 14.50
C1 X7A S . 27.97 -21.21 14.66
N2 X7A S . 29.06 -21.11 13.79
C3 X7A S . 27.54 -19.80 15.08
C4 X7A S . 26.94 -18.99 13.91
C5 X7A S . 26.78 -17.47 14.26
C6 X7A S . 26.00 -16.71 13.12
B7 X7A S . 26.27 -15.07 13.19
O8 X7A S . 25.81 -14.44 14.64
O9 X7A S . 25.36 -14.33 11.97
O19 X7A S . 27.89 -14.73 12.94
C10 X7A S . 28.34 -22.04 15.91
C11 X7A S . 29.59 -21.47 16.71
N12 X7A S . 30.12 -22.34 17.44
C13 X7A S . 31.23 -21.77 18.12
C14 X7A S . 31.90 -22.70 19.14
C15 X7A S . 31.07 -23.58 19.88
C16 X7A S . 29.77 -23.91 19.33
C17 X7A S . 29.18 -22.95 18.31
C1 GOL T . 13.06 -26.92 10.42
O1 GOL T . 12.88 -26.46 9.10
C2 GOL T . 12.16 -26.13 11.37
O2 GOL T . 10.86 -26.69 11.37
C3 GOL T . 12.75 -26.16 12.77
O3 GOL T . 11.76 -25.79 13.71
C1 GOL U . 7.56 -12.22 14.08
O1 GOL U . 6.44 -11.47 13.66
C2 GOL U . 8.06 -13.09 12.94
O2 GOL U . 7.53 -12.61 11.73
C3 GOL U . 9.58 -13.04 12.88
O3 GOL U . 10.05 -14.04 11.99
MN MN V . -14.78 -38.77 -19.59
MN MN W . -16.09 -41.70 -19.08
O20 X7A X . -22.99 -36.77 -16.05
C18 X7A X . -22.90 -37.89 -15.49
O21 X7A X . -22.76 -37.96 -14.22
C1 X7A X . -22.98 -39.20 -16.34
N2 X7A X . -23.22 -38.84 -17.68
C3 X7A X . -21.66 -39.95 -16.26
C4 X7A X . -20.44 -39.00 -16.24
C5 X7A X . -19.08 -39.69 -16.58
C6 X7A X . -17.94 -38.63 -16.75
B7 X7A X . -16.53 -39.31 -17.32
O8 X7A X . -16.12 -40.65 -16.44
O9 X7A X . -15.29 -38.15 -17.15
O19 X7A X . -16.66 -39.74 -18.93
C10 X7A X . -24.13 -40.09 -15.82
C11 X7A X . -24.32 -41.41 -16.66
N12 X7A X . -25.47 -41.87 -16.54
C13 X7A X . -25.69 -42.89 -17.52
C14 X7A X . -26.59 -44.02 -17.03
C15 X7A X . -27.61 -43.49 -16.21
C16 X7A X . -27.02 -43.04 -14.98
C17 X7A X . -25.75 -42.22 -15.18
#